data_2RQG
#
_entry.id   2RQG
#
loop_
_entity.id
_entity.type
_entity.pdbx_description
1 polymer 'G1 to S phase transition 1'
2 polymer 'Polyadenylate-binding protein 1'
#
loop_
_entity_poly.entity_id
_entity_poly.type
_entity_poly.pdbx_seq_one_letter_code
_entity_poly.pdbx_strand_id
1 'polypeptide(L)' AFSRQLNVNAKPFVPNVHA A
2 'polypeptide(L)'
;GQEPLTASMLASAPPQEQKQMLGERLFPLIQAMHPTLAGKITGMLLEIDNSELLHMLESPESLRSKVDEAVAVLQAHQAK
EAA
;
B
#
# COMPACT_ATOMS: atom_id res chain seq x y z
N ALA A 1 7.23 -8.31 5.97
CA ALA A 1 7.73 -7.15 5.26
C ALA A 1 9.26 -7.15 5.24
N PHE A 2 9.87 -7.44 6.37
CA PHE A 2 11.32 -7.48 6.48
C PHE A 2 11.80 -8.81 7.06
N SER A 3 11.43 -9.06 8.32
CA SER A 3 11.82 -10.29 8.99
C SER A 3 10.59 -11.11 9.38
N ARG A 4 9.52 -10.42 9.75
CA ARG A 4 8.28 -11.08 10.14
C ARG A 4 7.12 -10.09 10.15
N GLN A 5 7.09 -9.24 11.18
CA GLN A 5 6.03 -8.25 11.31
C GLN A 5 6.56 -6.85 11.04
N LEU A 6 5.65 -5.92 10.76
CA LEU A 6 6.03 -4.54 10.49
C LEU A 6 5.39 -3.59 11.50
N ASN A 7 5.62 -2.29 11.31
CA ASN A 7 5.06 -1.28 12.21
C ASN A 7 3.71 -0.79 11.69
N VAL A 8 2.76 -0.63 12.61
CA VAL A 8 1.42 -0.16 12.26
C VAL A 8 1.32 1.35 12.38
N ASN A 9 2.24 1.94 13.14
CA ASN A 9 2.25 3.39 13.34
C ASN A 9 2.67 4.11 12.06
N ALA A 10 3.26 3.36 11.14
CA ALA A 10 3.70 3.94 9.86
C ALA A 10 2.57 4.71 9.19
N LYS A 11 2.76 6.01 9.04
CA LYS A 11 1.76 6.86 8.41
C LYS A 11 1.32 6.29 7.06
N PRO A 12 0.14 6.73 6.58
CA PRO A 12 -0.41 6.27 5.31
C PRO A 12 0.38 6.79 4.12
N PHE A 13 0.00 7.96 3.62
CA PHE A 13 0.69 8.57 2.48
C PHE A 13 0.18 9.98 2.23
N VAL A 14 0.56 10.55 1.10
CA VAL A 14 0.15 11.91 0.74
C VAL A 14 -0.85 11.90 -0.41
N PRO A 15 -2.13 11.66 -0.07
CA PRO A 15 -3.21 11.63 -1.07
C PRO A 15 -3.51 13.00 -1.66
N ASN A 16 -4.45 13.05 -2.60
CA ASN A 16 -4.83 14.30 -3.23
C ASN A 16 -6.22 14.74 -2.80
N VAL A 17 -6.51 14.57 -1.51
CA VAL A 17 -7.80 14.95 -0.95
C VAL A 17 -7.68 16.20 -0.09
N HIS A 18 -8.33 17.28 -0.51
CA HIS A 18 -8.30 18.53 0.23
C HIS A 18 -9.68 18.84 0.82
N ALA A 19 -10.64 19.13 -0.05
CA ALA A 19 -12.00 19.45 0.39
C ALA A 19 -12.93 18.26 0.20
N GLY B 1 -7.66 -3.28 -16.63
CA GLY B 1 -8.52 -2.89 -17.73
C GLY B 1 -7.74 -2.37 -18.93
N GLN B 2 -6.87 -1.39 -18.68
CA GLN B 2 -6.06 -0.80 -19.74
C GLN B 2 -5.05 0.18 -19.18
N GLU B 3 -3.86 0.20 -19.77
CA GLU B 3 -2.80 1.10 -19.32
C GLU B 3 -2.57 0.96 -17.83
N PRO B 4 -2.04 -0.21 -17.42
CA PRO B 4 -1.75 -0.49 -16.01
C PRO B 4 -0.60 0.33 -15.47
N LEU B 5 -0.40 0.28 -14.16
CA LEU B 5 0.69 1.04 -13.52
C LEU B 5 2.03 0.69 -14.15
N THR B 6 2.90 1.69 -14.22
CA THR B 6 4.23 1.49 -14.81
C THR B 6 5.28 2.30 -14.05
N ALA B 7 6.47 1.71 -13.90
CA ALA B 7 7.56 2.37 -13.20
C ALA B 7 7.92 3.69 -13.86
N SER B 8 7.57 3.83 -15.13
CA SER B 8 7.86 5.05 -15.89
C SER B 8 7.14 6.25 -15.28
N MET B 9 5.87 6.05 -14.94
CA MET B 9 5.07 7.12 -14.34
C MET B 9 5.78 7.73 -13.13
N LEU B 10 6.44 6.87 -12.36
CA LEU B 10 7.16 7.32 -11.17
C LEU B 10 8.58 7.75 -11.52
N ALA B 11 9.11 7.18 -12.59
CA ALA B 11 10.46 7.50 -13.04
C ALA B 11 10.56 8.97 -13.46
N SER B 12 9.54 9.45 -14.16
CA SER B 12 9.51 10.83 -14.62
C SER B 12 8.72 11.71 -13.67
N ALA B 13 8.80 11.38 -12.38
CA ALA B 13 8.10 12.15 -11.35
C ALA B 13 8.95 12.30 -10.10
N PRO B 14 8.60 13.29 -9.26
CA PRO B 14 9.33 13.57 -8.02
C PRO B 14 9.12 12.48 -6.97
N PRO B 15 9.92 12.53 -5.90
CA PRO B 15 9.84 11.55 -4.80
C PRO B 15 8.57 11.71 -3.98
N GLN B 16 7.81 12.78 -4.25
CA GLN B 16 6.58 13.05 -3.53
C GLN B 16 5.38 12.47 -4.28
N GLU B 17 5.29 12.77 -5.57
CA GLU B 17 4.19 12.28 -6.39
C GLU B 17 4.18 10.75 -6.44
N GLN B 18 5.35 10.16 -6.19
CA GLN B 18 5.48 8.70 -6.20
C GLN B 18 4.44 8.06 -5.30
N LYS B 19 4.66 8.15 -3.99
CA LYS B 19 3.74 7.57 -3.01
C LYS B 19 2.31 8.02 -3.27
N GLN B 20 2.17 9.24 -3.79
CA GLN B 20 0.84 9.79 -4.09
C GLN B 20 0.13 8.94 -5.14
N MET B 21 0.68 8.93 -6.35
CA MET B 21 0.09 8.16 -7.44
C MET B 21 0.08 6.67 -7.11
N LEU B 22 1.24 6.13 -6.78
CA LEU B 22 1.36 4.71 -6.44
C LEU B 22 0.36 4.32 -5.36
N GLY B 23 0.46 4.97 -4.20
CA GLY B 23 -0.46 4.67 -3.12
C GLY B 23 -1.91 4.85 -3.51
N GLU B 24 -2.18 5.88 -4.31
CA GLU B 24 -3.54 6.16 -4.75
C GLU B 24 -4.08 5.00 -5.60
N ARG B 25 -3.24 4.47 -6.47
CA ARG B 25 -3.64 3.36 -7.34
C ARG B 25 -3.67 2.05 -6.56
N LEU B 26 -2.80 1.93 -5.56
CA LEU B 26 -2.73 0.73 -4.74
C LEU B 26 -3.88 0.69 -3.74
N PHE B 27 -4.40 1.86 -3.38
CA PHE B 27 -5.51 1.95 -2.44
C PHE B 27 -6.63 1.00 -2.83
N PRO B 28 -7.15 1.17 -4.06
CA PRO B 28 -8.24 0.33 -4.58
C PRO B 28 -7.79 -1.10 -4.86
N LEU B 29 -6.59 -1.24 -5.42
CA LEU B 29 -6.05 -2.55 -5.74
C LEU B 29 -6.07 -3.47 -4.52
N ILE B 30 -5.85 -2.88 -3.35
CA ILE B 30 -5.85 -3.64 -2.10
C ILE B 30 -7.27 -4.00 -1.67
N GLN B 31 -8.21 -3.10 -1.96
CA GLN B 31 -9.61 -3.31 -1.61
C GLN B 31 -10.12 -4.62 -2.21
N ALA B 32 -9.46 -5.09 -3.25
CA ALA B 32 -9.85 -6.32 -3.93
C ALA B 32 -10.01 -7.46 -2.92
N MET B 33 -9.20 -7.43 -1.86
CA MET B 33 -9.26 -8.45 -0.82
C MET B 33 -9.59 -7.84 0.53
N HIS B 34 -9.12 -6.62 0.76
CA HIS B 34 -9.36 -5.92 2.01
C HIS B 34 -9.88 -4.51 1.76
N PRO B 35 -11.15 -4.39 1.37
CA PRO B 35 -11.79 -3.11 1.09
C PRO B 35 -12.00 -2.28 2.35
N THR B 36 -11.74 -2.88 3.50
CA THR B 36 -11.90 -2.21 4.78
C THR B 36 -10.57 -1.67 5.29
N LEU B 37 -9.59 -2.55 5.41
CA LEU B 37 -8.26 -2.18 5.89
C LEU B 37 -7.37 -1.73 4.73
N ALA B 38 -7.97 -1.58 3.56
CA ALA B 38 -7.24 -1.16 2.38
C ALA B 38 -6.39 0.07 2.66
N GLY B 39 -6.91 0.96 3.51
CA GLY B 39 -6.19 2.17 3.86
C GLY B 39 -4.88 1.88 4.57
N LYS B 40 -4.97 1.40 5.80
CA LYS B 40 -3.78 1.08 6.58
C LYS B 40 -2.83 0.19 5.79
N ILE B 41 -3.38 -0.78 5.08
CA ILE B 41 -2.58 -1.70 4.28
C ILE B 41 -1.69 -0.94 3.30
N THR B 42 -2.32 -0.17 2.41
CA THR B 42 -1.58 0.60 1.42
C THR B 42 -0.62 1.58 2.09
N GLY B 43 -0.98 2.03 3.29
CA GLY B 43 -0.14 2.96 4.01
C GLY B 43 1.22 2.36 4.37
N MET B 44 1.20 1.27 5.12
CA MET B 44 2.43 0.60 5.52
C MET B 44 3.20 0.09 4.30
N LEU B 45 2.48 -0.51 3.36
CA LEU B 45 3.09 -1.05 2.16
C LEU B 45 3.75 0.06 1.35
N LEU B 46 3.19 1.27 1.44
CA LEU B 46 3.72 2.42 0.72
C LEU B 46 4.91 3.02 1.45
N GLU B 47 5.02 2.72 2.75
CA GLU B 47 6.11 3.24 3.56
C GLU B 47 7.40 2.46 3.31
N ILE B 48 7.34 1.14 3.51
CA ILE B 48 8.49 0.29 3.29
C ILE B 48 9.35 0.80 2.14
N ASP B 49 8.78 0.83 0.95
CA ASP B 49 9.49 1.30 -0.24
C ASP B 49 8.64 1.13 -1.49
N ASN B 50 8.22 2.24 -2.08
CA ASN B 50 7.40 2.20 -3.29
C ASN B 50 8.03 1.33 -4.36
N SER B 51 9.34 1.52 -4.56
CA SER B 51 10.08 0.75 -5.56
C SER B 51 9.82 -0.75 -5.39
N GLU B 52 9.89 -1.21 -4.15
CA GLU B 52 9.67 -2.62 -3.86
C GLU B 52 8.27 -3.06 -4.28
N LEU B 53 7.29 -2.18 -4.09
CA LEU B 53 5.91 -2.48 -4.45
C LEU B 53 5.78 -2.62 -5.96
N LEU B 54 6.50 -1.79 -6.70
CA LEU B 54 6.46 -1.83 -8.16
C LEU B 54 6.97 -3.17 -8.69
N HIS B 55 7.66 -3.91 -7.82
CA HIS B 55 8.21 -5.22 -8.20
C HIS B 55 7.48 -6.33 -7.47
N MET B 56 6.76 -5.98 -6.41
CA MET B 56 6.01 -6.96 -5.63
C MET B 56 4.59 -7.11 -6.16
N LEU B 57 4.02 -6.01 -6.64
CA LEU B 57 2.67 -6.03 -7.18
C LEU B 57 2.58 -6.91 -8.43
N GLU B 58 3.75 -7.28 -8.95
CA GLU B 58 3.81 -8.13 -10.14
C GLU B 58 3.97 -9.59 -9.76
N SER B 59 3.40 -9.96 -8.63
CA SER B 59 3.47 -11.34 -8.14
C SER B 59 2.38 -11.61 -7.11
N PRO B 60 1.75 -12.79 -7.23
CA PRO B 60 0.68 -13.21 -6.31
C PRO B 60 1.20 -13.52 -4.92
N GLU B 61 2.26 -14.32 -4.85
CA GLU B 61 2.85 -14.69 -3.57
C GLU B 61 3.34 -13.47 -2.81
N SER B 62 3.54 -12.37 -3.54
CA SER B 62 4.01 -11.13 -2.95
C SER B 62 2.85 -10.25 -2.52
N LEU B 63 1.97 -9.94 -3.48
CA LEU B 63 0.80 -9.12 -3.21
C LEU B 63 0.02 -9.64 -2.01
N ARG B 64 -0.49 -10.86 -2.13
CA ARG B 64 -1.25 -11.49 -1.06
C ARG B 64 -0.46 -11.49 0.24
N SER B 65 0.86 -11.67 0.12
CA SER B 65 1.73 -11.71 1.29
C SER B 65 1.72 -10.37 2.03
N LYS B 66 1.92 -9.29 1.28
CA LYS B 66 1.93 -7.95 1.85
C LYS B 66 0.59 -7.63 2.51
N VAL B 67 -0.48 -7.72 1.74
CA VAL B 67 -1.82 -7.46 2.26
C VAL B 67 -2.09 -8.24 3.54
N ASP B 68 -1.85 -9.54 3.49
CA ASP B 68 -2.06 -10.40 4.65
C ASP B 68 -1.25 -9.91 5.84
N GLU B 69 0.06 -9.71 5.63
CA GLU B 69 0.94 -9.25 6.69
C GLU B 69 0.41 -7.97 7.32
N ALA B 70 0.16 -6.97 6.49
CA ALA B 70 -0.35 -5.68 6.96
C ALA B 70 -1.57 -5.88 7.86
N VAL B 71 -2.61 -6.49 7.31
CA VAL B 71 -3.83 -6.74 8.07
C VAL B 71 -3.53 -7.38 9.41
N ALA B 72 -2.61 -8.35 9.40
CA ALA B 72 -2.23 -9.05 10.62
C ALA B 72 -1.59 -8.09 11.63
N VAL B 73 -0.85 -7.11 11.12
CA VAL B 73 -0.19 -6.13 11.98
C VAL B 73 -1.22 -5.23 12.66
N LEU B 74 -2.22 -4.81 11.91
CA LEU B 74 -3.27 -3.95 12.44
C LEU B 74 -4.04 -4.65 13.56
N GLN B 75 -3.95 -5.97 13.59
CA GLN B 75 -4.65 -6.76 14.60
C GLN B 75 -4.33 -6.24 16.00
N ALA B 76 -3.13 -5.67 16.16
CA ALA B 76 -2.71 -5.13 17.45
C ALA B 76 -3.39 -3.80 17.73
N HIS B 77 -3.49 -2.96 16.72
CA HIS B 77 -4.12 -1.65 16.85
C HIS B 77 -5.64 -1.78 16.87
N GLN B 78 -6.21 -2.15 15.74
CA GLN B 78 -7.66 -2.31 15.63
C GLN B 78 -8.05 -2.89 14.28
N ALA B 79 -9.11 -3.69 14.25
CA ALA B 79 -9.58 -4.31 13.02
C ALA B 79 -10.56 -3.39 12.29
N LYS B 80 -11.73 -3.21 12.88
CA LYS B 80 -12.76 -2.35 12.30
C LYS B 80 -13.25 -1.31 13.30
N GLU B 81 -12.38 -0.93 14.21
CA GLU B 81 -12.72 0.05 15.23
C GLU B 81 -13.94 -0.39 16.03
N ALA B 82 -14.00 -1.68 16.34
CA ALA B 82 -15.12 -2.23 17.10
C ALA B 82 -14.64 -2.89 18.39
N ALA B 83 -13.49 -2.44 18.88
CA ALA B 83 -12.92 -2.99 20.10
C ALA B 83 -12.59 -1.89 21.10
N ALA A 1 11.88 -5.23 1.77
CA ALA A 1 11.16 -5.49 3.01
C ALA A 1 12.09 -6.01 4.09
N PHE A 2 11.52 -6.38 5.24
CA PHE A 2 12.31 -6.89 6.35
C PHE A 2 11.80 -8.26 6.80
N SER A 3 10.48 -8.42 6.79
CA SER A 3 9.86 -9.69 7.19
C SER A 3 8.35 -9.60 7.11
N ARG A 4 7.66 -10.60 7.66
CA ARG A 4 6.21 -10.63 7.65
C ARG A 4 5.63 -9.82 8.80
N GLN A 5 6.51 -9.20 9.58
CA GLN A 5 6.09 -8.39 10.71
C GLN A 5 6.56 -6.94 10.56
N LEU A 6 5.60 -6.03 10.37
CA LEU A 6 5.91 -4.62 10.21
C LEU A 6 5.27 -3.79 11.31
N ASN A 7 5.42 -2.47 11.22
CA ASN A 7 4.84 -1.57 12.21
C ASN A 7 3.54 -0.97 11.72
N VAL A 8 2.54 -0.94 12.59
CA VAL A 8 1.22 -0.39 12.24
C VAL A 8 1.19 1.12 12.42
N ASN A 9 2.09 1.62 13.27
CA ASN A 9 2.16 3.05 13.54
C ASN A 9 2.69 3.81 12.33
N ALA A 10 3.19 3.07 11.34
CA ALA A 10 3.74 3.67 10.13
C ALA A 10 2.70 4.55 9.45
N LYS A 11 3.05 5.81 9.23
CA LYS A 11 2.15 6.76 8.58
C LYS A 11 1.61 6.19 7.28
N PRO A 12 0.46 6.71 6.83
CA PRO A 12 -0.19 6.27 5.60
C PRO A 12 0.59 6.69 4.36
N PHE A 13 0.29 7.88 3.85
CA PHE A 13 0.97 8.40 2.65
C PHE A 13 0.58 9.85 2.40
N VAL A 14 0.96 10.36 1.23
CA VAL A 14 0.65 11.74 0.86
C VAL A 14 -0.38 11.79 -0.25
N PRO A 15 -1.67 11.70 0.13
CA PRO A 15 -2.79 11.73 -0.82
C PRO A 15 -2.96 13.11 -1.44
N ASN A 16 -3.94 13.22 -2.34
CA ASN A 16 -4.23 14.49 -3.01
C ASN A 16 -5.64 14.97 -2.69
N VAL A 17 -6.05 14.78 -1.45
CA VAL A 17 -7.38 15.20 -1.02
C VAL A 17 -7.30 16.35 -0.02
N HIS A 18 -8.23 17.29 -0.13
CA HIS A 18 -8.26 18.44 0.76
C HIS A 18 -9.27 18.23 1.90
N ALA A 19 -9.30 17.00 2.40
CA ALA A 19 -10.21 16.66 3.50
C ALA A 19 -9.46 16.56 4.82
N GLY B 1 -8.15 -2.38 -23.54
CA GLY B 1 -8.08 -3.64 -22.82
C GLY B 1 -7.78 -3.44 -21.34
N GLN B 2 -6.74 -2.66 -21.06
CA GLN B 2 -6.34 -2.40 -19.67
C GLN B 2 -5.17 -1.42 -19.63
N GLU B 3 -5.01 -0.77 -18.48
CA GLU B 3 -3.92 0.20 -18.30
C GLU B 3 -3.48 0.26 -16.85
N PRO B 4 -2.84 -0.83 -16.38
CA PRO B 4 -2.35 -0.93 -15.01
C PRO B 4 -1.16 0.00 -14.74
N LEU B 5 -0.76 0.09 -13.48
CA LEU B 5 0.36 0.94 -13.09
C LEU B 5 1.68 0.34 -13.56
N THR B 6 2.66 1.20 -13.82
CA THR B 6 3.98 0.76 -14.26
C THR B 6 5.08 1.64 -13.71
N ALA B 7 6.28 1.10 -13.62
CA ALA B 7 7.43 1.84 -13.10
C ALA B 7 7.63 3.14 -13.88
N SER B 8 7.21 3.15 -15.14
CA SER B 8 7.33 4.33 -15.98
C SER B 8 6.74 5.56 -15.30
N MET B 9 5.53 5.40 -14.77
CA MET B 9 4.85 6.49 -14.10
C MET B 9 5.73 7.10 -13.01
N LEU B 10 6.42 6.24 -12.26
CA LEU B 10 7.30 6.69 -11.20
C LEU B 10 8.74 6.79 -11.68
N ALA B 11 8.91 7.02 -12.99
CA ALA B 11 10.23 7.15 -13.58
C ALA B 11 10.58 8.61 -13.85
N SER B 12 9.71 9.29 -14.59
CA SER B 12 9.92 10.69 -14.92
C SER B 12 9.13 11.60 -13.99
N ALA B 13 8.84 11.10 -12.79
CA ALA B 13 8.10 11.86 -11.80
C ALA B 13 8.93 12.12 -10.55
N PRO B 14 8.53 13.12 -9.76
CA PRO B 14 9.23 13.50 -8.53
C PRO B 14 9.08 12.44 -7.44
N PRO B 15 9.89 12.57 -6.37
CA PRO B 15 9.86 11.64 -5.24
C PRO B 15 8.58 11.77 -4.41
N GLN B 16 7.82 12.83 -4.68
CA GLN B 16 6.58 13.08 -3.96
C GLN B 16 5.39 12.48 -4.70
N GLU B 17 5.33 12.73 -6.01
CA GLU B 17 4.24 12.22 -6.84
C GLU B 17 4.18 10.69 -6.78
N GLN B 18 5.32 10.08 -6.48
CA GLN B 18 5.41 8.62 -6.40
C GLN B 18 4.37 8.08 -5.43
N LYS B 19 4.60 8.31 -4.13
CA LYS B 19 3.69 7.84 -3.10
C LYS B 19 2.25 8.27 -3.40
N GLN B 20 2.11 9.43 -4.03
CA GLN B 20 0.79 9.95 -4.38
C GLN B 20 0.08 9.03 -5.36
N MET B 21 0.61 8.95 -6.57
CA MET B 21 0.03 8.10 -7.61
C MET B 21 0.03 6.63 -7.18
N LEU B 22 1.21 6.12 -6.84
CA LEU B 22 1.35 4.75 -6.40
C LEU B 22 0.37 4.42 -5.29
N GLY B 23 0.46 5.16 -4.19
CA GLY B 23 -0.44 4.93 -3.07
C GLY B 23 -1.89 5.06 -3.45
N GLU B 24 -2.26 6.19 -4.06
CA GLU B 24 -3.64 6.42 -4.48
C GLU B 24 -4.15 5.25 -5.31
N ARG B 25 -3.31 4.76 -6.21
CA ARG B 25 -3.69 3.65 -7.07
C ARG B 25 -3.70 2.33 -6.30
N LEU B 26 -2.88 2.26 -5.25
CA LEU B 26 -2.79 1.07 -4.43
C LEU B 26 -4.00 0.95 -3.51
N PHE B 27 -4.61 2.09 -3.20
CA PHE B 27 -5.78 2.11 -2.33
C PHE B 27 -6.83 1.10 -2.78
N PRO B 28 -7.29 1.25 -4.04
CA PRO B 28 -8.30 0.36 -4.62
C PRO B 28 -7.74 -1.03 -4.89
N LEU B 29 -6.51 -1.09 -5.37
CA LEU B 29 -5.87 -2.37 -5.67
C LEU B 29 -5.93 -3.31 -4.47
N ILE B 30 -5.74 -2.76 -3.28
CA ILE B 30 -5.79 -3.54 -2.05
C ILE B 30 -7.23 -3.89 -1.68
N GLN B 31 -8.15 -2.98 -1.98
CA GLN B 31 -9.56 -3.18 -1.68
C GLN B 31 -10.08 -4.45 -2.34
N ALA B 32 -9.36 -4.92 -3.36
CA ALA B 32 -9.75 -6.13 -4.07
C ALA B 32 -9.93 -7.30 -3.12
N MET B 33 -9.20 -7.27 -2.01
CA MET B 33 -9.27 -8.34 -1.01
C MET B 33 -9.61 -7.77 0.36
N HIS B 34 -9.05 -6.60 0.68
CA HIS B 34 -9.28 -5.95 1.95
C HIS B 34 -9.80 -4.53 1.76
N PRO B 35 -11.08 -4.42 1.37
CA PRO B 35 -11.72 -3.11 1.13
C PRO B 35 -11.94 -2.34 2.43
N THR B 36 -11.65 -2.99 3.56
CA THR B 36 -11.82 -2.35 4.86
C THR B 36 -10.51 -1.77 5.36
N LEU B 37 -9.48 -2.61 5.41
CA LEU B 37 -8.16 -2.18 5.88
C LEU B 37 -7.31 -1.69 4.72
N ALA B 38 -7.95 -1.44 3.58
CA ALA B 38 -7.25 -0.96 2.40
C ALA B 38 -6.40 0.26 2.72
N GLY B 39 -6.93 1.14 3.57
CA GLY B 39 -6.20 2.34 3.95
C GLY B 39 -4.95 2.03 4.73
N LYS B 40 -5.09 1.25 5.80
CA LYS B 40 -3.96 0.88 6.64
C LYS B 40 -2.94 0.06 5.85
N ILE B 41 -3.44 -0.84 5.02
CA ILE B 41 -2.56 -1.68 4.20
C ILE B 41 -1.71 -0.84 3.26
N THR B 42 -2.37 -0.09 2.38
CA THR B 42 -1.67 0.77 1.43
C THR B 42 -0.75 1.74 2.14
N GLY B 43 -1.16 2.19 3.33
CA GLY B 43 -0.36 3.12 4.09
C GLY B 43 0.98 2.55 4.49
N MET B 44 0.95 1.45 5.23
CA MET B 44 2.18 0.81 5.68
C MET B 44 3.00 0.31 4.49
N LEU B 45 2.32 -0.32 3.54
CA LEU B 45 2.99 -0.84 2.35
C LEU B 45 3.67 0.28 1.56
N LEU B 46 3.09 1.47 1.63
CA LEU B 46 3.63 2.63 0.93
C LEU B 46 4.79 3.24 1.71
N GLU B 47 4.87 2.93 3.00
CA GLU B 47 5.93 3.45 3.86
C GLU B 47 7.23 2.68 3.62
N ILE B 48 7.18 1.37 3.83
CA ILE B 48 8.37 0.53 3.65
C ILE B 48 9.23 1.04 2.50
N ASP B 49 8.67 1.04 1.30
CA ASP B 49 9.38 1.51 0.12
C ASP B 49 8.55 1.30 -1.14
N ASN B 50 8.16 2.41 -1.76
CA ASN B 50 7.35 2.36 -2.98
C ASN B 50 8.02 1.47 -4.02
N SER B 51 9.31 1.68 -4.24
CA SER B 51 10.07 0.90 -5.21
C SER B 51 9.83 -0.59 -5.01
N GLU B 52 9.87 -1.03 -3.75
CA GLU B 52 9.66 -2.43 -3.43
C GLU B 52 8.29 -2.90 -3.88
N LEU B 53 7.29 -2.04 -3.71
CA LEU B 53 5.92 -2.36 -4.09
C LEU B 53 5.81 -2.56 -5.61
N LEU B 54 6.49 -1.70 -6.35
CA LEU B 54 6.47 -1.77 -7.81
C LEU B 54 7.10 -3.06 -8.31
N HIS B 55 7.83 -3.74 -7.42
CA HIS B 55 8.48 -5.00 -7.76
C HIS B 55 7.75 -6.17 -7.12
N MET B 56 6.98 -5.89 -6.08
CA MET B 56 6.23 -6.93 -5.38
C MET B 56 4.86 -7.15 -6.04
N LEU B 57 4.22 -6.06 -6.44
CA LEU B 57 2.91 -6.13 -7.08
C LEU B 57 2.99 -6.88 -8.40
N GLU B 58 4.21 -7.07 -8.90
CA GLU B 58 4.42 -7.76 -10.15
C GLU B 58 4.16 -9.26 -9.99
N SER B 59 4.08 -9.72 -8.76
CA SER B 59 3.83 -11.12 -8.47
C SER B 59 2.72 -11.28 -7.44
N PRO B 60 1.95 -12.38 -7.56
CA PRO B 60 0.84 -12.67 -6.66
C PRO B 60 1.31 -13.03 -5.26
N GLU B 61 2.29 -13.93 -5.19
CA GLU B 61 2.84 -14.37 -3.91
C GLU B 61 3.35 -13.18 -3.10
N SER B 62 3.69 -12.10 -3.80
CA SER B 62 4.20 -10.91 -3.14
C SER B 62 3.06 -9.99 -2.71
N LEU B 63 2.17 -9.69 -3.65
CA LEU B 63 1.02 -8.83 -3.36
C LEU B 63 0.22 -9.35 -2.18
N ARG B 64 -0.34 -10.55 -2.32
CA ARG B 64 -1.12 -11.17 -1.26
C ARG B 64 -0.34 -11.20 0.04
N SER B 65 0.93 -11.59 -0.05
CA SER B 65 1.79 -11.67 1.13
C SER B 65 1.76 -10.36 1.92
N LYS B 66 2.00 -9.25 1.21
CA LYS B 66 2.00 -7.93 1.85
C LYS B 66 0.64 -7.63 2.49
N VAL B 67 -0.41 -7.70 1.68
CA VAL B 67 -1.76 -7.44 2.17
C VAL B 67 -2.06 -8.26 3.42
N ASP B 68 -1.86 -9.57 3.34
CA ASP B 68 -2.09 -10.45 4.47
C ASP B 68 -1.29 -10.01 5.69
N GLU B 69 0.01 -9.85 5.50
CA GLU B 69 0.90 -9.42 6.59
C GLU B 69 0.39 -8.14 7.24
N ALA B 70 0.16 -7.12 6.41
CA ALA B 70 -0.33 -5.84 6.91
C ALA B 70 -1.55 -6.02 7.79
N VAL B 71 -2.61 -6.59 7.21
CA VAL B 71 -3.85 -6.83 7.96
C VAL B 71 -3.58 -7.51 9.28
N ALA B 72 -2.68 -8.50 9.26
CA ALA B 72 -2.33 -9.25 10.46
C ALA B 72 -1.72 -8.32 11.51
N VAL B 73 -0.89 -7.39 11.06
CA VAL B 73 -0.24 -6.45 11.96
C VAL B 73 -1.26 -5.55 12.65
N LEU B 74 -2.23 -5.08 11.87
CA LEU B 74 -3.27 -4.19 12.39
C LEU B 74 -3.95 -4.82 13.61
N GLN B 75 -4.05 -6.15 13.60
CA GLN B 75 -4.68 -6.86 14.70
C GLN B 75 -4.03 -6.50 16.03
N ALA B 76 -2.76 -6.12 15.98
CA ALA B 76 -2.02 -5.74 17.18
C ALA B 76 -2.61 -4.48 17.81
N HIS B 77 -2.94 -3.50 16.98
CA HIS B 77 -3.51 -2.26 17.46
C HIS B 77 -5.03 -2.31 17.43
N GLN B 78 -5.60 -2.34 16.22
CA GLN B 78 -7.06 -2.38 16.06
C GLN B 78 -7.42 -3.19 14.82
N ALA B 79 -8.45 -4.04 14.97
CA ALA B 79 -8.91 -4.86 13.85
C ALA B 79 -10.26 -4.38 13.34
N LYS B 80 -10.34 -3.10 12.99
CA LYS B 80 -11.57 -2.51 12.48
C LYS B 80 -12.72 -2.72 13.47
N GLU B 81 -12.41 -2.67 14.76
CA GLU B 81 -13.42 -2.84 15.80
C GLU B 81 -14.57 -1.87 15.60
N ALA B 82 -14.28 -0.70 15.04
CA ALA B 82 -15.29 0.31 14.79
C ALA B 82 -15.91 0.14 13.41
N ALA B 83 -16.72 -0.89 13.25
CA ALA B 83 -17.38 -1.17 11.98
C ALA B 83 -18.67 -0.35 11.84
N ALA A 1 12.95 -3.26 2.49
CA ALA A 1 11.73 -4.04 2.62
C ALA A 1 11.98 -5.35 3.36
N PHE A 2 10.97 -5.81 4.10
CA PHE A 2 11.09 -7.05 4.86
C PHE A 2 9.79 -7.84 4.80
N SER A 3 9.89 -9.14 5.08
CA SER A 3 8.73 -10.02 5.05
C SER A 3 8.14 -10.20 6.46
N ARG A 4 9.02 -10.18 7.46
CA ARG A 4 8.60 -10.36 8.84
C ARG A 4 7.56 -9.31 9.23
N GLN A 5 7.07 -9.39 10.46
CA GLN A 5 6.06 -8.45 10.93
C GLN A 5 6.52 -7.01 10.71
N LEU A 6 5.55 -6.10 10.64
CA LEU A 6 5.85 -4.68 10.42
C LEU A 6 5.22 -3.82 11.51
N ASN A 7 5.36 -2.51 11.38
CA ASN A 7 4.81 -1.58 12.36
C ASN A 7 3.52 -0.96 11.84
N VAL A 8 2.52 -0.87 12.71
CA VAL A 8 1.23 -0.29 12.35
C VAL A 8 1.23 1.22 12.54
N ASN A 9 2.17 1.71 13.34
CA ASN A 9 2.28 3.14 13.60
C ASN A 9 2.76 3.89 12.36
N ALA A 10 3.33 3.14 11.42
CA ALA A 10 3.83 3.75 10.18
C ALA A 10 2.76 4.60 9.52
N LYS A 11 3.08 5.86 9.29
CA LYS A 11 2.15 6.79 8.65
C LYS A 11 1.61 6.21 7.35
N PRO A 12 0.47 6.75 6.89
CA PRO A 12 -0.18 6.30 5.65
C PRO A 12 0.63 6.69 4.40
N PHE A 13 0.36 7.87 3.87
CA PHE A 13 1.05 8.35 2.69
C PHE A 13 0.70 9.82 2.41
N VAL A 14 1.09 10.30 1.24
CA VAL A 14 0.83 11.68 0.85
C VAL A 14 -0.21 11.74 -0.27
N PRO A 15 -1.49 11.67 0.12
CA PRO A 15 -2.62 11.71 -0.83
C PRO A 15 -2.78 13.09 -1.47
N ASN A 16 -3.74 13.21 -2.38
CA ASN A 16 -4.00 14.48 -3.05
C ASN A 16 -5.45 14.90 -2.88
N VAL A 17 -6.00 14.62 -1.69
CA VAL A 17 -7.38 14.98 -1.39
C VAL A 17 -7.48 15.86 -0.15
N HIS A 18 -8.31 16.88 -0.21
CA HIS A 18 -8.49 17.79 0.92
C HIS A 18 -9.27 17.12 2.04
N ALA A 19 -10.09 16.14 1.68
CA ALA A 19 -10.89 15.42 2.67
C ALA A 19 -10.02 14.50 3.52
N GLY B 1 -10.47 -3.24 -14.38
CA GLY B 1 -10.33 -1.82 -14.65
C GLY B 1 -9.51 -1.53 -15.88
N GLN B 2 -8.55 -0.62 -15.76
CA GLN B 2 -7.69 -0.26 -16.89
C GLN B 2 -6.58 0.69 -16.45
N GLU B 3 -5.58 0.86 -17.30
CA GLU B 3 -4.46 1.74 -16.99
C GLU B 3 -3.69 1.25 -15.77
N PRO B 4 -2.92 0.17 -15.95
CA PRO B 4 -2.13 -0.43 -14.88
C PRO B 4 -0.95 0.46 -14.47
N LEU B 5 -0.38 0.17 -13.30
CA LEU B 5 0.75 0.94 -12.79
C LEU B 5 2.07 0.27 -13.16
N THR B 6 3.13 1.07 -13.26
CA THR B 6 4.44 0.56 -13.61
C THR B 6 5.54 1.55 -13.22
N ALA B 7 6.76 1.05 -13.10
CA ALA B 7 7.90 1.89 -12.74
C ALA B 7 7.98 3.13 -13.63
N SER B 8 7.63 2.95 -14.90
CA SER B 8 7.66 4.05 -15.86
C SER B 8 6.87 5.24 -15.35
N MET B 9 5.85 4.97 -14.53
CA MET B 9 5.01 6.02 -13.97
C MET B 9 5.82 6.91 -13.02
N LEU B 10 6.61 6.29 -12.17
CA LEU B 10 7.44 7.02 -11.21
C LEU B 10 8.86 7.19 -11.73
N ALA B 11 9.00 7.32 -13.05
CA ALA B 11 10.30 7.49 -13.67
C ALA B 11 10.61 8.97 -13.89
N SER B 12 9.75 9.64 -14.65
CA SER B 12 9.94 11.06 -14.94
C SER B 12 9.11 11.92 -14.00
N ALA B 13 8.78 11.37 -12.84
CA ALA B 13 8.00 12.09 -11.84
C ALA B 13 8.83 12.40 -10.60
N PRO B 14 8.38 13.39 -9.81
CA PRO B 14 9.08 13.80 -8.59
C PRO B 14 8.97 12.75 -7.49
N PRO B 15 9.78 12.92 -6.43
CA PRO B 15 9.81 11.99 -5.30
C PRO B 15 8.54 12.08 -4.45
N GLN B 16 7.71 13.07 -4.75
CA GLN B 16 6.46 13.26 -4.02
C GLN B 16 5.29 12.62 -4.75
N GLU B 17 5.23 12.85 -6.07
CA GLU B 17 4.16 12.29 -6.88
C GLU B 17 4.16 10.76 -6.82
N GLN B 18 5.34 10.20 -6.57
CA GLN B 18 5.48 8.75 -6.48
C GLN B 18 4.46 8.16 -5.52
N LYS B 19 4.63 8.44 -4.23
CA LYS B 19 3.72 7.93 -3.22
C LYS B 19 2.28 8.35 -3.51
N GLN B 20 2.12 9.52 -4.12
CA GLN B 20 0.80 10.02 -4.47
C GLN B 20 0.10 9.09 -5.45
N MET B 21 0.65 9.02 -6.67
CA MET B 21 0.07 8.17 -7.70
C MET B 21 0.10 6.71 -7.28
N LEU B 22 1.29 6.19 -6.99
CA LEU B 22 1.44 4.80 -6.58
C LEU B 22 0.49 4.47 -5.44
N GLY B 23 0.56 5.24 -4.35
CA GLY B 23 -0.30 5.01 -3.22
C GLY B 23 -1.77 5.10 -3.58
N GLU B 24 -2.17 6.22 -4.17
CA GLU B 24 -3.56 6.42 -4.56
C GLU B 24 -4.07 5.25 -5.40
N ARG B 25 -3.23 4.78 -6.32
CA ARG B 25 -3.59 3.67 -7.19
C ARG B 25 -3.57 2.35 -6.42
N LEU B 26 -2.74 2.28 -5.38
CA LEU B 26 -2.62 1.08 -4.56
C LEU B 26 -3.81 0.95 -3.62
N PHE B 27 -4.43 2.08 -3.29
CA PHE B 27 -5.58 2.09 -2.40
C PHE B 27 -6.63 1.06 -2.85
N PRO B 28 -7.10 1.21 -4.09
CA PRO B 28 -8.11 0.31 -4.67
C PRO B 28 -7.55 -1.08 -4.95
N LEU B 29 -6.32 -1.13 -5.46
CA LEU B 29 -5.66 -2.39 -5.77
C LEU B 29 -5.71 -3.34 -4.57
N ILE B 30 -5.53 -2.77 -3.38
CA ILE B 30 -5.56 -3.56 -2.15
C ILE B 30 -6.97 -3.96 -1.78
N GLN B 31 -7.93 -3.07 -2.05
CA GLN B 31 -9.33 -3.34 -1.75
C GLN B 31 -9.82 -4.58 -2.48
N ALA B 32 -9.10 -4.97 -3.52
CA ALA B 32 -9.46 -6.14 -4.32
C ALA B 32 -9.63 -7.37 -3.42
N MET B 33 -8.94 -7.37 -2.29
CA MET B 33 -9.00 -8.48 -1.35
C MET B 33 -9.36 -8.00 0.05
N HIS B 34 -8.82 -6.84 0.42
CA HIS B 34 -9.08 -6.26 1.74
C HIS B 34 -9.59 -4.82 1.61
N PRO B 35 -10.84 -4.69 1.15
CA PRO B 35 -11.48 -3.37 0.98
C PRO B 35 -11.77 -2.69 2.32
N THR B 36 -11.56 -3.42 3.40
CA THR B 36 -11.82 -2.88 4.74
C THR B 36 -10.56 -2.20 5.30
N LEU B 37 -9.50 -2.98 5.46
CA LEU B 37 -8.25 -2.46 5.99
C LEU B 37 -7.36 -1.94 4.86
N ALA B 38 -7.93 -1.83 3.67
CA ALA B 38 -7.19 -1.35 2.51
C ALA B 38 -6.42 -0.06 2.84
N GLY B 39 -6.98 0.73 3.74
CA GLY B 39 -6.33 1.97 4.12
C GLY B 39 -4.99 1.75 4.79
N LYS B 40 -5.02 1.33 6.05
CA LYS B 40 -3.79 1.07 6.79
C LYS B 40 -2.82 0.22 5.98
N ILE B 41 -3.37 -0.75 5.25
CA ILE B 41 -2.55 -1.64 4.42
C ILE B 41 -1.71 -0.84 3.44
N THR B 42 -2.36 -0.07 2.57
CA THR B 42 -1.67 0.75 1.59
C THR B 42 -0.71 1.73 2.25
N GLY B 43 -1.07 2.17 3.45
CA GLY B 43 -0.23 3.11 4.17
C GLY B 43 1.13 2.53 4.51
N MET B 44 1.13 1.45 5.27
CA MET B 44 2.38 0.79 5.66
C MET B 44 3.13 0.28 4.44
N LEU B 45 2.40 -0.33 3.52
CA LEU B 45 3.00 -0.87 2.30
C LEU B 45 3.66 0.24 1.48
N LEU B 46 3.11 1.44 1.58
CA LEU B 46 3.64 2.58 0.84
C LEU B 46 4.84 3.19 1.57
N GLU B 47 4.95 2.89 2.86
CA GLU B 47 6.05 3.40 3.66
C GLU B 47 7.33 2.62 3.40
N ILE B 48 7.27 1.31 3.61
CA ILE B 48 8.42 0.44 3.39
C ILE B 48 9.27 0.95 2.23
N ASP B 49 8.69 0.97 1.04
CA ASP B 49 9.39 1.44 -0.15
C ASP B 49 8.53 1.24 -1.40
N ASN B 50 8.14 2.35 -2.01
CA ASN B 50 7.31 2.31 -3.21
C ASN B 50 7.94 1.42 -4.28
N SER B 51 9.26 1.57 -4.46
CA SER B 51 9.99 0.79 -5.44
C SER B 51 9.70 -0.70 -5.28
N GLU B 52 9.74 -1.17 -4.04
CA GLU B 52 9.49 -2.58 -3.75
C GLU B 52 8.07 -2.98 -4.18
N LEU B 53 7.12 -2.08 -3.96
CA LEU B 53 5.73 -2.33 -4.33
C LEU B 53 5.59 -2.47 -5.84
N LEU B 54 6.33 -1.66 -6.58
CA LEU B 54 6.29 -1.70 -8.04
C LEU B 54 6.78 -3.04 -8.57
N HIS B 55 7.46 -3.79 -7.71
CA HIS B 55 7.98 -5.10 -8.09
C HIS B 55 7.21 -6.22 -7.39
N MET B 56 6.49 -5.86 -6.34
CA MET B 56 5.69 -6.83 -5.60
C MET B 56 4.28 -6.94 -6.16
N LEU B 57 3.74 -5.80 -6.60
CA LEU B 57 2.40 -5.76 -7.17
C LEU B 57 2.32 -6.58 -8.45
N GLU B 58 3.48 -6.95 -8.98
CA GLU B 58 3.54 -7.74 -10.21
C GLU B 58 3.64 -9.23 -9.90
N SER B 59 3.04 -9.63 -8.78
CA SER B 59 3.05 -11.03 -8.37
C SER B 59 2.06 -11.28 -7.24
N PRO B 60 1.40 -12.46 -7.28
CA PRO B 60 0.42 -12.84 -6.27
C PRO B 60 1.06 -13.12 -4.90
N GLU B 61 2.11 -13.93 -4.91
CA GLU B 61 2.81 -14.28 -3.67
C GLU B 61 3.35 -13.03 -2.98
N SER B 62 3.48 -11.94 -3.75
CA SER B 62 3.99 -10.69 -3.22
C SER B 62 2.85 -9.83 -2.67
N LEU B 63 1.86 -9.56 -3.52
CA LEU B 63 0.71 -8.76 -3.12
C LEU B 63 -0.01 -9.39 -1.95
N ARG B 64 -0.43 -10.63 -2.11
CA ARG B 64 -1.15 -11.35 -1.05
C ARG B 64 -0.32 -11.37 0.23
N SER B 65 1.00 -11.46 0.08
CA SER B 65 1.89 -11.49 1.23
C SER B 65 1.83 -10.18 2.01
N LYS B 66 1.99 -9.07 1.31
CA LYS B 66 1.94 -7.76 1.94
C LYS B 66 0.58 -7.51 2.59
N VAL B 67 -0.48 -7.60 1.80
CA VAL B 67 -1.83 -7.40 2.30
C VAL B 67 -2.10 -8.23 3.54
N ASP B 68 -1.80 -9.52 3.45
CA ASP B 68 -1.99 -10.43 4.57
C ASP B 68 -1.20 -9.98 5.79
N GLU B 69 0.10 -9.77 5.60
CA GLU B 69 0.97 -9.33 6.69
C GLU B 69 0.42 -8.06 7.34
N ALA B 70 0.19 -7.04 6.53
CA ALA B 70 -0.34 -5.77 7.03
C ALA B 70 -1.57 -5.98 7.90
N VAL B 71 -2.60 -6.57 7.32
CA VAL B 71 -3.84 -6.84 8.05
C VAL B 71 -3.56 -7.53 9.38
N ALA B 72 -2.65 -8.50 9.35
CA ALA B 72 -2.29 -9.24 10.55
C ALA B 72 -1.74 -8.30 11.63
N VAL B 73 -0.91 -7.35 11.21
CA VAL B 73 -0.33 -6.39 12.14
C VAL B 73 -1.40 -5.52 12.77
N LEU B 74 -2.35 -5.08 11.96
CA LEU B 74 -3.43 -4.22 12.45
C LEU B 74 -4.25 -4.95 13.50
N GLN B 75 -4.17 -6.27 13.52
CA GLN B 75 -4.90 -7.08 14.48
C GLN B 75 -4.59 -6.64 15.90
N ALA B 76 -3.41 -6.05 16.10
CA ALA B 76 -2.99 -5.59 17.42
C ALA B 76 -3.40 -4.13 17.64
N HIS B 77 -3.69 -3.43 16.55
CA HIS B 77 -4.09 -2.03 16.63
C HIS B 77 -5.60 -1.90 16.81
N GLN B 78 -6.35 -2.24 15.77
CA GLN B 78 -7.80 -2.16 15.83
C GLN B 78 -8.44 -3.49 15.41
N ALA B 79 -7.83 -4.14 14.42
CA ALA B 79 -8.33 -5.41 13.92
C ALA B 79 -9.71 -5.25 13.29
N LYS B 80 -9.86 -4.24 12.46
CA LYS B 80 -11.13 -3.97 11.78
C LYS B 80 -12.27 -3.88 12.79
N GLU B 81 -12.01 -3.23 13.91
CA GLU B 81 -13.02 -3.08 14.96
C GLU B 81 -13.61 -1.67 14.94
N ALA B 82 -14.32 -1.34 13.87
CA ALA B 82 -14.93 -0.03 13.73
C ALA B 82 -15.81 0.04 12.48
N ALA B 83 -16.98 0.67 12.62
CA ALA B 83 -17.90 0.81 11.50
C ALA B 83 -17.89 2.22 10.93
N ALA A 1 8.67 -5.14 3.07
CA ALA A 1 9.92 -5.68 2.57
C ALA A 1 10.45 -6.77 3.49
N PHE A 2 10.89 -6.38 4.68
CA PHE A 2 11.43 -7.33 5.64
C PHE A 2 10.46 -8.48 5.86
N SER A 3 10.99 -9.71 5.83
CA SER A 3 10.18 -10.90 6.02
C SER A 3 9.85 -11.10 7.50
N ARG A 4 9.02 -10.21 8.04
CA ARG A 4 8.63 -10.29 9.44
C ARG A 4 7.58 -9.24 9.78
N GLN A 5 7.13 -9.22 11.02
CA GLN A 5 6.13 -8.26 11.46
C GLN A 5 6.55 -6.84 11.11
N LEU A 6 5.57 -5.99 10.83
CA LEU A 6 5.84 -4.60 10.47
C LEU A 6 5.22 -3.65 11.49
N ASN A 7 5.42 -2.35 11.26
CA ASN A 7 4.88 -1.34 12.18
C ASN A 7 3.55 -0.81 11.65
N VAL A 8 2.58 -0.67 12.56
CA VAL A 8 1.26 -0.16 12.20
C VAL A 8 1.20 1.36 12.30
N ASN A 9 2.13 1.92 13.08
CA ASN A 9 2.18 3.37 13.25
C ASN A 9 2.66 4.06 11.98
N ALA A 10 3.22 3.28 11.08
CA ALA A 10 3.72 3.82 9.81
C ALA A 10 2.66 4.66 9.12
N LYS A 11 2.99 5.93 8.88
CA LYS A 11 2.06 6.85 8.22
C LYS A 11 1.52 6.25 6.93
N PRO A 12 0.39 6.79 6.46
CA PRO A 12 -0.25 6.32 5.22
C PRO A 12 0.56 6.68 3.97
N PHE A 13 0.30 7.86 3.43
CA PHE A 13 0.99 8.33 2.24
C PHE A 13 0.65 9.80 1.95
N VAL A 14 1.04 10.26 0.77
CA VAL A 14 0.77 11.63 0.36
C VAL A 14 -0.26 11.68 -0.76
N PRO A 15 -1.55 11.61 -0.39
CA PRO A 15 -2.66 11.64 -1.33
C PRO A 15 -2.83 13.01 -1.99
N ASN A 16 -3.83 13.14 -2.86
CA ASN A 16 -4.09 14.39 -3.55
C ASN A 16 -5.27 15.12 -2.92
N VAL A 17 -5.50 14.87 -1.63
CA VAL A 17 -6.60 15.50 -0.91
C VAL A 17 -6.09 16.32 0.26
N HIS A 18 -5.94 17.63 0.06
CA HIS A 18 -5.46 18.52 1.11
C HIS A 18 -6.58 18.85 2.09
N ALA A 19 -7.07 17.84 2.79
CA ALA A 19 -8.12 18.02 3.76
C ALA A 19 -7.60 17.85 5.18
N GLY B 1 -8.38 1.95 -23.75
CA GLY B 1 -7.23 1.18 -24.21
C GLY B 1 -6.50 0.47 -23.09
N GLN B 2 -5.18 0.42 -23.17
CA GLN B 2 -4.38 -0.24 -22.16
C GLN B 2 -3.31 0.71 -21.61
N GLU B 3 -3.18 0.75 -20.29
CA GLU B 3 -2.20 1.62 -19.64
C GLU B 3 -2.07 1.28 -18.16
N PRO B 4 -1.51 0.09 -17.87
CA PRO B 4 -1.32 -0.38 -16.49
C PRO B 4 -0.25 0.42 -15.76
N LEU B 5 -0.31 0.40 -14.43
CA LEU B 5 0.65 1.12 -13.60
C LEU B 5 2.06 0.57 -13.81
N THR B 6 3.05 1.46 -13.78
CA THR B 6 4.44 1.06 -13.95
C THR B 6 5.39 2.13 -13.43
N ALA B 7 6.64 1.75 -13.21
CA ALA B 7 7.65 2.67 -12.70
C ALA B 7 7.84 3.85 -13.66
N SER B 8 7.40 3.67 -14.90
CA SER B 8 7.52 4.72 -15.91
C SER B 8 6.95 6.03 -15.39
N MET B 9 5.76 5.97 -14.81
CA MET B 9 5.11 7.15 -14.27
C MET B 9 5.90 7.74 -13.10
N LEU B 10 6.59 6.87 -12.38
CA LEU B 10 7.39 7.29 -11.24
C LEU B 10 8.83 7.56 -11.65
N ALA B 11 9.04 7.74 -12.95
CA ALA B 11 10.37 8.02 -13.47
C ALA B 11 10.59 9.52 -13.68
N SER B 12 9.65 10.15 -14.38
CA SER B 12 9.73 11.58 -14.65
C SER B 12 8.84 12.37 -13.69
N ALA B 13 8.78 11.92 -12.44
CA ALA B 13 7.97 12.58 -11.43
C ALA B 13 8.79 12.88 -10.17
N PRO B 14 8.30 13.82 -9.36
CA PRO B 14 8.96 14.21 -8.11
C PRO B 14 8.90 13.12 -7.04
N PRO B 15 9.69 13.28 -5.99
CA PRO B 15 9.74 12.32 -4.88
C PRO B 15 8.47 12.32 -4.04
N GLN B 16 7.59 13.29 -4.32
CA GLN B 16 6.33 13.39 -3.60
C GLN B 16 5.20 12.72 -4.37
N GLU B 17 5.17 12.95 -5.68
CA GLU B 17 4.14 12.38 -6.54
C GLU B 17 4.25 10.86 -6.58
N GLN B 18 5.43 10.35 -6.24
CA GLN B 18 5.67 8.91 -6.23
C GLN B 18 4.66 8.20 -5.32
N LYS B 19 4.85 8.36 -4.01
CA LYS B 19 3.97 7.74 -3.03
C LYS B 19 2.51 8.11 -3.30
N GLN B 20 2.29 9.29 -3.85
CA GLN B 20 0.94 9.76 -4.16
C GLN B 20 0.30 8.89 -5.23
N MET B 21 0.86 8.90 -6.43
CA MET B 21 0.34 8.11 -7.53
C MET B 21 0.29 6.63 -7.15
N LEU B 22 1.44 6.08 -6.79
CA LEU B 22 1.52 4.67 -6.40
C LEU B 22 0.45 4.32 -5.36
N GLY B 23 0.51 4.99 -4.21
CA GLY B 23 -0.46 4.74 -3.16
C GLY B 23 -1.89 4.91 -3.64
N GLU B 24 -2.13 5.93 -4.47
CA GLU B 24 -3.46 6.19 -4.99
C GLU B 24 -4.02 4.96 -5.70
N ARG B 25 -3.24 4.44 -6.65
CA ARG B 25 -3.66 3.26 -7.41
C ARG B 25 -3.62 2.01 -6.53
N LEU B 26 -2.82 2.05 -5.48
CA LEU B 26 -2.69 0.92 -4.57
C LEU B 26 -3.91 0.82 -3.66
N PHE B 27 -4.54 1.96 -3.40
CA PHE B 27 -5.72 2.00 -2.53
C PHE B 27 -6.73 0.94 -2.95
N PRO B 28 -7.19 1.00 -4.20
CA PRO B 28 -8.16 0.06 -4.75
C PRO B 28 -7.57 -1.33 -4.95
N LEU B 29 -6.30 -1.38 -5.34
CA LEU B 29 -5.62 -2.65 -5.56
C LEU B 29 -5.75 -3.56 -4.34
N ILE B 30 -5.56 -2.99 -3.16
CA ILE B 30 -5.66 -3.74 -1.92
C ILE B 30 -7.12 -4.03 -1.57
N GLN B 31 -8.00 -3.11 -1.93
CA GLN B 31 -9.43 -3.27 -1.66
C GLN B 31 -9.96 -4.54 -2.31
N ALA B 32 -9.24 -5.05 -3.30
CA ALA B 32 -9.64 -6.27 -4.00
C ALA B 32 -9.82 -7.42 -3.02
N MET B 33 -9.15 -7.34 -1.88
CA MET B 33 -9.23 -8.39 -0.87
C MET B 33 -9.57 -7.79 0.50
N HIS B 34 -8.95 -6.66 0.82
CA HIS B 34 -9.19 -5.99 2.09
C HIS B 34 -9.68 -4.56 1.88
N PRO B 35 -10.95 -4.43 1.45
CA PRO B 35 -11.56 -3.12 1.20
C PRO B 35 -11.79 -2.33 2.49
N THR B 36 -11.57 -2.98 3.62
CA THR B 36 -11.76 -2.34 4.92
C THR B 36 -10.46 -1.71 5.41
N LEU B 37 -9.41 -2.52 5.51
CA LEU B 37 -8.11 -2.04 5.97
C LEU B 37 -7.25 -1.60 4.79
N ALA B 38 -7.89 -1.38 3.65
CA ALA B 38 -7.17 -0.94 2.45
C ALA B 38 -6.31 0.28 2.74
N GLY B 39 -6.82 1.17 3.58
CA GLY B 39 -6.09 2.38 3.93
C GLY B 39 -4.81 2.08 4.70
N LYS B 40 -4.95 1.36 5.81
CA LYS B 40 -3.80 1.00 6.63
C LYS B 40 -2.82 0.12 5.87
N ILE B 41 -3.36 -0.80 5.07
CA ILE B 41 -2.54 -1.70 4.28
C ILE B 41 -1.66 -0.94 3.30
N THR B 42 -2.30 -0.20 2.40
CA THR B 42 -1.57 0.59 1.41
C THR B 42 -0.61 1.56 2.08
N GLY B 43 -1.00 2.08 3.24
CA GLY B 43 -0.15 3.01 3.96
C GLY B 43 1.18 2.41 4.34
N MET B 44 1.14 1.33 5.12
CA MET B 44 2.36 0.66 5.55
C MET B 44 3.14 0.10 4.36
N LEU B 45 2.42 -0.52 3.43
CA LEU B 45 3.05 -1.09 2.24
C LEU B 45 3.70 0.00 1.40
N LEU B 46 3.19 1.22 1.53
CA LEU B 46 3.73 2.35 0.77
C LEU B 46 4.97 2.92 1.46
N GLU B 47 5.09 2.68 2.76
CA GLU B 47 6.23 3.17 3.53
C GLU B 47 7.45 2.30 3.28
N ILE B 48 7.32 1.00 3.51
CA ILE B 48 8.42 0.07 3.31
C ILE B 48 9.30 0.51 2.15
N ASP B 49 8.72 0.56 0.96
CA ASP B 49 9.45 0.96 -0.24
C ASP B 49 8.57 0.85 -1.49
N ASN B 50 8.19 1.99 -2.03
CA ASN B 50 7.34 2.03 -3.22
C ASN B 50 7.94 1.18 -4.34
N SER B 51 9.23 1.34 -4.58
CA SER B 51 9.93 0.59 -5.61
C SER B 51 9.65 -0.91 -5.48
N GLU B 52 9.69 -1.39 -4.24
CA GLU B 52 9.45 -2.81 -3.98
C GLU B 52 8.03 -3.20 -4.40
N LEU B 53 7.08 -2.33 -4.13
CA LEU B 53 5.68 -2.58 -4.49
C LEU B 53 5.52 -2.69 -6.00
N LEU B 54 6.23 -1.83 -6.73
CA LEU B 54 6.16 -1.82 -8.18
C LEU B 54 6.72 -3.11 -8.76
N HIS B 55 7.38 -3.90 -7.91
CA HIS B 55 7.96 -5.17 -8.34
C HIS B 55 7.30 -6.34 -7.63
N MET B 56 6.53 -6.03 -6.59
CA MET B 56 5.84 -7.07 -5.82
C MET B 56 4.46 -7.35 -6.40
N LEU B 57 3.89 -6.35 -7.06
CA LEU B 57 2.57 -6.49 -7.68
C LEU B 57 2.63 -7.42 -8.88
N GLU B 58 3.83 -7.83 -9.25
CA GLU B 58 4.02 -8.72 -10.39
C GLU B 58 3.93 -10.18 -9.97
N SER B 59 3.74 -10.40 -8.67
CA SER B 59 3.64 -11.75 -8.13
C SER B 59 2.48 -11.84 -7.12
N PRO B 60 1.73 -12.96 -7.20
CA PRO B 60 0.60 -13.20 -6.30
C PRO B 60 1.04 -13.46 -4.86
N GLU B 61 2.01 -14.35 -4.69
CA GLU B 61 2.52 -14.69 -3.38
C GLU B 61 3.08 -13.46 -2.68
N SER B 62 3.41 -12.43 -3.47
CA SER B 62 3.96 -11.20 -2.92
C SER B 62 2.86 -10.25 -2.50
N LEU B 63 1.97 -9.92 -3.43
CA LEU B 63 0.86 -9.02 -3.16
C LEU B 63 0.04 -9.51 -1.95
N ARG B 64 -0.45 -10.74 -2.06
CA ARG B 64 -1.25 -11.34 -0.98
C ARG B 64 -0.47 -11.31 0.34
N SER B 65 0.81 -11.66 0.26
CA SER B 65 1.66 -11.69 1.46
C SER B 65 1.64 -10.34 2.17
N LYS B 66 1.93 -9.28 1.43
CA LYS B 66 1.95 -7.93 2.00
C LYS B 66 0.62 -7.60 2.65
N VAL B 67 -0.46 -7.72 1.88
CA VAL B 67 -1.79 -7.43 2.38
C VAL B 67 -2.10 -8.24 3.64
N ASP B 68 -1.87 -9.55 3.57
CA ASP B 68 -2.10 -10.43 4.70
C ASP B 68 -1.31 -9.97 5.92
N GLU B 69 -0.01 -9.87 5.77
CA GLU B 69 0.86 -9.44 6.86
C GLU B 69 0.36 -8.14 7.47
N ALA B 70 0.17 -7.13 6.63
CA ALA B 70 -0.31 -5.82 7.09
C ALA B 70 -1.55 -5.98 7.96
N VAL B 71 -2.61 -6.54 7.39
CA VAL B 71 -3.86 -6.75 8.12
C VAL B 71 -3.61 -7.41 9.47
N ALA B 72 -2.71 -8.40 9.48
CA ALA B 72 -2.39 -9.12 10.70
C ALA B 72 -1.83 -8.17 11.76
N VAL B 73 -0.96 -7.26 11.33
CA VAL B 73 -0.34 -6.30 12.24
C VAL B 73 -1.40 -5.38 12.84
N LEU B 74 -2.31 -4.89 12.00
CA LEU B 74 -3.36 -3.99 12.46
C LEU B 74 -4.16 -4.61 13.60
N GLN B 75 -4.49 -5.90 13.46
CA GLN B 75 -5.24 -6.61 14.49
C GLN B 75 -4.55 -6.49 15.84
N ALA B 76 -3.22 -6.43 15.83
CA ALA B 76 -2.45 -6.31 17.05
C ALA B 76 -2.88 -5.08 17.86
N HIS B 77 -3.43 -4.09 17.16
CA HIS B 77 -3.88 -2.87 17.81
C HIS B 77 -5.40 -2.75 17.75
N GLN B 78 -5.94 -2.67 16.53
CA GLN B 78 -7.37 -2.55 16.34
C GLN B 78 -7.84 -3.42 15.19
N ALA B 79 -8.89 -4.21 15.44
CA ALA B 79 -9.44 -5.09 14.41
C ALA B 79 -9.94 -4.31 13.20
N LYS B 80 -11.08 -3.65 13.36
CA LYS B 80 -11.66 -2.85 12.28
C LYS B 80 -12.00 -1.45 12.76
N GLU B 81 -11.14 -0.90 13.61
CA GLU B 81 -11.35 0.44 14.15
C GLU B 81 -10.19 1.37 13.77
N ALA B 82 -10.18 1.80 12.52
CA ALA B 82 -9.14 2.68 12.02
C ALA B 82 -9.09 3.98 12.84
N ALA B 83 -10.25 4.56 13.08
CA ALA B 83 -10.35 5.79 13.85
C ALA B 83 -9.65 5.66 15.20
N ALA A 1 11.70 -6.95 0.77
CA ALA A 1 10.60 -6.43 1.58
C ALA A 1 10.63 -7.03 2.99
N PHE A 2 9.56 -6.80 3.75
CA PHE A 2 9.47 -7.31 5.10
C PHE A 2 9.47 -8.84 5.12
N SER A 3 9.99 -9.42 6.19
CA SER A 3 10.07 -10.86 6.33
C SER A 3 9.22 -11.35 7.50
N ARG A 4 8.97 -10.46 8.44
CA ARG A 4 8.17 -10.80 9.62
C ARG A 4 7.19 -9.68 9.95
N GLN A 5 6.58 -9.76 11.12
CA GLN A 5 5.62 -8.75 11.55
C GLN A 5 6.20 -7.35 11.41
N LEU A 6 5.34 -6.40 11.03
CA LEU A 6 5.77 -5.01 10.86
C LEU A 6 5.12 -4.12 11.89
N ASN A 7 5.36 -2.81 11.77
CA ASN A 7 4.80 -1.84 12.70
C ASN A 7 3.67 -1.06 12.05
N VAL A 8 2.54 -0.97 12.75
CA VAL A 8 1.38 -0.25 12.24
C VAL A 8 1.52 1.25 12.47
N ASN A 9 2.59 1.65 13.15
CA ASN A 9 2.84 3.06 13.43
C ASN A 9 3.21 3.81 12.15
N ALA A 10 3.75 3.08 11.18
CA ALA A 10 4.15 3.68 9.90
C ALA A 10 3.02 4.49 9.31
N LYS A 11 3.27 5.77 9.06
CA LYS A 11 2.28 6.66 8.48
C LYS A 11 1.67 6.05 7.22
N PRO A 12 0.49 6.55 6.83
CA PRO A 12 -0.23 6.08 5.64
C PRO A 12 0.49 6.48 4.35
N PHE A 13 0.14 7.65 3.83
CA PHE A 13 0.74 8.14 2.60
C PHE A 13 0.32 9.58 2.33
N VAL A 14 0.62 10.07 1.12
CA VAL A 14 0.27 11.43 0.73
C VAL A 14 -0.85 11.43 -0.30
N PRO A 15 -2.09 11.33 0.17
CA PRO A 15 -3.27 11.33 -0.71
C PRO A 15 -3.53 12.69 -1.35
N ASN A 16 -4.67 12.83 -2.00
CA ASN A 16 -5.03 14.08 -2.66
C ASN A 16 -6.35 14.62 -2.12
N VAL A 17 -6.63 14.33 -0.85
CA VAL A 17 -7.86 14.78 -0.22
C VAL A 17 -7.56 15.59 1.04
N HIS A 18 -8.05 16.82 1.08
CA HIS A 18 -7.83 17.69 2.23
C HIS A 18 -8.49 17.11 3.48
N ALA A 19 -9.78 16.81 3.37
CA ALA A 19 -10.54 16.25 4.50
C ALA A 19 -10.78 14.75 4.29
N GLY B 1 -11.11 1.79 -20.87
CA GLY B 1 -10.65 0.55 -21.46
C GLY B 1 -9.61 -0.16 -20.61
N GLN B 2 -8.62 0.60 -20.14
CA GLN B 2 -7.57 0.04 -19.31
C GLN B 2 -6.58 1.12 -18.88
N GLU B 3 -5.85 0.86 -17.80
CA GLU B 3 -4.87 1.82 -17.29
C GLU B 3 -4.03 1.18 -16.17
N PRO B 4 -3.19 0.21 -16.55
CA PRO B 4 -2.32 -0.49 -15.60
C PRO B 4 -1.20 0.41 -15.08
N LEU B 5 -0.66 0.04 -13.91
CA LEU B 5 0.41 0.82 -13.30
C LEU B 5 1.77 0.20 -13.62
N THR B 6 2.78 1.07 -13.79
CA THR B 6 4.12 0.61 -14.10
C THR B 6 5.16 1.60 -13.60
N ALA B 7 6.43 1.18 -13.61
CA ALA B 7 7.52 2.04 -13.16
C ALA B 7 7.58 3.32 -13.98
N SER B 8 7.11 3.26 -15.21
CA SER B 8 7.11 4.41 -16.10
C SER B 8 6.48 5.63 -15.43
N MET B 9 5.28 5.43 -14.87
CA MET B 9 4.57 6.50 -14.20
C MET B 9 5.44 7.15 -13.12
N LEU B 10 6.18 6.32 -12.40
CA LEU B 10 7.06 6.80 -11.34
C LEU B 10 8.49 6.95 -11.85
N ALA B 11 8.63 7.20 -13.14
CA ALA B 11 9.94 7.37 -13.76
C ALA B 11 10.18 8.82 -14.13
N SER B 12 9.11 9.53 -14.45
CA SER B 12 9.21 10.93 -14.84
C SER B 12 8.52 11.83 -13.82
N ALA B 13 8.41 11.34 -12.58
CA ALA B 13 7.78 12.10 -11.51
C ALA B 13 8.71 12.25 -10.32
N PRO B 14 8.42 13.24 -9.46
CA PRO B 14 9.22 13.51 -8.26
C PRO B 14 9.07 12.43 -7.21
N PRO B 15 9.96 12.45 -6.20
CA PRO B 15 9.95 11.47 -5.11
C PRO B 15 8.75 11.66 -4.19
N GLN B 16 8.02 12.75 -4.37
CA GLN B 16 6.85 13.03 -3.56
C GLN B 16 5.58 12.58 -4.25
N GLU B 17 5.50 12.80 -5.56
CA GLU B 17 4.33 12.41 -6.34
C GLU B 17 4.22 10.88 -6.43
N GLN B 18 5.33 10.21 -6.17
CA GLN B 18 5.36 8.76 -6.22
C GLN B 18 4.34 8.15 -5.26
N LYS B 19 4.57 8.35 -3.97
CA LYS B 19 3.67 7.83 -2.95
C LYS B 19 2.23 8.22 -3.23
N GLN B 20 2.05 9.41 -3.81
CA GLN B 20 0.72 9.91 -4.14
C GLN B 20 0.03 9.00 -5.16
N MET B 21 0.55 9.00 -6.39
CA MET B 21 -0.01 8.18 -7.45
C MET B 21 0.00 6.71 -7.06
N LEU B 22 1.17 6.20 -6.70
CA LEU B 22 1.32 4.81 -6.30
C LEU B 22 0.28 4.43 -5.25
N GLY B 23 0.32 5.11 -4.11
CA GLY B 23 -0.63 4.83 -3.04
C GLY B 23 -2.07 5.02 -3.49
N GLU B 24 -2.29 5.98 -4.38
CA GLU B 24 -3.64 6.26 -4.88
C GLU B 24 -4.15 5.11 -5.73
N ARG B 25 -3.29 4.55 -6.58
CA ARG B 25 -3.66 3.44 -7.43
C ARG B 25 -3.69 2.13 -6.65
N LEU B 26 -2.80 2.01 -5.68
CA LEU B 26 -2.73 0.81 -4.86
C LEU B 26 -3.87 0.77 -3.84
N PHE B 27 -4.35 1.96 -3.47
CA PHE B 27 -5.45 2.06 -2.51
C PHE B 27 -6.59 1.12 -2.87
N PRO B 28 -7.13 1.28 -4.08
CA PRO B 28 -8.23 0.46 -4.58
C PRO B 28 -7.80 -0.97 -4.87
N LEU B 29 -6.63 -1.12 -5.49
CA LEU B 29 -6.11 -2.44 -5.83
C LEU B 29 -6.11 -3.35 -4.61
N ILE B 30 -5.85 -2.78 -3.44
CA ILE B 30 -5.83 -3.54 -2.20
C ILE B 30 -7.24 -3.87 -1.72
N GLN B 31 -8.17 -2.94 -1.97
CA GLN B 31 -9.56 -3.14 -1.58
C GLN B 31 -10.13 -4.42 -2.18
N ALA B 32 -9.51 -4.89 -3.26
CA ALA B 32 -9.94 -6.10 -3.93
C ALA B 32 -10.09 -7.25 -2.94
N MET B 33 -9.23 -7.25 -1.92
CA MET B 33 -9.26 -8.30 -0.90
C MET B 33 -9.60 -7.72 0.47
N HIS B 34 -9.08 -6.53 0.75
CA HIS B 34 -9.32 -5.87 2.02
C HIS B 34 -9.81 -4.44 1.80
N PRO B 35 -11.10 -4.30 1.42
CA PRO B 35 -11.71 -3.00 1.17
C PRO B 35 -11.91 -2.20 2.45
N THR B 36 -11.66 -2.83 3.58
CA THR B 36 -11.81 -2.18 4.88
C THR B 36 -10.46 -1.72 5.43
N LEU B 37 -9.48 -2.62 5.39
CA LEU B 37 -8.14 -2.31 5.88
C LEU B 37 -7.25 -1.82 4.75
N ALA B 38 -7.85 -1.52 3.60
CA ALA B 38 -7.12 -1.03 2.44
C ALA B 38 -6.23 0.16 2.82
N GLY B 39 -6.84 1.17 3.44
CA GLY B 39 -6.09 2.35 3.83
C GLY B 39 -4.85 2.01 4.62
N LYS B 40 -5.00 1.21 5.66
CA LYS B 40 -3.88 0.81 6.50
C LYS B 40 -2.86 0.00 5.69
N ILE B 41 -3.35 -0.98 4.94
CA ILE B 41 -2.48 -1.81 4.13
C ILE B 41 -1.63 -0.97 3.19
N THR B 42 -2.29 -0.22 2.32
CA THR B 42 -1.59 0.63 1.36
C THR B 42 -0.68 1.62 2.08
N GLY B 43 -1.10 2.05 3.26
CA GLY B 43 -0.31 3.00 4.03
C GLY B 43 1.07 2.47 4.37
N MET B 44 1.11 1.36 5.11
CA MET B 44 2.37 0.74 5.50
C MET B 44 3.13 0.24 4.28
N LEU B 45 2.42 -0.44 3.38
CA LEU B 45 3.04 -0.98 2.17
C LEU B 45 3.68 0.13 1.35
N LEU B 46 3.12 1.33 1.44
CA LEU B 46 3.65 2.49 0.71
C LEU B 46 4.82 3.12 1.46
N GLU B 47 4.90 2.84 2.76
CA GLU B 47 5.97 3.38 3.59
C GLU B 47 7.28 2.63 3.35
N ILE B 48 7.25 1.31 3.54
CA ILE B 48 8.43 0.50 3.35
C ILE B 48 9.31 1.04 2.22
N ASP B 49 8.75 1.06 1.02
CA ASP B 49 9.48 1.56 -0.14
C ASP B 49 8.68 1.35 -1.43
N ASN B 50 8.21 2.44 -2.01
CA ASN B 50 7.43 2.38 -3.24
C ASN B 50 8.14 1.55 -4.30
N SER B 51 9.43 1.81 -4.48
CA SER B 51 10.23 1.08 -5.46
C SER B 51 10.08 -0.43 -5.28
N GLU B 52 10.03 -0.86 -4.03
CA GLU B 52 9.88 -2.29 -3.71
C GLU B 52 8.51 -2.80 -4.15
N LEU B 53 7.52 -1.94 -4.07
CA LEU B 53 6.15 -2.30 -4.45
C LEU B 53 6.03 -2.44 -5.97
N LEU B 54 6.74 -1.58 -6.68
CA LEU B 54 6.72 -1.59 -8.14
C LEU B 54 7.31 -2.89 -8.69
N HIS B 55 8.12 -3.55 -7.86
CA HIS B 55 8.75 -4.80 -8.26
C HIS B 55 8.13 -5.97 -7.50
N MET B 56 7.42 -5.68 -6.43
CA MET B 56 6.77 -6.70 -5.62
C MET B 56 5.37 -7.00 -6.14
N LEU B 57 4.68 -5.96 -6.59
CA LEU B 57 3.32 -6.11 -7.11
C LEU B 57 3.32 -6.96 -8.38
N GLU B 58 4.50 -7.18 -8.94
CA GLU B 58 4.63 -7.97 -10.15
C GLU B 58 4.42 -9.46 -9.86
N SER B 59 4.33 -9.79 -8.58
CA SER B 59 4.14 -11.18 -8.17
C SER B 59 2.90 -11.32 -7.31
N PRO B 60 2.11 -12.38 -7.56
CA PRO B 60 0.88 -12.65 -6.82
C PRO B 60 1.15 -13.07 -5.37
N GLU B 61 2.06 -14.02 -5.21
CA GLU B 61 2.41 -14.52 -3.87
C GLU B 61 2.94 -13.39 -3.01
N SER B 62 3.51 -12.38 -3.64
CA SER B 62 4.06 -11.23 -2.92
C SER B 62 2.97 -10.25 -2.52
N LEU B 63 2.15 -9.86 -3.49
CA LEU B 63 1.06 -8.93 -3.25
C LEU B 63 0.18 -9.41 -2.09
N ARG B 64 -0.41 -10.58 -2.26
CA ARG B 64 -1.27 -11.16 -1.22
C ARG B 64 -0.53 -11.26 0.10
N SER B 65 0.73 -11.68 0.04
CA SER B 65 1.55 -11.83 1.25
C SER B 65 1.61 -10.52 2.03
N LYS B 66 1.94 -9.44 1.33
CA LYS B 66 2.04 -8.12 1.96
C LYS B 66 0.70 -7.73 2.59
N VAL B 67 -0.37 -7.78 1.80
CA VAL B 67 -1.69 -7.42 2.28
C VAL B 67 -2.04 -8.19 3.55
N ASP B 68 -1.87 -9.50 3.51
CA ASP B 68 -2.16 -10.35 4.67
C ASP B 68 -1.38 -9.89 5.89
N GLU B 69 -0.08 -9.67 5.70
CA GLU B 69 0.79 -9.22 6.80
C GLU B 69 0.27 -7.92 7.40
N ALA B 70 0.06 -6.92 6.54
CA ALA B 70 -0.43 -5.62 6.99
C ALA B 70 -1.68 -5.78 7.85
N VAL B 71 -2.73 -6.35 7.27
CA VAL B 71 -3.99 -6.56 7.98
C VAL B 71 -3.74 -7.24 9.32
N ALA B 72 -2.93 -8.30 9.31
CA ALA B 72 -2.62 -9.04 10.53
C ALA B 72 -2.05 -8.12 11.59
N VAL B 73 -1.19 -7.20 11.18
CA VAL B 73 -0.57 -6.26 12.10
C VAL B 73 -1.61 -5.32 12.73
N LEU B 74 -2.54 -4.85 11.90
CA LEU B 74 -3.59 -3.95 12.36
C LEU B 74 -4.28 -4.53 13.59
N GLN B 75 -4.46 -5.84 13.62
CA GLN B 75 -5.11 -6.51 14.73
C GLN B 75 -4.45 -6.14 16.05
N ALA B 76 -3.12 -6.00 16.03
CA ALA B 76 -2.37 -5.64 17.22
C ALA B 76 -2.91 -4.37 17.85
N HIS B 77 -3.47 -3.50 17.02
CA HIS B 77 -4.03 -2.23 17.50
C HIS B 77 -5.56 -2.28 17.50
N GLN B 78 -6.15 -2.35 16.31
CA GLN B 78 -7.60 -2.41 16.19
C GLN B 78 -8.00 -3.21 14.96
N ALA B 79 -9.03 -4.05 15.12
CA ALA B 79 -9.52 -4.87 14.02
C ALA B 79 -10.90 -4.42 13.57
N LYS B 80 -10.94 -3.31 12.83
CA LYS B 80 -12.19 -2.77 12.32
C LYS B 80 -13.14 -2.44 13.47
N GLU B 81 -12.58 -2.05 14.61
CA GLU B 81 -13.36 -1.71 15.79
C GLU B 81 -13.94 -0.30 15.67
N ALA B 82 -13.22 0.56 14.96
CA ALA B 82 -13.65 1.94 14.76
C ALA B 82 -13.83 2.66 16.10
N ALA B 83 -12.79 2.60 16.93
CA ALA B 83 -12.83 3.26 18.25
C ALA B 83 -12.98 4.77 18.10
N ALA A 1 12.94 -4.18 2.15
CA ALA A 1 11.71 -4.89 2.48
C ALA A 1 11.99 -6.02 3.46
N PHE A 2 10.98 -6.36 4.27
CA PHE A 2 11.12 -7.43 5.25
C PHE A 2 9.82 -8.22 5.36
N SER A 3 9.96 -9.54 5.52
CA SER A 3 8.79 -10.42 5.63
C SER A 3 8.25 -10.40 7.06
N ARG A 4 9.15 -10.30 8.03
CA ARG A 4 8.75 -10.28 9.44
C ARG A 4 7.70 -9.21 9.69
N GLN A 5 7.12 -9.21 10.89
CA GLN A 5 6.10 -8.24 11.26
C GLN A 5 6.56 -6.82 10.96
N LEU A 6 5.61 -5.94 10.65
CA LEU A 6 5.93 -4.56 10.35
C LEU A 6 5.34 -3.62 11.41
N ASN A 7 5.54 -2.33 11.23
CA ASN A 7 5.03 -1.33 12.15
C ASN A 7 3.76 -0.68 11.63
N VAL A 8 2.74 -0.61 12.48
CA VAL A 8 1.47 -0.01 12.09
C VAL A 8 1.49 1.50 12.27
N ASN A 9 2.51 2.00 12.96
CA ASN A 9 2.65 3.42 13.20
C ASN A 9 2.99 4.16 11.91
N ALA A 10 3.56 3.43 10.95
CA ALA A 10 3.93 4.02 9.66
C ALA A 10 2.75 4.77 9.04
N LYS A 11 2.93 6.06 8.82
CA LYS A 11 1.88 6.89 8.24
C LYS A 11 1.37 6.27 6.95
N PRO A 12 0.17 6.69 6.51
CA PRO A 12 -0.46 6.19 5.28
C PRO A 12 0.27 6.66 4.03
N PHE A 13 -0.14 7.80 3.50
CA PHE A 13 0.47 8.35 2.30
C PHE A 13 -0.05 9.76 2.01
N VAL A 14 0.27 10.27 0.83
CA VAL A 14 -0.18 11.60 0.43
C VAL A 14 -1.23 11.53 -0.66
N PRO A 15 -2.49 11.32 -0.26
CA PRO A 15 -3.63 11.22 -1.19
C PRO A 15 -3.95 12.56 -1.84
N ASN A 16 -5.07 12.61 -2.56
CA ASN A 16 -5.50 13.83 -3.23
C ASN A 16 -6.86 14.28 -2.71
N VAL A 17 -6.92 14.63 -1.43
CA VAL A 17 -8.16 15.09 -0.82
C VAL A 17 -7.91 16.25 0.13
N HIS A 18 -8.85 17.18 0.17
CA HIS A 18 -8.73 18.35 1.04
C HIS A 18 -9.54 18.15 2.32
N ALA A 19 -10.85 17.98 2.18
CA ALA A 19 -11.72 17.78 3.32
C ALA A 19 -11.51 16.41 3.94
N GLY B 1 -10.78 10.65 -15.26
CA GLY B 1 -10.56 10.26 -16.64
C GLY B 1 -9.64 9.06 -16.75
N GLN B 2 -8.51 9.11 -16.07
CA GLN B 2 -7.54 8.01 -16.10
C GLN B 2 -6.40 8.27 -15.13
N GLU B 3 -5.98 7.21 -14.43
CA GLU B 3 -4.90 7.33 -13.46
C GLU B 3 -3.99 6.10 -13.52
N PRO B 4 -3.20 6.00 -14.61
CA PRO B 4 -2.28 4.89 -14.81
C PRO B 4 -1.10 4.93 -13.84
N LEU B 5 -0.43 3.79 -13.68
CA LEU B 5 0.71 3.69 -12.78
C LEU B 5 1.72 2.66 -13.30
N THR B 6 2.99 3.05 -13.32
CA THR B 6 4.06 2.17 -13.78
C THR B 6 5.41 2.67 -13.35
N ALA B 7 6.43 1.82 -13.49
CA ALA B 7 7.79 2.19 -13.12
C ALA B 7 8.26 3.44 -13.86
N SER B 8 7.64 3.69 -15.01
CA SER B 8 7.99 4.85 -15.82
C SER B 8 7.32 6.11 -15.29
N MET B 9 6.11 5.96 -14.76
CA MET B 9 5.36 7.08 -14.21
C MET B 9 6.15 7.77 -13.10
N LEU B 10 6.62 7.00 -12.14
CA LEU B 10 7.40 7.54 -11.03
C LEU B 10 8.78 7.95 -11.49
N ALA B 11 9.23 7.39 -12.60
CA ALA B 11 10.55 7.70 -13.15
C ALA B 11 10.65 9.19 -13.49
N SER B 12 9.65 9.70 -14.20
CA SER B 12 9.64 11.11 -14.60
C SER B 12 8.83 11.94 -13.60
N ALA B 13 8.74 11.46 -12.37
CA ALA B 13 8.01 12.17 -11.32
C ALA B 13 8.86 12.37 -10.08
N PRO B 14 8.46 13.32 -9.23
CA PRO B 14 9.18 13.62 -7.99
C PRO B 14 9.05 12.52 -6.95
N PRO B 15 9.89 12.59 -5.90
CA PRO B 15 9.88 11.60 -4.82
C PRO B 15 8.62 11.68 -3.96
N GLN B 16 7.82 12.71 -4.20
CA GLN B 16 6.59 12.91 -3.45
C GLN B 16 5.38 12.37 -4.22
N GLU B 17 5.34 12.66 -5.50
CA GLU B 17 4.25 12.21 -6.36
C GLU B 17 4.25 10.69 -6.48
N GLN B 18 5.38 10.08 -6.16
CA GLN B 18 5.52 8.63 -6.24
C GLN B 18 4.46 7.93 -5.38
N LYS B 19 4.54 8.13 -4.07
CA LYS B 19 3.59 7.54 -3.15
C LYS B 19 2.16 7.97 -3.47
N GLN B 20 2.02 9.18 -4.01
CA GLN B 20 0.71 9.70 -4.37
C GLN B 20 0.03 8.82 -5.41
N MET B 21 0.60 8.77 -6.60
CA MET B 21 0.06 7.97 -7.69
C MET B 21 0.04 6.49 -7.31
N LEU B 22 1.21 5.97 -6.92
CA LEU B 22 1.32 4.57 -6.53
C LEU B 22 0.27 4.20 -5.49
N GLY B 23 0.31 4.86 -4.35
CA GLY B 23 -0.64 4.60 -3.29
C GLY B 23 -2.07 4.80 -3.74
N GLU B 24 -2.27 5.74 -4.65
CA GLU B 24 -3.61 6.04 -5.16
C GLU B 24 -4.17 4.85 -5.94
N ARG B 25 -3.35 4.28 -6.81
CA ARG B 25 -3.76 3.13 -7.61
C ARG B 25 -3.76 1.85 -6.77
N LEU B 26 -2.86 1.79 -5.80
CA LEU B 26 -2.75 0.62 -4.93
C LEU B 26 -3.88 0.60 -3.90
N PHE B 27 -4.39 1.78 -3.58
CA PHE B 27 -5.47 1.90 -2.60
C PHE B 27 -6.60 0.93 -2.94
N PRO B 28 -7.16 1.06 -4.15
CA PRO B 28 -8.26 0.21 -4.61
C PRO B 28 -7.80 -1.22 -4.88
N LEU B 29 -6.63 -1.37 -5.47
CA LEU B 29 -6.08 -2.69 -5.77
C LEU B 29 -6.10 -3.58 -4.53
N ILE B 30 -5.83 -2.99 -3.37
CA ILE B 30 -5.80 -3.72 -2.12
C ILE B 30 -7.22 -4.03 -1.64
N GLN B 31 -8.15 -3.11 -1.93
CA GLN B 31 -9.54 -3.29 -1.52
C GLN B 31 -10.11 -4.58 -2.10
N ALA B 32 -9.48 -5.09 -3.15
CA ALA B 32 -9.93 -6.32 -3.79
C ALA B 32 -10.08 -7.44 -2.78
N MET B 33 -9.20 -7.46 -1.78
CA MET B 33 -9.24 -8.48 -0.74
C MET B 33 -9.57 -7.86 0.62
N HIS B 34 -9.07 -6.64 0.85
CA HIS B 34 -9.31 -5.95 2.10
C HIS B 34 -9.81 -4.53 1.85
N PRO B 35 -11.08 -4.41 1.47
CA PRO B 35 -11.71 -3.10 1.18
C PRO B 35 -11.90 -2.27 2.45
N THR B 36 -11.63 -2.87 3.60
CA THR B 36 -11.77 -2.19 4.88
C THR B 36 -10.43 -1.69 5.39
N LEU B 37 -9.45 -2.59 5.44
CA LEU B 37 -8.11 -2.25 5.91
C LEU B 37 -7.22 -1.80 4.75
N ALA B 38 -7.85 -1.54 3.61
CA ALA B 38 -7.11 -1.09 2.43
C ALA B 38 -6.23 0.11 2.75
N GLY B 39 -6.83 1.15 3.32
CA GLY B 39 -6.08 2.34 3.66
C GLY B 39 -4.83 2.03 4.47
N LYS B 40 -5.01 1.25 5.53
CA LYS B 40 -3.89 0.87 6.39
C LYS B 40 -2.86 0.04 5.63
N ILE B 41 -3.34 -0.95 4.90
CA ILE B 41 -2.46 -1.82 4.12
C ILE B 41 -1.62 -1.00 3.15
N THR B 42 -2.28 -0.29 2.24
CA THR B 42 -1.60 0.53 1.25
C THR B 42 -0.68 1.54 1.94
N GLY B 43 -1.08 2.01 3.11
CA GLY B 43 -0.28 2.98 3.83
C GLY B 43 1.08 2.44 4.21
N MET B 44 1.09 1.37 5.00
CA MET B 44 2.34 0.75 5.43
C MET B 44 3.12 0.21 4.24
N LEU B 45 2.42 -0.44 3.32
CA LEU B 45 3.05 -1.00 2.12
C LEU B 45 3.69 0.09 1.28
N LEU B 46 3.12 1.29 1.35
CA LEU B 46 3.64 2.42 0.59
C LEU B 46 4.84 3.05 1.29
N GLU B 47 4.94 2.81 2.59
CA GLU B 47 6.04 3.36 3.39
C GLU B 47 7.32 2.57 3.16
N ILE B 48 7.27 1.27 3.41
CA ILE B 48 8.42 0.40 3.23
C ILE B 48 9.27 0.87 2.05
N ASP B 49 8.70 0.86 0.86
CA ASP B 49 9.41 1.29 -0.35
C ASP B 49 8.56 1.06 -1.59
N ASN B 50 8.15 2.14 -2.23
CA ASN B 50 7.33 2.06 -3.43
C ASN B 50 7.97 1.15 -4.47
N SER B 51 9.27 1.32 -4.67
CA SER B 51 10.01 0.52 -5.65
C SER B 51 9.74 -0.97 -5.42
N GLU B 52 9.81 -1.39 -4.16
CA GLU B 52 9.57 -2.79 -3.81
C GLU B 52 8.18 -3.23 -4.23
N LEU B 53 7.21 -2.35 -4.05
CA LEU B 53 5.82 -2.65 -4.42
C LEU B 53 5.69 -2.86 -5.92
N LEU B 54 6.42 -2.05 -6.69
CA LEU B 54 6.38 -2.15 -8.14
C LEU B 54 6.93 -3.49 -8.62
N HIS B 55 7.61 -4.20 -7.72
CA HIS B 55 8.18 -5.49 -8.05
C HIS B 55 7.43 -6.61 -7.33
N MET B 56 6.69 -6.25 -6.29
CA MET B 56 5.92 -7.22 -5.52
C MET B 56 4.51 -7.37 -6.08
N LEU B 57 3.96 -6.26 -6.56
CA LEU B 57 2.61 -6.27 -7.13
C LEU B 57 2.54 -7.13 -8.37
N GLU B 58 3.70 -7.53 -8.88
CA GLU B 58 3.78 -8.36 -10.08
C GLU B 58 3.87 -9.84 -9.71
N SER B 59 3.28 -10.19 -8.57
CA SER B 59 3.29 -11.57 -8.10
C SER B 59 2.26 -11.78 -6.99
N PRO B 60 1.61 -12.96 -7.02
CA PRO B 60 0.58 -13.30 -6.02
C PRO B 60 1.18 -13.55 -4.64
N GLU B 61 2.24 -14.36 -4.59
CA GLU B 61 2.89 -14.67 -3.33
C GLU B 61 3.43 -13.40 -2.66
N SER B 62 3.58 -12.34 -3.45
CA SER B 62 4.08 -11.07 -2.95
C SER B 62 2.93 -10.17 -2.50
N LEU B 63 1.98 -9.95 -3.41
CA LEU B 63 0.83 -9.10 -3.13
C LEU B 63 0.08 -9.62 -1.90
N ARG B 64 -0.40 -10.86 -1.98
CA ARG B 64 -1.14 -11.46 -0.88
C ARG B 64 -0.32 -11.41 0.42
N SER B 65 0.96 -11.72 0.31
CA SER B 65 1.85 -11.71 1.47
C SER B 65 1.80 -10.35 2.19
N LYS B 66 2.00 -9.28 1.43
CA LYS B 66 1.98 -7.94 1.98
C LYS B 66 0.64 -7.64 2.63
N VAL B 67 -0.43 -7.76 1.85
CA VAL B 67 -1.78 -7.50 2.36
C VAL B 67 -2.05 -8.27 3.65
N ASP B 68 -1.83 -9.58 3.60
CA ASP B 68 -2.03 -10.44 4.76
C ASP B 68 -1.21 -9.94 5.94
N GLU B 69 0.07 -9.67 5.70
CA GLU B 69 0.96 -9.20 6.75
C GLU B 69 0.43 -7.92 7.38
N ALA B 70 0.17 -6.92 6.55
CA ALA B 70 -0.35 -5.64 7.02
C ALA B 70 -1.57 -5.84 7.92
N VAL B 71 -2.61 -6.45 7.36
CA VAL B 71 -3.84 -6.70 8.11
C VAL B 71 -3.54 -7.39 9.43
N ALA B 72 -2.62 -8.35 9.41
CA ALA B 72 -2.24 -9.08 10.61
C ALA B 72 -1.67 -8.15 11.66
N VAL B 73 -0.85 -7.19 11.23
CA VAL B 73 -0.24 -6.24 12.14
C VAL B 73 -1.29 -5.35 12.79
N LEU B 74 -2.24 -4.89 12.00
CA LEU B 74 -3.31 -4.03 12.50
C LEU B 74 -4.04 -4.69 13.66
N GLN B 75 -4.29 -5.98 13.53
CA GLN B 75 -4.99 -6.74 14.57
C GLN B 75 -4.25 -6.62 15.91
N ALA B 76 -2.95 -6.33 15.84
CA ALA B 76 -2.14 -6.21 17.03
C ALA B 76 -2.56 -4.99 17.86
N HIS B 77 -3.12 -3.99 17.18
CA HIS B 77 -3.57 -2.77 17.85
C HIS B 77 -5.08 -2.59 17.68
N GLN B 78 -5.51 -2.31 16.45
CA GLN B 78 -6.92 -2.12 16.16
C GLN B 78 -7.16 -2.03 14.65
N ALA B 79 -8.22 -2.69 14.19
CA ALA B 79 -8.56 -2.68 12.77
C ALA B 79 -9.89 -1.99 12.53
N LYS B 80 -10.98 -2.68 12.86
CA LYS B 80 -12.32 -2.14 12.67
C LYS B 80 -13.04 -2.02 14.01
N GLU B 81 -12.27 -1.81 15.08
CA GLU B 81 -12.85 -1.68 16.41
C GLU B 81 -13.55 -2.97 16.83
N ALA B 82 -12.80 -4.07 16.82
CA ALA B 82 -13.34 -5.37 17.20
C ALA B 82 -12.37 -6.13 18.10
N ALA B 83 -11.10 -6.08 17.75
CA ALA B 83 -10.06 -6.77 18.53
C ALA B 83 -9.77 -6.02 19.83
N ALA A 1 11.85 -4.98 0.77
CA ALA A 1 10.86 -5.14 1.84
C ALA A 1 11.22 -6.30 2.75
N PHE A 2 10.37 -6.56 3.74
CA PHE A 2 10.60 -7.64 4.68
C PHE A 2 9.32 -8.44 4.92
N SER A 3 9.36 -9.73 4.58
CA SER A 3 8.20 -10.59 4.74
C SER A 3 8.05 -11.02 6.20
N ARG A 4 7.86 -10.05 7.08
CA ARG A 4 7.70 -10.32 8.50
C ARG A 4 6.90 -9.22 9.18
N GLN A 5 6.76 -9.32 10.51
CA GLN A 5 6.01 -8.33 11.27
C GLN A 5 6.49 -6.92 10.95
N LEU A 6 5.53 -6.05 10.63
CA LEU A 6 5.85 -4.66 10.30
C LEU A 6 5.32 -3.71 11.36
N ASN A 7 5.49 -2.42 11.12
CA ASN A 7 5.02 -1.40 12.06
C ASN A 7 3.69 -0.80 11.60
N VAL A 8 2.75 -0.68 12.54
CA VAL A 8 1.44 -0.12 12.24
C VAL A 8 1.44 1.39 12.39
N ASN A 9 2.42 1.92 13.11
CA ASN A 9 2.53 3.35 13.34
C ASN A 9 2.94 4.07 12.05
N ALA A 10 3.50 3.31 11.11
CA ALA A 10 3.93 3.88 9.84
C ALA A 10 2.82 4.68 9.18
N LYS A 11 3.05 5.97 9.00
CA LYS A 11 2.06 6.85 8.39
C LYS A 11 1.57 6.27 7.07
N PRO A 12 0.36 6.67 6.66
CA PRO A 12 -0.25 6.21 5.40
C PRO A 12 0.46 6.76 4.17
N PHE A 13 0.00 7.92 3.71
CA PHE A 13 0.59 8.56 2.53
C PHE A 13 0.00 9.95 2.32
N VAL A 14 0.32 10.55 1.17
CA VAL A 14 -0.18 11.88 0.85
C VAL A 14 -1.21 11.82 -0.28
N PRO A 15 -2.47 11.55 0.09
CA PRO A 15 -3.57 11.45 -0.87
C PRO A 15 -3.93 12.81 -1.46
N ASN A 16 -4.92 12.82 -2.35
CA ASN A 16 -5.38 14.05 -2.99
C ASN A 16 -6.79 14.41 -2.55
N VAL A 17 -7.18 13.95 -1.37
CA VAL A 17 -8.51 14.22 -0.84
C VAL A 17 -8.49 15.41 0.12
N HIS A 18 -9.22 16.46 -0.25
CA HIS A 18 -9.29 17.65 0.57
C HIS A 18 -10.72 17.94 1.02
N ALA A 19 -11.53 16.89 1.10
CA ALA A 19 -12.92 17.03 1.51
C ALA A 19 -13.31 15.94 2.51
N GLY B 1 -9.26 -3.45 -11.14
CA GLY B 1 -9.36 -2.61 -12.31
C GLY B 1 -8.31 -2.94 -13.36
N GLN B 2 -8.62 -2.64 -14.62
CA GLN B 2 -7.69 -2.91 -15.71
C GLN B 2 -6.87 -1.67 -16.05
N GLU B 3 -6.12 -1.18 -15.07
CA GLU B 3 -5.28 0.00 -15.27
C GLU B 3 -4.09 -0.01 -14.32
N PRO B 4 -3.14 -0.91 -14.58
CA PRO B 4 -1.93 -1.04 -13.76
C PRO B 4 -0.99 0.14 -13.93
N LEU B 5 -0.05 0.28 -12.98
CA LEU B 5 0.91 1.38 -13.03
C LEU B 5 2.18 0.97 -13.78
N THR B 6 3.11 1.91 -13.93
CA THR B 6 4.36 1.63 -14.63
C THR B 6 5.53 2.37 -13.97
N ALA B 7 6.67 1.71 -13.91
CA ALA B 7 7.86 2.30 -13.31
C ALA B 7 8.22 3.62 -13.98
N SER B 8 7.79 3.78 -15.24
CA SER B 8 8.08 4.99 -15.99
C SER B 8 7.36 6.20 -15.37
N MET B 9 6.10 6.01 -14.99
CA MET B 9 5.32 7.07 -14.38
C MET B 9 6.05 7.68 -13.19
N LEU B 10 6.60 6.81 -12.34
CA LEU B 10 7.33 7.27 -11.16
C LEU B 10 8.77 7.65 -11.52
N ALA B 11 9.26 7.10 -12.63
CA ALA B 11 10.62 7.39 -13.09
C ALA B 11 10.77 8.85 -13.48
N SER B 12 9.80 9.35 -14.25
CA SER B 12 9.82 10.74 -14.71
C SER B 12 8.98 11.62 -13.79
N ALA B 13 8.85 11.21 -12.53
CA ALA B 13 8.08 11.96 -11.56
C ALA B 13 8.90 12.24 -10.30
N PRO B 14 8.46 13.24 -9.51
CA PRO B 14 9.13 13.63 -8.27
C PRO B 14 9.00 12.57 -7.18
N PRO B 15 9.79 12.72 -6.10
CA PRO B 15 9.76 11.79 -4.97
C PRO B 15 8.47 11.89 -4.16
N GLN B 16 7.66 12.89 -4.47
CA GLN B 16 6.39 13.09 -3.78
C GLN B 16 5.24 12.48 -4.55
N GLU B 17 5.23 12.69 -5.86
CA GLU B 17 4.18 12.15 -6.71
C GLU B 17 4.16 10.62 -6.66
N GLN B 18 5.31 10.04 -6.35
CA GLN B 18 5.43 8.59 -6.26
C GLN B 18 4.40 8.01 -5.29
N LYS B 19 4.61 8.25 -4.00
CA LYS B 19 3.71 7.76 -2.97
C LYS B 19 2.26 8.15 -3.28
N GLN B 20 2.10 9.31 -3.90
CA GLN B 20 0.77 9.80 -4.25
C GLN B 20 0.10 8.89 -5.27
N MET B 21 0.62 8.89 -6.50
CA MET B 21 0.07 8.05 -7.55
C MET B 21 0.05 6.59 -7.14
N LEU B 22 1.21 6.08 -6.75
CA LEU B 22 1.33 4.68 -6.33
C LEU B 22 0.29 4.35 -5.27
N GLY B 23 0.34 5.05 -4.15
CA GLY B 23 -0.60 4.82 -3.07
C GLY B 23 -2.04 4.93 -3.53
N GLU B 24 -2.33 5.96 -4.33
CA GLU B 24 -3.68 6.18 -4.83
C GLU B 24 -4.18 4.96 -5.59
N ARG B 25 -3.36 4.44 -6.50
CA ARG B 25 -3.73 3.28 -7.29
C ARG B 25 -3.69 2.01 -6.43
N LEU B 26 -2.89 2.04 -5.38
CA LEU B 26 -2.76 0.90 -4.49
C LEU B 26 -3.99 0.78 -3.57
N PHE B 27 -4.62 1.91 -3.31
CA PHE B 27 -5.81 1.94 -2.47
C PHE B 27 -6.81 0.87 -2.89
N PRO B 28 -7.26 0.94 -4.15
CA PRO B 28 -8.22 0.00 -4.71
C PRO B 28 -7.62 -1.40 -4.90
N LEU B 29 -6.35 -1.44 -5.29
CA LEU B 29 -5.66 -2.71 -5.51
C LEU B 29 -5.81 -3.62 -4.29
N ILE B 30 -5.61 -3.04 -3.10
CA ILE B 30 -5.72 -3.80 -1.86
C ILE B 30 -7.18 -4.08 -1.52
N GLN B 31 -8.06 -3.15 -1.86
CA GLN B 31 -9.48 -3.29 -1.59
C GLN B 31 -10.04 -4.55 -2.25
N ALA B 32 -9.32 -5.06 -3.25
CA ALA B 32 -9.73 -6.26 -3.96
C ALA B 32 -9.91 -7.43 -3.00
N MET B 33 -9.23 -7.37 -1.87
CA MET B 33 -9.31 -8.43 -0.86
C MET B 33 -9.64 -7.86 0.51
N HIS B 34 -9.06 -6.70 0.81
CA HIS B 34 -9.29 -6.05 2.10
C HIS B 34 -9.76 -4.60 1.90
N PRO B 35 -11.03 -4.45 1.47
CA PRO B 35 -11.61 -3.13 1.24
C PRO B 35 -11.86 -2.36 2.52
N THR B 36 -11.63 -3.02 3.66
CA THR B 36 -11.82 -2.40 4.96
C THR B 36 -10.51 -1.81 5.49
N LEU B 37 -9.48 -2.64 5.54
CA LEU B 37 -8.18 -2.21 6.03
C LEU B 37 -7.29 -1.75 4.87
N ALA B 38 -7.92 -1.44 3.73
CA ALA B 38 -7.19 -0.99 2.56
C ALA B 38 -6.29 0.19 2.89
N GLY B 39 -6.87 1.22 3.50
CA GLY B 39 -6.10 2.40 3.87
C GLY B 39 -4.87 2.06 4.68
N LYS B 40 -5.05 1.28 5.74
CA LYS B 40 -3.94 0.89 6.60
C LYS B 40 -2.92 0.05 5.82
N ILE B 41 -3.42 -0.93 5.07
CA ILE B 41 -2.55 -1.79 4.28
C ILE B 41 -1.69 -0.98 3.31
N THR B 42 -2.36 -0.26 2.41
CA THR B 42 -1.65 0.56 1.43
C THR B 42 -0.71 1.55 2.11
N GLY B 43 -1.11 2.02 3.29
CA GLY B 43 -0.28 2.96 4.02
C GLY B 43 1.06 2.39 4.39
N MET B 44 1.07 1.31 5.16
CA MET B 44 2.30 0.66 5.58
C MET B 44 3.06 0.11 4.38
N LEU B 45 2.33 -0.50 3.45
CA LEU B 45 2.94 -1.07 2.25
C LEU B 45 3.59 0.02 1.41
N LEU B 46 3.08 1.24 1.51
CA LEU B 46 3.61 2.37 0.76
C LEU B 46 4.82 2.97 1.47
N GLU B 47 4.93 2.72 2.76
CA GLU B 47 6.04 3.24 3.56
C GLU B 47 7.30 2.43 3.32
N ILE B 48 7.21 1.11 3.51
CA ILE B 48 8.36 0.24 3.31
C ILE B 48 9.25 0.73 2.19
N ASP B 49 8.70 0.81 0.98
CA ASP B 49 9.45 1.28 -0.18
C ASP B 49 8.62 1.16 -1.45
N ASN B 50 8.17 2.29 -1.96
CA ASN B 50 7.36 2.31 -3.18
C ASN B 50 8.04 1.53 -4.30
N SER B 51 9.34 1.75 -4.46
CA SER B 51 10.11 1.07 -5.50
C SER B 51 9.89 -0.45 -5.43
N GLU B 52 9.90 -0.98 -4.22
CA GLU B 52 9.70 -2.41 -4.01
C GLU B 52 8.31 -2.84 -4.48
N LEU B 53 7.33 -1.99 -4.26
CA LEU B 53 5.96 -2.27 -4.65
C LEU B 53 5.82 -2.28 -6.17
N LEU B 54 6.56 -1.39 -6.83
CA LEU B 54 6.53 -1.29 -8.28
C LEU B 54 6.99 -2.60 -8.93
N HIS B 55 7.64 -3.45 -8.14
CA HIS B 55 8.13 -4.73 -8.63
C HIS B 55 7.48 -5.88 -7.88
N MET B 56 6.82 -5.56 -6.77
CA MET B 56 6.15 -6.58 -5.96
C MET B 56 4.73 -6.81 -6.46
N LEU B 57 4.18 -5.83 -7.17
CA LEU B 57 2.82 -5.93 -7.70
C LEU B 57 2.76 -6.95 -8.85
N GLU B 58 3.93 -7.44 -9.25
CA GLU B 58 4.01 -8.41 -10.33
C GLU B 58 3.99 -9.84 -9.79
N SER B 59 4.14 -9.97 -8.47
CA SER B 59 4.15 -11.27 -7.82
C SER B 59 2.82 -11.54 -7.10
N PRO B 60 2.19 -12.67 -7.43
CA PRO B 60 0.91 -13.06 -6.82
C PRO B 60 1.06 -13.45 -5.36
N GLU B 61 2.05 -14.30 -5.07
CA GLU B 61 2.29 -14.75 -3.71
C GLU B 61 2.79 -13.60 -2.84
N SER B 62 3.27 -12.55 -3.48
CA SER B 62 3.79 -11.38 -2.77
C SER B 62 2.65 -10.44 -2.39
N LEU B 63 1.83 -10.08 -3.36
CA LEU B 63 0.72 -9.18 -3.13
C LEU B 63 -0.13 -9.65 -1.95
N ARG B 64 -0.72 -10.84 -2.10
CA ARG B 64 -1.56 -11.40 -1.04
C ARG B 64 -0.80 -11.44 0.29
N SER B 65 0.45 -11.86 0.24
CA SER B 65 1.28 -11.94 1.45
C SER B 65 1.36 -10.58 2.14
N LYS B 66 1.75 -9.55 1.38
CA LYS B 66 1.86 -8.21 1.93
C LYS B 66 0.57 -7.79 2.62
N VAL B 67 -0.54 -7.87 1.89
CA VAL B 67 -1.84 -7.51 2.44
C VAL B 67 -2.14 -8.27 3.72
N ASP B 68 -1.97 -9.58 3.67
CA ASP B 68 -2.22 -10.44 4.83
C ASP B 68 -1.40 -9.97 6.03
N GLU B 69 -0.10 -9.82 5.82
CA GLU B 69 0.80 -9.39 6.88
C GLU B 69 0.32 -8.08 7.51
N ALA B 70 0.11 -7.08 6.66
CA ALA B 70 -0.36 -5.77 7.12
C ALA B 70 -1.58 -5.91 8.00
N VAL B 71 -2.65 -6.47 7.46
CA VAL B 71 -3.89 -6.66 8.20
C VAL B 71 -3.63 -7.32 9.55
N ALA B 72 -2.75 -8.32 9.55
CA ALA B 72 -2.40 -9.04 10.77
C ALA B 72 -1.81 -8.10 11.80
N VAL B 73 -0.94 -7.19 11.36
CA VAL B 73 -0.30 -6.23 12.24
C VAL B 73 -1.34 -5.30 12.88
N LEU B 74 -2.26 -4.80 12.06
CA LEU B 74 -3.30 -3.90 12.53
C LEU B 74 -4.09 -4.53 13.69
N GLN B 75 -4.25 -5.85 13.62
CA GLN B 75 -4.98 -6.57 14.66
C GLN B 75 -4.28 -6.45 16.01
N ALA B 76 -3.01 -6.05 15.97
CA ALA B 76 -2.22 -5.90 17.19
C ALA B 76 -2.40 -4.52 17.78
N HIS B 77 -2.66 -3.52 16.92
CA HIS B 77 -2.86 -2.15 17.38
C HIS B 77 -4.29 -1.69 17.11
N GLN B 78 -4.57 -1.40 15.84
CA GLN B 78 -5.91 -0.94 15.44
C GLN B 78 -6.17 -1.26 13.98
N ALA B 79 -7.26 -1.98 13.72
CA ALA B 79 -7.63 -2.34 12.35
C ALA B 79 -9.00 -1.78 11.98
N LYS B 80 -10.05 -2.40 12.51
CA LYS B 80 -11.41 -1.96 12.24
C LYS B 80 -12.21 -1.84 13.52
N GLU B 81 -11.62 -1.20 14.53
CA GLU B 81 -12.28 -1.01 15.82
C GLU B 81 -13.61 -0.31 15.64
N ALA B 82 -13.74 0.46 14.56
CA ALA B 82 -14.96 1.19 14.29
C ALA B 82 -15.37 2.07 15.46
N ALA B 83 -14.46 2.93 15.90
CA ALA B 83 -14.72 3.82 17.03
C ALA B 83 -14.18 5.21 16.75
N ALA A 1 8.37 -4.68 3.66
CA ALA A 1 8.90 -5.93 4.20
C ALA A 1 10.37 -5.79 4.53
N PHE A 2 10.70 -5.88 5.81
CA PHE A 2 12.09 -5.77 6.25
C PHE A 2 12.65 -7.13 6.67
N SER A 3 12.07 -7.71 7.72
CA SER A 3 12.50 -9.01 8.21
C SER A 3 11.33 -9.98 8.27
N ARG A 4 10.25 -9.57 8.93
CA ARG A 4 9.07 -10.40 9.06
C ARG A 4 7.83 -9.55 9.29
N GLN A 5 7.69 -9.00 10.49
CA GLN A 5 6.55 -8.16 10.84
C GLN A 5 6.87 -6.69 10.62
N LEU A 6 5.83 -5.86 10.57
CA LEU A 6 6.00 -4.43 10.36
C LEU A 6 5.31 -3.64 11.46
N ASN A 7 5.32 -2.31 11.34
CA ASN A 7 4.68 -1.44 12.32
C ASN A 7 3.41 -0.82 11.76
N VAL A 8 2.37 -0.75 12.59
CA VAL A 8 1.10 -0.18 12.17
C VAL A 8 1.07 1.33 12.42
N ASN A 9 2.07 1.82 13.15
CA ASN A 9 2.16 3.24 13.46
C ASN A 9 2.70 4.03 12.27
N ALA A 10 3.05 3.31 11.21
CA ALA A 10 3.59 3.94 10.01
C ALA A 10 2.51 4.76 9.30
N LYS A 11 2.79 6.06 9.12
CA LYS A 11 1.85 6.95 8.46
C LYS A 11 1.41 6.39 7.12
N PRO A 12 0.22 6.79 6.66
CA PRO A 12 -0.34 6.34 5.38
C PRO A 12 0.42 6.90 4.19
N PHE A 13 -0.01 8.07 3.70
CA PHE A 13 0.63 8.70 2.56
C PHE A 13 0.08 10.10 2.34
N VAL A 14 0.44 10.70 1.21
CA VAL A 14 -0.04 12.04 0.87
C VAL A 14 -1.02 12.00 -0.29
N PRO A 15 -2.29 11.73 0.02
CA PRO A 15 -3.35 11.66 -0.98
C PRO A 15 -3.70 13.02 -1.57
N ASN A 16 -4.69 13.05 -2.45
CA ASN A 16 -5.11 14.31 -3.08
C ASN A 16 -6.42 14.79 -2.48
N VAL A 17 -6.64 14.50 -1.21
CA VAL A 17 -7.86 14.91 -0.52
C VAL A 17 -7.67 16.27 0.14
N HIS A 18 -7.91 17.33 -0.62
CA HIS A 18 -7.77 18.69 -0.10
C HIS A 18 -9.14 19.31 0.15
N ALA A 19 -10.12 18.90 -0.63
CA ALA A 19 -11.48 19.42 -0.49
C ALA A 19 -12.19 18.81 0.71
N GLY B 1 -10.27 -0.98 -16.14
CA GLY B 1 -10.18 0.22 -16.96
C GLY B 1 -9.23 0.05 -18.14
N GLN B 2 -8.76 1.16 -18.67
CA GLN B 2 -7.84 1.14 -19.81
C GLN B 2 -6.65 2.07 -19.57
N GLU B 3 -6.12 2.05 -18.35
CA GLU B 3 -4.98 2.89 -18.01
C GLU B 3 -4.32 2.40 -16.73
N PRO B 4 -3.67 1.23 -16.82
CA PRO B 4 -2.98 0.61 -15.68
C PRO B 4 -1.72 1.39 -15.28
N LEU B 5 -1.25 1.16 -14.07
CA LEU B 5 -0.05 1.83 -13.57
C LEU B 5 1.20 1.27 -14.23
N THR B 6 2.22 2.11 -14.36
CA THR B 6 3.48 1.70 -14.98
C THR B 6 4.67 2.25 -14.22
N ALA B 7 5.75 1.47 -14.15
CA ALA B 7 6.95 1.88 -13.45
C ALA B 7 7.46 3.22 -13.97
N SER B 8 7.13 3.52 -15.23
CA SER B 8 7.56 4.76 -15.85
C SER B 8 6.96 5.97 -15.13
N MET B 9 5.70 5.83 -14.71
CA MET B 9 5.01 6.91 -14.00
C MET B 9 5.73 7.24 -12.69
N LEU B 10 6.41 6.25 -12.12
CA LEU B 10 7.14 6.44 -10.87
C LEU B 10 8.56 6.92 -11.13
N ALA B 11 9.21 6.30 -12.11
CA ALA B 11 10.58 6.67 -12.46
C ALA B 11 10.64 8.09 -13.01
N SER B 12 9.64 8.45 -13.82
CA SER B 12 9.59 9.78 -14.41
C SER B 12 8.76 10.72 -13.57
N ALA B 13 8.91 10.62 -12.25
CA ALA B 13 8.16 11.46 -11.32
C ALA B 13 8.99 11.78 -10.08
N PRO B 14 8.60 12.85 -9.37
CA PRO B 14 9.30 13.28 -8.16
C PRO B 14 9.10 12.31 -7.00
N PRO B 15 9.88 12.51 -5.93
CA PRO B 15 9.82 11.65 -4.74
C PRO B 15 8.53 11.87 -3.95
N GLN B 16 7.76 12.87 -4.33
CA GLN B 16 6.51 13.18 -3.67
C GLN B 16 5.33 12.57 -4.41
N GLU B 17 5.36 12.67 -5.74
CA GLU B 17 4.29 12.13 -6.57
C GLU B 17 4.27 10.61 -6.52
N GLN B 18 5.42 10.03 -6.19
CA GLN B 18 5.54 8.57 -6.11
C GLN B 18 4.44 7.98 -5.22
N LYS B 19 4.55 8.24 -3.92
CA LYS B 19 3.57 7.73 -2.96
C LYS B 19 2.16 8.21 -3.33
N GLN B 20 2.08 9.39 -3.94
CA GLN B 20 0.79 9.95 -4.34
C GLN B 20 0.10 9.05 -5.36
N MET B 21 0.72 8.90 -6.52
CA MET B 21 0.16 8.07 -7.59
C MET B 21 0.15 6.59 -7.18
N LEU B 22 1.33 6.07 -6.84
CA LEU B 22 1.46 4.69 -6.43
C LEU B 22 0.47 4.34 -5.31
N GLY B 23 0.51 5.13 -4.24
CA GLY B 23 -0.39 4.90 -3.13
C GLY B 23 -1.84 4.98 -3.52
N GLU B 24 -2.21 6.05 -4.23
CA GLU B 24 -3.58 6.23 -4.67
C GLU B 24 -4.05 5.06 -5.53
N ARG B 25 -3.15 4.55 -6.37
CA ARG B 25 -3.46 3.43 -7.24
C ARG B 25 -3.49 2.13 -6.46
N LEU B 26 -2.68 2.05 -5.41
CA LEU B 26 -2.61 0.86 -4.57
C LEU B 26 -3.82 0.77 -3.65
N PHE B 27 -4.41 1.92 -3.35
CA PHE B 27 -5.57 1.97 -2.47
C PHE B 27 -6.64 0.97 -2.92
N PRO B 28 -7.08 1.11 -4.18
CA PRO B 28 -8.10 0.23 -4.76
C PRO B 28 -7.58 -1.19 -5.00
N LEU B 29 -6.35 -1.27 -5.51
CA LEU B 29 -5.73 -2.56 -5.79
C LEU B 29 -5.79 -3.48 -4.57
N ILE B 30 -5.65 -2.88 -3.38
CA ILE B 30 -5.69 -3.64 -2.14
C ILE B 30 -7.13 -4.00 -1.77
N GLN B 31 -8.07 -3.13 -2.13
CA GLN B 31 -9.47 -3.37 -1.84
C GLN B 31 -9.96 -4.67 -2.46
N ALA B 32 -9.22 -5.15 -3.46
CA ALA B 32 -9.57 -6.38 -4.14
C ALA B 32 -9.70 -7.53 -3.15
N MET B 33 -9.03 -7.41 -2.00
CA MET B 33 -9.08 -8.44 -0.97
C MET B 33 -9.46 -7.85 0.38
N HIS B 34 -8.88 -6.70 0.68
CA HIS B 34 -9.14 -6.02 1.95
C HIS B 34 -9.67 -4.61 1.71
N PRO B 35 -10.94 -4.51 1.29
CA PRO B 35 -11.58 -3.22 1.01
C PRO B 35 -11.84 -2.42 2.28
N THR B 36 -11.58 -3.03 3.43
CA THR B 36 -11.78 -2.37 4.72
C THR B 36 -10.48 -1.78 5.24
N LEU B 37 -9.44 -2.59 5.32
CA LEU B 37 -8.14 -2.14 5.80
C LEU B 37 -7.27 -1.66 4.64
N ALA B 38 -7.91 -1.40 3.50
CA ALA B 38 -7.19 -0.92 2.32
C ALA B 38 -6.34 0.30 2.65
N GLY B 39 -6.87 1.17 3.52
CA GLY B 39 -6.15 2.36 3.90
C GLY B 39 -4.89 2.06 4.69
N LYS B 40 -5.04 1.29 5.76
CA LYS B 40 -3.91 0.92 6.60
C LYS B 40 -2.89 0.09 5.82
N ILE B 41 -3.39 -0.85 5.03
CA ILE B 41 -2.52 -1.71 4.23
C ILE B 41 -1.67 -0.89 3.27
N THR B 42 -2.33 -0.14 2.39
CA THR B 42 -1.63 0.70 1.42
C THR B 42 -0.70 1.68 2.11
N GLY B 43 -1.09 2.13 3.30
CA GLY B 43 -0.28 3.06 4.05
C GLY B 43 1.07 2.49 4.42
N MET B 44 1.06 1.41 5.17
CA MET B 44 2.30 0.76 5.60
C MET B 44 3.09 0.26 4.41
N LEU B 45 2.39 -0.36 3.46
CA LEU B 45 3.04 -0.89 2.26
C LEU B 45 3.70 0.23 1.46
N LEU B 46 3.12 1.42 1.53
CA LEU B 46 3.66 2.57 0.82
C LEU B 46 4.83 3.20 1.58
N GLU B 47 4.91 2.90 2.87
CA GLU B 47 5.99 3.43 3.71
C GLU B 47 7.28 2.66 3.48
N ILE B 48 7.24 1.35 3.69
CA ILE B 48 8.41 0.50 3.49
C ILE B 48 9.28 1.01 2.35
N ASP B 49 8.70 1.02 1.14
CA ASP B 49 9.41 1.48 -0.03
C ASP B 49 8.57 1.29 -1.30
N ASN B 50 8.15 2.40 -1.89
CA ASN B 50 7.33 2.36 -3.09
C ASN B 50 7.99 1.49 -4.17
N SER B 51 9.27 1.72 -4.40
CA SER B 51 10.02 0.97 -5.40
C SER B 51 9.84 -0.53 -5.19
N GLU B 52 9.88 -0.96 -3.94
CA GLU B 52 9.73 -2.37 -3.60
C GLU B 52 8.34 -2.88 -4.03
N LEU B 53 7.34 -2.03 -3.88
CA LEU B 53 5.97 -2.39 -4.26
C LEU B 53 5.84 -2.55 -5.77
N LEU B 54 6.50 -1.67 -6.51
CA LEU B 54 6.46 -1.71 -7.97
C LEU B 54 6.93 -3.07 -8.48
N HIS B 55 7.69 -3.78 -7.65
CA HIS B 55 8.20 -5.10 -8.02
C HIS B 55 7.45 -6.20 -7.29
N MET B 56 6.87 -5.85 -6.15
CA MET B 56 6.11 -6.81 -5.35
C MET B 56 4.78 -7.15 -6.01
N LEU B 57 4.06 -6.11 -6.43
CA LEU B 57 2.77 -6.29 -7.08
C LEU B 57 2.91 -7.06 -8.38
N GLU B 58 4.14 -7.18 -8.86
CA GLU B 58 4.42 -7.90 -10.11
C GLU B 58 4.16 -9.39 -9.94
N SER B 59 4.08 -9.83 -8.69
CA SER B 59 3.83 -11.24 -8.39
C SER B 59 2.61 -11.41 -7.50
N PRO B 60 1.86 -12.49 -7.74
CA PRO B 60 0.65 -12.79 -6.97
C PRO B 60 0.96 -13.20 -5.52
N GLU B 61 1.91 -14.11 -5.36
CA GLU B 61 2.30 -14.58 -4.04
C GLU B 61 2.89 -13.44 -3.22
N SER B 62 3.29 -12.38 -3.89
CA SER B 62 3.89 -11.22 -3.23
C SER B 62 2.80 -10.26 -2.76
N LEU B 63 1.95 -9.82 -3.69
CA LEU B 63 0.88 -8.90 -3.37
C LEU B 63 0.04 -9.41 -2.20
N ARG B 64 -0.59 -10.57 -2.39
CA ARG B 64 -1.41 -11.16 -1.35
C ARG B 64 -0.64 -11.28 -0.04
N SER B 65 0.61 -11.70 -0.14
CA SER B 65 1.47 -11.85 1.04
C SER B 65 1.54 -10.55 1.82
N LYS B 66 1.89 -9.47 1.14
CA LYS B 66 2.01 -8.16 1.76
C LYS B 66 0.70 -7.78 2.47
N VAL B 67 -0.39 -7.81 1.73
CA VAL B 67 -1.69 -7.47 2.30
C VAL B 67 -1.97 -8.26 3.58
N ASP B 68 -1.74 -9.57 3.52
CA ASP B 68 -1.96 -10.42 4.68
C ASP B 68 -1.16 -9.94 5.88
N GLU B 69 0.15 -9.76 5.68
CA GLU B 69 1.03 -9.31 6.74
C GLU B 69 0.51 -8.01 7.36
N ALA B 70 0.26 -7.02 6.51
CA ALA B 70 -0.25 -5.73 6.97
C ALA B 70 -1.47 -5.90 7.87
N VAL B 71 -2.52 -6.51 7.32
CA VAL B 71 -3.74 -6.74 8.09
C VAL B 71 -3.44 -7.39 9.43
N ALA B 72 -2.53 -8.36 9.42
CA ALA B 72 -2.16 -9.06 10.65
C ALA B 72 -1.57 -8.09 11.67
N VAL B 73 -0.76 -7.16 11.20
CA VAL B 73 -0.13 -6.17 12.08
C VAL B 73 -1.17 -5.26 12.70
N LEU B 74 -2.17 -4.88 11.91
CA LEU B 74 -3.24 -4.00 12.38
C LEU B 74 -3.84 -4.52 13.68
N GLN B 75 -3.82 -5.84 13.84
CA GLN B 75 -4.36 -6.47 15.03
C GLN B 75 -3.78 -5.84 16.30
N ALA B 76 -2.50 -5.51 16.26
CA ALA B 76 -1.83 -4.90 17.39
C ALA B 76 -2.51 -3.58 17.79
N HIS B 77 -3.04 -2.88 16.79
CA HIS B 77 -3.72 -1.60 17.04
C HIS B 77 -5.23 -1.82 17.18
N GLN B 78 -5.89 -2.10 16.06
CA GLN B 78 -7.33 -2.32 16.04
C GLN B 78 -7.78 -2.94 14.72
N ALA B 79 -8.81 -3.77 14.80
CA ALA B 79 -9.34 -4.43 13.61
C ALA B 79 -10.77 -3.99 13.32
N LYS B 80 -10.93 -2.76 12.84
CA LYS B 80 -12.24 -2.22 12.53
C LYS B 80 -13.14 -2.22 13.77
N GLU B 81 -12.52 -2.16 14.95
CA GLU B 81 -13.26 -2.15 16.20
C GLU B 81 -14.12 -3.40 16.33
N ALA B 82 -13.57 -4.54 15.89
CA ALA B 82 -14.29 -5.81 15.96
C ALA B 82 -13.32 -6.98 15.93
N ALA B 83 -13.14 -7.63 17.08
CA ALA B 83 -12.24 -8.77 17.18
C ALA B 83 -12.62 -9.85 16.17
N ALA A 1 12.19 -6.41 1.21
CA ALA A 1 10.92 -6.25 1.88
C ALA A 1 10.98 -6.74 3.33
N PHE A 2 9.82 -6.84 3.97
CA PHE A 2 9.76 -7.29 5.36
C PHE A 2 9.88 -8.81 5.43
N SER A 3 10.47 -9.30 6.52
CA SER A 3 10.65 -10.73 6.72
C SER A 3 9.90 -11.20 7.96
N ARG A 4 9.45 -10.26 8.77
CA ARG A 4 8.71 -10.58 9.99
C ARG A 4 7.62 -9.56 10.26
N GLN A 5 6.96 -9.68 11.40
CA GLN A 5 5.89 -8.76 11.76
C GLN A 5 6.35 -7.32 11.64
N LEU A 6 5.43 -6.45 11.22
CA LEU A 6 5.74 -5.03 11.04
C LEU A 6 5.00 -4.18 12.07
N ASN A 7 5.13 -2.86 11.95
CA ASN A 7 4.47 -1.95 12.86
C ASN A 7 3.34 -1.20 12.17
N VAL A 8 2.21 -1.07 12.86
CA VAL A 8 1.05 -0.37 12.30
C VAL A 8 1.15 1.13 12.52
N ASN A 9 2.12 1.54 13.34
CA ASN A 9 2.33 2.95 13.63
C ASN A 9 2.88 3.69 12.40
N ALA A 10 3.28 2.92 11.40
CA ALA A 10 3.82 3.50 10.17
C ALA A 10 2.79 4.40 9.49
N LYS A 11 3.15 5.66 9.28
CA LYS A 11 2.27 6.62 8.64
C LYS A 11 1.72 6.06 7.33
N PRO A 12 0.57 6.61 6.89
CA PRO A 12 -0.07 6.17 5.64
C PRO A 12 0.71 6.59 4.41
N PHE A 13 0.42 7.79 3.90
CA PHE A 13 1.10 8.31 2.72
C PHE A 13 0.71 9.77 2.47
N VAL A 14 1.09 10.28 1.30
CA VAL A 14 0.78 11.65 0.93
C VAL A 14 -0.25 11.71 -0.18
N PRO A 15 -1.53 11.60 0.20
CA PRO A 15 -2.65 11.64 -0.75
C PRO A 15 -2.84 13.03 -1.36
N ASN A 16 -3.80 13.14 -2.27
CA ASN A 16 -4.09 14.41 -2.93
C ASN A 16 -5.52 14.86 -2.65
N VAL A 17 -6.04 14.48 -1.48
CA VAL A 17 -7.39 14.84 -1.10
C VAL A 17 -7.58 14.69 0.41
N HIS A 18 -8.20 15.69 1.02
CA HIS A 18 -8.45 15.68 2.46
C HIS A 18 -9.94 15.46 2.75
N ALA A 19 -10.62 14.80 1.82
CA ALA A 19 -12.05 14.53 1.97
C ALA A 19 -12.29 13.05 2.25
N GLY B 1 -10.15 1.59 -18.34
CA GLY B 1 -9.35 2.02 -19.47
C GLY B 1 -8.22 1.05 -19.76
N GLN B 2 -7.33 1.44 -20.68
CA GLN B 2 -6.21 0.61 -21.06
C GLN B 2 -4.89 1.29 -20.74
N GLU B 3 -4.81 1.89 -19.56
CA GLU B 3 -3.59 2.59 -19.14
C GLU B 3 -3.34 2.39 -17.65
N PRO B 4 -3.00 1.15 -17.26
CA PRO B 4 -2.73 0.81 -15.87
C PRO B 4 -1.44 1.42 -15.36
N LEU B 5 -1.10 1.13 -14.10
CA LEU B 5 0.12 1.67 -13.49
C LEU B 5 1.36 1.22 -14.27
N THR B 6 2.34 2.10 -14.35
CA THR B 6 3.58 1.81 -15.07
C THR B 6 4.78 2.48 -14.40
N ALA B 7 5.92 1.80 -14.43
CA ALA B 7 7.13 2.33 -13.83
C ALA B 7 7.56 3.63 -14.50
N SER B 8 7.20 3.77 -15.78
CA SER B 8 7.55 4.98 -16.54
C SER B 8 7.07 6.23 -15.82
N MET B 9 5.90 6.13 -15.18
CA MET B 9 5.34 7.27 -14.45
C MET B 9 6.28 7.72 -13.34
N LEU B 10 6.41 6.90 -12.30
CA LEU B 10 7.27 7.21 -11.18
C LEU B 10 8.70 7.47 -11.64
N ALA B 11 9.06 6.89 -12.78
CA ALA B 11 10.40 7.07 -13.33
C ALA B 11 10.66 8.52 -13.69
N SER B 12 9.76 9.11 -14.46
CA SER B 12 9.89 10.50 -14.88
C SER B 12 9.09 11.43 -13.97
N ALA B 13 8.86 10.98 -12.74
CA ALA B 13 8.11 11.77 -11.76
C ALA B 13 8.95 12.04 -10.51
N PRO B 14 8.54 13.06 -9.75
CA PRO B 14 9.23 13.44 -8.51
C PRO B 14 9.07 12.42 -7.40
N PRO B 15 9.86 12.56 -6.34
CA PRO B 15 9.82 11.64 -5.19
C PRO B 15 8.54 11.80 -4.37
N GLN B 16 7.77 12.83 -4.70
CA GLN B 16 6.52 13.09 -3.99
C GLN B 16 5.34 12.48 -4.73
N GLU B 17 5.30 12.68 -6.04
CA GLU B 17 4.22 12.15 -6.86
C GLU B 17 4.19 10.62 -6.81
N GLN B 18 5.33 10.03 -6.48
CA GLN B 18 5.44 8.58 -6.40
C GLN B 18 4.40 8.02 -5.43
N LYS B 19 4.59 8.28 -4.14
CA LYS B 19 3.66 7.79 -3.13
C LYS B 19 2.24 8.22 -3.43
N GLN B 20 2.09 9.39 -4.06
CA GLN B 20 0.78 9.91 -4.41
C GLN B 20 0.09 9.00 -5.43
N MET B 21 0.65 8.94 -6.63
CA MET B 21 0.09 8.12 -7.69
C MET B 21 0.07 6.65 -7.28
N LEU B 22 1.25 6.10 -6.99
CA LEU B 22 1.38 4.71 -6.59
C LEU B 22 0.44 4.39 -5.43
N GLY B 23 0.55 5.17 -4.36
CA GLY B 23 -0.29 4.96 -3.19
C GLY B 23 -1.77 5.04 -3.53
N GLU B 24 -2.18 6.16 -4.12
CA GLU B 24 -3.58 6.35 -4.49
C GLU B 24 -4.09 5.20 -5.35
N ARG B 25 -3.23 4.71 -6.23
CA ARG B 25 -3.58 3.60 -7.12
C ARG B 25 -3.60 2.28 -6.35
N LEU B 26 -2.77 2.18 -5.32
CA LEU B 26 -2.69 0.98 -4.51
C LEU B 26 -3.88 0.88 -3.56
N PHE B 27 -4.46 2.03 -3.22
CA PHE B 27 -5.60 2.08 -2.32
C PHE B 27 -6.68 1.10 -2.76
N PRO B 28 -7.16 1.27 -4.01
CA PRO B 28 -8.19 0.40 -4.58
C PRO B 28 -7.69 -1.02 -4.85
N LEU B 29 -6.47 -1.11 -5.36
CA LEU B 29 -5.87 -2.41 -5.66
C LEU B 29 -5.92 -3.33 -4.45
N ILE B 30 -5.72 -2.76 -3.27
CA ILE B 30 -5.74 -3.54 -2.04
C ILE B 30 -7.18 -3.88 -1.64
N GLN B 31 -8.11 -2.99 -1.94
CA GLN B 31 -9.52 -3.19 -1.63
C GLN B 31 -10.04 -4.46 -2.28
N ALA B 32 -9.34 -4.92 -3.32
CA ALA B 32 -9.73 -6.13 -4.03
C ALA B 32 -9.90 -7.31 -3.07
N MET B 33 -9.17 -7.26 -1.96
CA MET B 33 -9.24 -8.33 -0.96
C MET B 33 -9.61 -7.76 0.40
N HIS B 34 -9.04 -6.61 0.73
CA HIS B 34 -9.31 -5.96 2.01
C HIS B 34 -9.82 -4.53 1.81
N PRO B 35 -11.08 -4.42 1.37
CA PRO B 35 -11.70 -3.11 1.12
C PRO B 35 -11.98 -2.35 2.41
N THR B 36 -11.76 -3.02 3.55
CA THR B 36 -11.99 -2.40 4.85
C THR B 36 -10.69 -1.89 5.45
N LEU B 37 -9.64 -2.69 5.32
CA LEU B 37 -8.32 -2.32 5.86
C LEU B 37 -7.41 -1.81 4.75
N ALA B 38 -7.98 -1.58 3.57
CA ALA B 38 -7.22 -1.10 2.43
C ALA B 38 -6.40 0.14 2.81
N GLY B 39 -6.92 0.92 3.75
CA GLY B 39 -6.23 2.12 4.19
C GLY B 39 -4.90 1.81 4.85
N LYS B 40 -4.96 1.29 6.06
CA LYS B 40 -3.74 0.94 6.81
C LYS B 40 -2.81 0.11 5.96
N ILE B 41 -3.36 -0.86 5.23
CA ILE B 41 -2.57 -1.73 4.38
C ILE B 41 -1.72 -0.92 3.41
N THR B 42 -2.39 -0.13 2.57
CA THR B 42 -1.70 0.69 1.58
C THR B 42 -0.72 1.65 2.26
N GLY B 43 -1.06 2.06 3.48
CA GLY B 43 -0.20 2.97 4.21
C GLY B 43 1.16 2.38 4.49
N MET B 44 1.19 1.27 5.22
CA MET B 44 2.45 0.61 5.55
C MET B 44 3.14 0.09 4.29
N LEU B 45 2.38 -0.56 3.43
CA LEU B 45 2.91 -1.11 2.18
C LEU B 45 3.58 -0.02 1.35
N LEU B 46 3.08 1.20 1.46
CA LEU B 46 3.61 2.33 0.72
C LEU B 46 4.81 2.93 1.46
N GLU B 47 4.92 2.63 2.75
CA GLU B 47 6.02 3.14 3.56
C GLU B 47 7.31 2.37 3.29
N ILE B 48 7.24 1.05 3.46
CA ILE B 48 8.40 0.20 3.23
C ILE B 48 9.28 0.75 2.12
N ASP B 49 8.71 0.83 0.92
CA ASP B 49 9.44 1.34 -0.24
C ASP B 49 8.61 1.22 -1.50
N ASN B 50 8.13 2.35 -2.01
CA ASN B 50 7.32 2.37 -3.22
C ASN B 50 8.00 1.61 -4.35
N SER B 51 9.30 1.86 -4.52
CA SER B 51 10.06 1.19 -5.57
C SER B 51 9.89 -0.32 -5.50
N GLU B 52 9.92 -0.85 -4.28
CA GLU B 52 9.77 -2.29 -4.07
C GLU B 52 8.39 -2.75 -4.53
N LEU B 53 7.38 -1.91 -4.33
CA LEU B 53 6.01 -2.24 -4.73
C LEU B 53 5.87 -2.25 -6.25
N LEU B 54 6.59 -1.35 -6.91
CA LEU B 54 6.55 -1.26 -8.36
C LEU B 54 7.03 -2.55 -9.00
N HIS B 55 7.70 -3.38 -8.22
CA HIS B 55 8.21 -4.65 -8.72
C HIS B 55 7.59 -5.83 -7.95
N MET B 56 6.97 -5.52 -6.81
CA MET B 56 6.34 -6.54 -5.99
C MET B 56 4.92 -6.83 -6.48
N LEU B 57 4.34 -5.86 -7.18
CA LEU B 57 2.98 -6.02 -7.70
C LEU B 57 2.94 -7.06 -8.82
N GLU B 58 4.11 -7.54 -9.22
CA GLU B 58 4.20 -8.54 -10.27
C GLU B 58 4.23 -9.95 -9.68
N SER B 59 4.45 -10.03 -8.37
CA SER B 59 4.50 -11.32 -7.68
C SER B 59 3.24 -11.55 -6.86
N PRO B 60 2.57 -12.68 -7.10
CA PRO B 60 1.34 -13.04 -6.40
C PRO B 60 1.59 -13.40 -4.93
N GLU B 61 2.58 -14.25 -4.70
CA GLU B 61 2.93 -14.67 -3.35
C GLU B 61 3.35 -13.48 -2.51
N SER B 62 3.81 -12.42 -3.17
CA SER B 62 4.25 -11.21 -2.47
C SER B 62 3.06 -10.31 -2.15
N LEU B 63 2.27 -9.99 -3.16
CA LEU B 63 1.10 -9.14 -2.98
C LEU B 63 0.22 -9.65 -1.85
N ARG B 64 -0.20 -10.91 -1.95
CA ARG B 64 -1.05 -11.51 -0.94
C ARG B 64 -0.35 -11.51 0.42
N SER B 65 0.96 -11.73 0.41
CA SER B 65 1.74 -11.76 1.63
C SER B 65 1.73 -10.40 2.33
N LYS B 66 1.98 -9.35 1.56
CA LYS B 66 1.99 -8.00 2.09
C LYS B 66 0.63 -7.63 2.69
N VAL B 67 -0.41 -7.70 1.87
CA VAL B 67 -1.76 -7.39 2.33
C VAL B 67 -2.11 -8.17 3.58
N ASP B 68 -1.91 -9.48 3.54
CA ASP B 68 -2.20 -10.33 4.68
C ASP B 68 -1.44 -9.88 5.92
N GLU B 69 -0.12 -9.73 5.77
CA GLU B 69 0.73 -9.31 6.88
C GLU B 69 0.22 -8.01 7.48
N ALA B 70 0.02 -7.01 6.62
CA ALA B 70 -0.48 -5.71 7.07
C ALA B 70 -1.72 -5.85 7.93
N VAL B 71 -2.77 -6.43 7.34
CA VAL B 71 -4.03 -6.63 8.05
C VAL B 71 -3.81 -7.31 9.39
N ALA B 72 -2.99 -8.36 9.39
CA ALA B 72 -2.69 -9.09 10.62
C ALA B 72 -2.14 -8.16 11.69
N VAL B 73 -1.23 -7.27 11.29
CA VAL B 73 -0.64 -6.32 12.23
C VAL B 73 -1.69 -5.39 12.82
N LEU B 74 -2.60 -4.92 11.97
CA LEU B 74 -3.65 -4.02 12.41
C LEU B 74 -4.38 -4.58 13.63
N GLN B 75 -4.45 -5.91 13.71
CA GLN B 75 -5.12 -6.58 14.82
C GLN B 75 -4.55 -6.09 16.15
N ALA B 76 -3.27 -5.78 16.17
CA ALA B 76 -2.62 -5.30 17.38
C ALA B 76 -3.22 -3.98 17.84
N HIS B 77 -3.65 -3.17 16.88
CA HIS B 77 -4.25 -1.88 17.19
C HIS B 77 -5.77 -1.95 17.14
N GLN B 78 -6.32 -2.02 15.94
CA GLN B 78 -7.77 -2.10 15.77
C GLN B 78 -8.13 -2.86 14.49
N ALA B 79 -9.10 -3.75 14.58
CA ALA B 79 -9.54 -4.54 13.43
C ALA B 79 -11.02 -4.31 13.14
N LYS B 80 -11.32 -3.15 12.56
CA LYS B 80 -12.71 -2.80 12.22
C LYS B 80 -13.59 -2.88 13.45
N GLU B 81 -13.01 -2.60 14.62
CA GLU B 81 -13.76 -2.63 15.87
C GLU B 81 -14.61 -1.37 16.02
N ALA B 82 -14.10 -0.25 15.52
CA ALA B 82 -14.82 1.02 15.59
C ALA B 82 -15.50 1.34 14.27
N ALA B 83 -14.74 1.27 13.18
CA ALA B 83 -15.27 1.56 11.86
C ALA B 83 -14.64 0.67 10.80
N ALA A 1 12.59 -5.80 1.51
CA ALA A 1 11.22 -5.92 2.00
C ALA A 1 11.12 -6.95 3.11
N PHE A 2 10.36 -6.61 4.15
CA PHE A 2 10.17 -7.52 5.29
C PHE A 2 8.72 -7.90 5.45
N SER A 3 8.42 -9.19 5.30
CA SER A 3 7.05 -9.68 5.43
C SER A 3 6.82 -10.28 6.81
N ARG A 4 7.91 -10.55 7.53
CA ARG A 4 7.83 -11.13 8.87
C ARG A 4 6.86 -10.33 9.73
N GLN A 5 7.25 -9.09 10.06
CA GLN A 5 6.41 -8.23 10.89
C GLN A 5 6.71 -6.76 10.63
N LEU A 6 5.67 -5.95 10.59
CA LEU A 6 5.82 -4.52 10.34
C LEU A 6 5.17 -3.70 11.45
N ASN A 7 5.19 -2.38 11.28
CA ASN A 7 4.60 -1.48 12.27
C ASN A 7 3.24 -0.97 11.80
N VAL A 8 2.27 -0.93 12.72
CA VAL A 8 0.94 -0.47 12.40
C VAL A 8 0.82 1.05 12.58
N ASN A 9 1.71 1.61 13.38
CA ASN A 9 1.72 3.05 13.63
C ASN A 9 2.17 3.82 12.40
N ALA A 10 2.79 3.10 11.46
CA ALA A 10 3.28 3.71 10.23
C ALA A 10 2.19 4.53 9.55
N LYS A 11 2.42 5.84 9.42
CA LYS A 11 1.45 6.72 8.78
C LYS A 11 1.03 6.18 7.43
N PRO A 12 -0.12 6.65 6.92
CA PRO A 12 -0.65 6.24 5.63
C PRO A 12 0.17 6.76 4.46
N PHE A 13 -0.18 7.94 3.97
CA PHE A 13 0.53 8.56 2.86
C PHE A 13 0.04 9.98 2.62
N VAL A 14 0.60 10.63 1.60
CA VAL A 14 0.22 12.00 1.26
C VAL A 14 -0.57 12.04 -0.05
N PRO A 15 -1.89 11.87 0.06
CA PRO A 15 -2.78 11.88 -1.10
C PRO A 15 -2.91 13.27 -1.72
N ASN A 16 -3.67 13.36 -2.81
CA ASN A 16 -3.88 14.63 -3.49
C ASN A 16 -5.36 14.97 -3.58
N VAL A 17 -6.13 14.47 -2.63
CA VAL A 17 -7.58 14.71 -2.60
C VAL A 17 -7.96 15.58 -1.40
N HIS A 18 -8.89 16.50 -1.63
CA HIS A 18 -9.36 17.39 -0.56
C HIS A 18 -10.80 17.08 -0.18
N ALA A 19 -11.59 16.69 -1.17
CA ALA A 19 -12.99 16.36 -0.94
C ALA A 19 -13.13 15.09 -0.10
N GLY B 1 -11.85 0.78 -22.85
CA GLY B 1 -11.19 1.71 -21.95
C GLY B 1 -10.24 1.02 -21.00
N GLN B 2 -9.05 1.59 -20.83
CA GLN B 2 -8.05 1.02 -19.94
C GLN B 2 -6.83 1.92 -19.84
N GLU B 3 -6.38 2.18 -18.61
CA GLU B 3 -5.21 3.02 -18.39
C GLU B 3 -4.49 2.62 -17.10
N PRO B 4 -3.86 1.45 -17.13
CA PRO B 4 -3.11 0.92 -15.97
C PRO B 4 -1.84 1.72 -15.69
N LEU B 5 -1.34 1.62 -14.46
CA LEU B 5 -0.13 2.33 -14.06
C LEU B 5 1.04 1.93 -14.95
N THR B 6 2.19 2.55 -14.70
CA THR B 6 3.39 2.26 -15.47
C THR B 6 4.65 2.72 -14.74
N ALA B 7 5.62 1.83 -14.61
CA ALA B 7 6.88 2.16 -13.94
C ALA B 7 7.48 3.43 -14.49
N SER B 8 7.23 3.70 -15.78
CA SER B 8 7.76 4.90 -16.43
C SER B 8 7.32 6.15 -15.68
N MET B 9 6.09 6.16 -15.21
CA MET B 9 5.55 7.30 -14.47
C MET B 9 6.48 7.69 -13.33
N LEU B 10 6.49 6.87 -12.28
CA LEU B 10 7.34 7.13 -11.12
C LEU B 10 8.79 7.37 -11.54
N ALA B 11 9.20 6.72 -12.62
CA ALA B 11 10.56 6.87 -13.12
C ALA B 11 10.84 8.32 -13.53
N SER B 12 9.94 8.88 -14.32
CA SER B 12 10.09 10.26 -14.79
C SER B 12 9.31 11.23 -13.89
N ALA B 13 9.07 10.80 -12.65
CA ALA B 13 8.34 11.63 -11.70
C ALA B 13 9.17 11.86 -10.44
N PRO B 14 8.80 12.89 -9.67
CA PRO B 14 9.50 13.24 -8.43
C PRO B 14 9.26 12.22 -7.33
N PRO B 15 10.05 12.33 -6.24
CA PRO B 15 9.94 11.41 -5.10
C PRO B 15 8.66 11.64 -4.30
N GLN B 16 7.95 12.71 -4.63
CA GLN B 16 6.70 13.03 -3.94
C GLN B 16 5.51 12.42 -4.65
N GLU B 17 5.38 12.70 -5.95
CA GLU B 17 4.29 12.17 -6.75
C GLU B 17 4.24 10.64 -6.67
N GLN B 18 5.39 10.04 -6.40
CA GLN B 18 5.48 8.58 -6.30
C GLN B 18 4.42 8.04 -5.35
N LYS B 19 4.64 8.23 -4.06
CA LYS B 19 3.71 7.76 -3.04
C LYS B 19 2.29 8.22 -3.35
N GLN B 20 2.17 9.37 -4.00
CA GLN B 20 0.87 9.92 -4.36
C GLN B 20 0.14 9.01 -5.33
N MET B 21 0.72 8.85 -6.52
CA MET B 21 0.12 7.99 -7.54
C MET B 21 0.11 6.53 -7.09
N LEU B 22 1.29 6.01 -6.75
CA LEU B 22 1.41 4.63 -6.31
C LEU B 22 0.44 4.33 -5.18
N GLY B 23 0.49 5.13 -4.12
CA GLY B 23 -0.40 4.94 -2.99
C GLY B 23 -1.87 4.97 -3.40
N GLU B 24 -2.28 6.08 -4.00
CA GLU B 24 -3.66 6.23 -4.42
C GLU B 24 -4.11 5.05 -5.29
N ARG B 25 -3.20 4.57 -6.14
CA ARG B 25 -3.49 3.45 -7.01
C ARG B 25 -3.53 2.14 -6.23
N LEU B 26 -2.74 2.07 -5.16
CA LEU B 26 -2.68 0.88 -4.33
C LEU B 26 -3.91 0.79 -3.43
N PHE B 27 -4.53 1.93 -3.15
CA PHE B 27 -5.72 1.97 -2.31
C PHE B 27 -6.75 0.94 -2.78
N PRO B 28 -7.19 1.08 -4.04
CA PRO B 28 -8.18 0.17 -4.63
C PRO B 28 -7.62 -1.23 -4.86
N LEU B 29 -6.38 -1.30 -5.32
CA LEU B 29 -5.72 -2.58 -5.58
C LEU B 29 -5.83 -3.49 -4.37
N ILE B 30 -5.64 -2.92 -3.18
CA ILE B 30 -5.72 -3.69 -1.95
C ILE B 30 -7.16 -4.01 -1.59
N GLN B 31 -8.06 -3.09 -1.90
CA GLN B 31 -9.49 -3.28 -1.61
C GLN B 31 -10.00 -4.56 -2.24
N ALA B 32 -9.29 -5.04 -3.25
CA ALA B 32 -9.68 -6.26 -3.95
C ALA B 32 -9.89 -7.42 -2.96
N MET B 33 -9.16 -7.38 -1.86
CA MET B 33 -9.25 -8.42 -0.84
C MET B 33 -9.58 -7.81 0.52
N HIS B 34 -9.01 -6.65 0.80
CA HIS B 34 -9.23 -5.96 2.07
C HIS B 34 -9.75 -4.55 1.84
N PRO B 35 -11.03 -4.45 1.45
CA PRO B 35 -11.67 -3.15 1.19
C PRO B 35 -11.89 -2.34 2.46
N THR B 36 -11.61 -2.96 3.61
CA THR B 36 -11.78 -2.29 4.89
C THR B 36 -10.43 -1.81 5.44
N LEU B 37 -9.42 -2.67 5.34
CA LEU B 37 -8.08 -2.33 5.82
C LEU B 37 -7.20 -1.82 4.67
N ALA B 38 -7.85 -1.40 3.58
CA ALA B 38 -7.13 -0.88 2.43
C ALA B 38 -6.23 0.30 2.82
N GLY B 39 -6.82 1.31 3.43
CA GLY B 39 -6.06 2.48 3.84
C GLY B 39 -4.84 2.10 4.67
N LYS B 40 -5.04 1.28 5.70
CA LYS B 40 -3.96 0.85 6.55
C LYS B 40 -2.91 0.07 5.77
N ILE B 41 -3.37 -0.89 4.98
CA ILE B 41 -2.47 -1.71 4.18
C ILE B 41 -1.64 -0.85 3.23
N THR B 42 -2.31 -0.15 2.34
CA THR B 42 -1.64 0.72 1.38
C THR B 42 -0.70 1.70 2.08
N GLY B 43 -1.10 2.13 3.27
CA GLY B 43 -0.29 3.07 4.04
C GLY B 43 1.07 2.49 4.40
N MET B 44 1.05 1.38 5.14
CA MET B 44 2.29 0.73 5.56
C MET B 44 3.05 0.19 4.35
N LEU B 45 2.33 -0.43 3.42
CA LEU B 45 2.94 -0.98 2.22
C LEU B 45 3.62 0.10 1.40
N LEU B 46 3.10 1.32 1.48
CA LEU B 46 3.66 2.44 0.75
C LEU B 46 4.84 3.05 1.50
N GLU B 47 4.92 2.77 2.79
CA GLU B 47 6.00 3.28 3.63
C GLU B 47 7.29 2.50 3.39
N ILE B 48 7.21 1.19 3.59
CA ILE B 48 8.38 0.32 3.40
C ILE B 48 9.26 0.84 2.28
N ASP B 49 8.72 0.88 1.06
CA ASP B 49 9.47 1.36 -0.09
C ASP B 49 8.65 1.19 -1.37
N ASN B 50 8.22 2.31 -1.94
CA ASN B 50 7.43 2.27 -3.17
C ASN B 50 8.13 1.45 -4.25
N SER B 51 9.44 1.63 -4.36
CA SER B 51 10.21 0.90 -5.36
C SER B 51 10.00 -0.60 -5.22
N GLU B 52 9.93 -1.07 -3.99
CA GLU B 52 9.73 -2.49 -3.72
C GLU B 52 8.35 -2.94 -4.16
N LEU B 53 7.37 -2.04 -4.05
CA LEU B 53 6.00 -2.34 -4.44
C LEU B 53 5.88 -2.44 -5.96
N LEU B 54 6.62 -1.59 -6.67
CA LEU B 54 6.60 -1.59 -8.12
C LEU B 54 7.13 -2.90 -8.69
N HIS B 55 7.81 -3.66 -7.84
CA HIS B 55 8.37 -4.94 -8.25
C HIS B 55 7.69 -6.09 -7.50
N MET B 56 7.01 -5.77 -6.42
CA MET B 56 6.31 -6.77 -5.62
C MET B 56 4.87 -6.95 -6.09
N LEU B 57 4.28 -5.87 -6.59
CA LEU B 57 2.91 -5.90 -7.07
C LEU B 57 2.78 -6.81 -8.29
N GLU B 58 3.93 -7.19 -8.86
CA GLU B 58 3.95 -8.06 -10.03
C GLU B 58 4.11 -9.52 -9.62
N SER B 59 3.57 -9.87 -8.45
CA SER B 59 3.65 -11.23 -7.95
C SER B 59 2.47 -11.54 -7.04
N PRO B 60 1.87 -12.73 -7.24
CA PRO B 60 0.72 -13.17 -6.44
C PRO B 60 1.11 -13.51 -5.01
N GLU B 61 2.16 -14.30 -4.85
CA GLU B 61 2.63 -14.69 -3.52
C GLU B 61 3.16 -13.49 -2.76
N SER B 62 3.60 -12.47 -3.49
CA SER B 62 4.14 -11.26 -2.88
C SER B 62 3.02 -10.30 -2.49
N LEU B 63 2.05 -10.14 -3.38
CA LEU B 63 0.92 -9.26 -3.12
C LEU B 63 0.13 -9.72 -1.90
N ARG B 64 -0.34 -10.96 -1.95
CA ARG B 64 -1.12 -11.53 -0.86
C ARG B 64 -0.31 -11.54 0.44
N SER B 65 1.00 -11.75 0.31
CA SER B 65 1.88 -11.78 1.47
C SER B 65 1.90 -10.44 2.18
N LYS B 66 2.16 -9.37 1.42
CA LYS B 66 2.19 -8.02 1.98
C LYS B 66 0.85 -7.65 2.60
N VAL B 67 -0.21 -7.70 1.79
CA VAL B 67 -1.55 -7.37 2.27
C VAL B 67 -1.88 -8.16 3.53
N ASP B 68 -1.74 -9.47 3.47
CA ASP B 68 -2.03 -10.34 4.60
C ASP B 68 -1.24 -9.91 5.83
N GLU B 69 0.06 -9.70 5.64
CA GLU B 69 0.94 -9.28 6.73
C GLU B 69 0.44 -8.00 7.38
N ALA B 70 0.24 -6.98 6.56
CA ALA B 70 -0.25 -5.68 7.04
C ALA B 70 -1.51 -5.86 7.89
N VAL B 71 -2.55 -6.42 7.30
CA VAL B 71 -3.81 -6.64 7.99
C VAL B 71 -3.58 -7.37 9.31
N ALA B 72 -2.67 -8.34 9.29
CA ALA B 72 -2.36 -9.12 10.48
C ALA B 72 -1.79 -8.24 11.59
N VAL B 73 -0.92 -7.31 11.21
CA VAL B 73 -0.30 -6.40 12.17
C VAL B 73 -1.35 -5.47 12.80
N LEU B 74 -2.29 -5.01 11.97
CA LEU B 74 -3.34 -4.13 12.44
C LEU B 74 -4.06 -4.72 13.65
N GLN B 75 -4.11 -6.05 13.71
CA GLN B 75 -4.77 -6.74 14.81
C GLN B 75 -4.17 -6.32 16.15
N ALA B 76 -2.91 -5.87 16.11
CA ALA B 76 -2.22 -5.43 17.32
C ALA B 76 -2.71 -4.07 17.77
N HIS B 77 -3.26 -3.31 16.84
CA HIS B 77 -3.77 -1.97 17.15
C HIS B 77 -5.28 -2.00 17.34
N GLN B 78 -5.96 -2.84 16.56
CA GLN B 78 -7.41 -2.95 16.65
C GLN B 78 -8.09 -1.62 16.38
N ALA B 79 -8.11 -1.21 15.12
CA ALA B 79 -8.72 0.06 14.72
C ALA B 79 -10.11 -0.18 14.16
N LYS B 80 -10.18 -0.68 12.93
CA LYS B 80 -11.46 -0.94 12.27
C LYS B 80 -12.31 -1.88 13.11
N GLU B 81 -11.65 -2.71 13.92
CA GLU B 81 -12.35 -3.66 14.78
C GLU B 81 -13.15 -4.65 13.94
N ALA B 82 -12.62 -5.00 12.76
CA ALA B 82 -13.28 -5.94 11.87
C ALA B 82 -13.19 -7.36 12.41
N ALA B 83 -14.17 -7.74 13.22
CA ALA B 83 -14.20 -9.08 13.81
C ALA B 83 -14.50 -10.14 12.74
N ALA A 1 12.33 -5.70 1.72
CA ALA A 1 11.06 -6.05 2.36
C ALA A 1 11.27 -7.15 3.40
N PHE A 2 10.66 -6.96 4.58
CA PHE A 2 10.78 -7.93 5.66
C PHE A 2 9.43 -8.59 5.93
N SER A 3 9.36 -9.89 5.70
CA SER A 3 8.13 -10.65 5.93
C SER A 3 7.72 -10.59 7.39
N ARG A 4 8.71 -10.48 8.28
CA ARG A 4 8.45 -10.42 9.71
C ARG A 4 7.44 -9.31 10.03
N GLN A 5 7.03 -9.25 11.29
CA GLN A 5 6.07 -8.23 11.73
C GLN A 5 6.53 -6.85 11.33
N LEU A 6 5.58 -5.98 10.99
CA LEU A 6 5.89 -4.62 10.58
C LEU A 6 5.20 -3.61 11.50
N ASN A 7 5.57 -2.34 11.36
CA ASN A 7 4.98 -1.27 12.16
C ASN A 7 3.72 -0.73 11.51
N VAL A 8 2.69 -0.50 12.32
CA VAL A 8 1.42 0.01 11.83
C VAL A 8 1.38 1.53 11.91
N ASN A 9 2.21 2.09 12.79
CA ASN A 9 2.27 3.54 12.96
C ASN A 9 2.88 4.21 11.74
N ALA A 10 3.45 3.41 10.86
CA ALA A 10 4.08 3.92 9.64
C ALA A 10 3.12 4.83 8.87
N LYS A 11 3.50 6.09 8.71
CA LYS A 11 2.67 7.05 8.00
C LYS A 11 2.27 6.50 6.63
N PRO A 12 1.00 6.72 6.25
CA PRO A 12 0.46 6.27 4.97
C PRO A 12 1.04 7.04 3.79
N PHE A 13 0.38 8.13 3.43
CA PHE A 13 0.83 8.96 2.32
C PHE A 13 0.02 10.26 2.23
N VAL A 14 0.25 11.03 1.19
CA VAL A 14 -0.46 12.30 0.99
C VAL A 14 -1.44 12.20 -0.17
N PRO A 15 -2.64 11.70 0.11
CA PRO A 15 -3.70 11.56 -0.90
C PRO A 15 -4.25 12.90 -1.36
N ASN A 16 -5.20 12.85 -2.29
CA ASN A 16 -5.81 14.07 -2.82
C ASN A 16 -7.20 14.29 -2.21
N VAL A 17 -7.32 14.01 -0.92
CA VAL A 17 -8.59 14.17 -0.23
C VAL A 17 -8.38 14.53 1.24
N HIS A 18 -9.30 15.30 1.80
CA HIS A 18 -9.21 15.72 3.19
C HIS A 18 -9.56 14.56 4.12
N ALA A 19 -10.73 13.96 3.90
CA ALA A 19 -11.17 12.84 4.71
C ALA A 19 -10.42 11.56 4.37
N GLY B 1 -10.20 -6.12 -16.18
CA GLY B 1 -9.64 -7.19 -15.38
C GLY B 1 -8.54 -6.69 -14.46
N GLN B 2 -7.53 -6.04 -15.03
CA GLN B 2 -6.42 -5.53 -14.24
C GLN B 2 -5.53 -4.62 -15.09
N GLU B 3 -5.12 -3.50 -14.52
CA GLU B 3 -4.28 -2.54 -15.23
C GLU B 3 -3.32 -1.84 -14.26
N PRO B 4 -2.33 -2.60 -13.75
CA PRO B 4 -1.34 -2.07 -12.82
C PRO B 4 -0.38 -1.08 -13.48
N LEU B 5 -0.01 -0.05 -12.73
CA LEU B 5 0.91 0.97 -13.24
C LEU B 5 2.31 0.40 -13.44
N THR B 6 3.28 1.29 -13.65
CA THR B 6 4.66 0.87 -13.85
C THR B 6 5.63 1.90 -13.30
N ALA B 7 6.89 1.50 -13.17
CA ALA B 7 7.93 2.39 -12.64
C ALA B 7 8.05 3.65 -13.51
N SER B 8 7.58 3.56 -14.74
CA SER B 8 7.64 4.68 -15.67
C SER B 8 6.91 5.90 -15.10
N MET B 9 5.72 5.65 -14.56
CA MET B 9 4.92 6.73 -13.98
C MET B 9 5.74 7.54 -12.98
N LEU B 10 6.34 6.86 -12.02
CA LEU B 10 7.16 7.51 -11.00
C LEU B 10 8.52 7.90 -11.57
N ALA B 11 8.84 7.39 -12.75
CA ALA B 11 10.11 7.68 -13.40
C ALA B 11 10.24 9.17 -13.70
N SER B 12 9.24 9.71 -14.38
CA SER B 12 9.23 11.12 -14.75
C SER B 12 8.46 11.95 -13.73
N ALA B 13 8.51 11.52 -12.47
CA ALA B 13 7.82 12.22 -11.40
C ALA B 13 8.72 12.42 -10.18
N PRO B 14 8.35 13.39 -9.33
CA PRO B 14 9.12 13.70 -8.11
C PRO B 14 9.04 12.59 -7.07
N PRO B 15 9.91 12.67 -6.05
CA PRO B 15 9.95 11.69 -4.97
C PRO B 15 8.72 11.76 -4.06
N GLN B 16 7.91 12.79 -4.27
CA GLN B 16 6.70 12.97 -3.46
C GLN B 16 5.48 12.41 -4.19
N GLU B 17 5.39 12.68 -5.48
CA GLU B 17 4.27 12.21 -6.30
C GLU B 17 4.25 10.68 -6.36
N GLN B 18 5.41 10.08 -6.12
CA GLN B 18 5.53 8.62 -6.15
C GLN B 18 4.52 7.98 -5.21
N LYS B 19 4.66 8.24 -3.92
CA LYS B 19 3.76 7.68 -2.92
C LYS B 19 2.33 8.10 -3.19
N GLN B 20 2.15 9.31 -3.70
CA GLN B 20 0.83 9.84 -4.01
C GLN B 20 0.14 8.99 -5.08
N MET B 21 0.69 9.02 -6.29
CA MET B 21 0.14 8.27 -7.40
C MET B 21 0.09 6.77 -7.07
N LEU B 22 1.25 6.20 -6.75
CA LEU B 22 1.34 4.79 -6.41
C LEU B 22 0.30 4.42 -5.36
N GLY B 23 0.40 5.04 -4.19
CA GLY B 23 -0.53 4.76 -3.11
C GLY B 23 -1.97 4.98 -3.52
N GLU B 24 -2.21 6.03 -4.30
CA GLU B 24 -3.57 6.33 -4.77
C GLU B 24 -4.15 5.17 -5.56
N ARG B 25 -3.35 4.65 -6.49
CA ARG B 25 -3.80 3.53 -7.32
C ARG B 25 -3.78 2.22 -6.53
N LEU B 26 -2.93 2.17 -5.51
CA LEU B 26 -2.81 0.98 -4.68
C LEU B 26 -3.99 0.87 -3.71
N PHE B 27 -4.56 2.01 -3.37
CA PHE B 27 -5.70 2.05 -2.46
C PHE B 27 -6.78 1.06 -2.88
N PRO B 28 -7.28 1.22 -4.12
CA PRO B 28 -8.31 0.35 -4.68
C PRO B 28 -7.80 -1.06 -4.97
N LEU B 29 -6.58 -1.13 -5.49
CA LEU B 29 -5.97 -2.42 -5.81
C LEU B 29 -5.99 -3.35 -4.61
N ILE B 30 -5.77 -2.78 -3.42
CA ILE B 30 -5.77 -3.56 -2.19
C ILE B 30 -7.18 -3.94 -1.77
N GLN B 31 -8.14 -3.06 -2.04
CA GLN B 31 -9.54 -3.30 -1.70
C GLN B 31 -10.04 -4.58 -2.36
N ALA B 32 -9.36 -5.00 -3.41
CA ALA B 32 -9.73 -6.22 -4.13
C ALA B 32 -9.89 -7.39 -3.18
N MET B 33 -9.13 -7.38 -2.09
CA MET B 33 -9.19 -8.45 -1.10
C MET B 33 -9.53 -7.89 0.28
N HIS B 34 -9.01 -6.71 0.58
CA HIS B 34 -9.25 -6.07 1.87
C HIS B 34 -9.79 -4.65 1.68
N PRO B 35 -11.06 -4.55 1.26
CA PRO B 35 -11.72 -3.27 1.03
C PRO B 35 -11.97 -2.50 2.32
N THR B 36 -11.73 -3.17 3.45
CA THR B 36 -11.95 -2.55 4.76
C THR B 36 -10.65 -1.95 5.29
N LEU B 37 -9.62 -2.78 5.41
CA LEU B 37 -8.33 -2.33 5.91
C LEU B 37 -7.43 -1.86 4.77
N ALA B 38 -8.03 -1.69 3.59
CA ALA B 38 -7.29 -1.24 2.42
C ALA B 38 -6.45 -0.01 2.75
N GLY B 39 -6.97 0.83 3.63
CA GLY B 39 -6.26 2.04 4.02
C GLY B 39 -4.94 1.74 4.69
N LYS B 40 -5.01 1.27 5.93
CA LYS B 40 -3.79 0.94 6.69
C LYS B 40 -2.84 0.08 5.86
N ILE B 41 -3.41 -0.87 5.13
CA ILE B 41 -2.62 -1.76 4.29
C ILE B 41 -1.75 -0.97 3.33
N THR B 42 -2.38 -0.19 2.47
CA THR B 42 -1.67 0.63 1.49
C THR B 42 -0.69 1.58 2.17
N GLY B 43 -1.03 2.00 3.38
CA GLY B 43 -0.18 2.90 4.13
C GLY B 43 1.18 2.29 4.44
N MET B 44 1.17 1.19 5.19
CA MET B 44 2.40 0.51 5.56
C MET B 44 3.14 0.00 4.32
N LEU B 45 2.39 -0.58 3.39
CA LEU B 45 2.97 -1.11 2.17
C LEU B 45 3.64 0.01 1.35
N LEU B 46 3.10 1.22 1.47
CA LEU B 46 3.64 2.36 0.75
C LEU B 46 4.84 2.94 1.49
N GLU B 47 4.96 2.63 2.78
CA GLU B 47 6.07 3.11 3.58
C GLU B 47 7.34 2.33 3.30
N ILE B 48 7.28 1.01 3.49
CA ILE B 48 8.42 0.15 3.25
C ILE B 48 9.27 0.66 2.08
N ASP B 49 8.67 0.71 0.90
CA ASP B 49 9.37 1.19 -0.29
C ASP B 49 8.50 1.03 -1.53
N ASN B 50 8.08 2.16 -2.10
CA ASN B 50 7.25 2.14 -3.30
C ASN B 50 7.86 1.25 -4.39
N SER B 51 9.15 1.46 -4.64
CA SER B 51 9.85 0.69 -5.66
C SER B 51 9.64 -0.81 -5.45
N GLU B 52 9.69 -1.24 -4.19
CA GLU B 52 9.51 -2.65 -3.85
C GLU B 52 8.11 -3.11 -4.24
N LEU B 53 7.14 -2.22 -4.12
CA LEU B 53 5.76 -2.55 -4.46
C LEU B 53 5.59 -2.69 -5.97
N LEU B 54 6.27 -1.84 -6.72
CA LEU B 54 6.19 -1.87 -8.18
C LEU B 54 6.69 -3.21 -8.72
N HIS B 55 7.44 -3.94 -7.89
CA HIS B 55 7.98 -5.23 -8.28
C HIS B 55 7.26 -6.36 -7.55
N MET B 56 6.69 -6.04 -6.38
CA MET B 56 5.97 -7.03 -5.59
C MET B 56 4.59 -7.30 -6.17
N LEU B 57 3.91 -6.23 -6.59
CA LEU B 57 2.58 -6.35 -7.15
C LEU B 57 2.60 -7.18 -8.44
N GLU B 58 3.80 -7.38 -8.98
CA GLU B 58 3.97 -8.16 -10.20
C GLU B 58 3.67 -9.63 -9.96
N SER B 59 3.85 -10.06 -8.71
CA SER B 59 3.60 -11.46 -8.35
C SER B 59 2.57 -11.55 -7.23
N PRO B 60 1.77 -12.64 -7.25
CA PRO B 60 0.73 -12.87 -6.26
C PRO B 60 1.31 -13.19 -4.88
N GLU B 61 2.31 -14.05 -4.86
CA GLU B 61 2.95 -14.45 -3.60
C GLU B 61 3.47 -13.22 -2.85
N SER B 62 3.73 -12.15 -3.58
CA SER B 62 4.24 -10.92 -2.99
C SER B 62 3.09 -10.00 -2.57
N LEU B 63 2.20 -9.71 -3.51
CA LEU B 63 1.05 -8.85 -3.25
C LEU B 63 0.22 -9.39 -2.08
N ARG B 64 -0.31 -10.59 -2.25
CA ARG B 64 -1.12 -11.22 -1.21
C ARG B 64 -0.37 -11.23 0.13
N SER B 65 0.90 -11.63 0.09
CA SER B 65 1.72 -11.69 1.30
C SER B 65 1.67 -10.36 2.05
N LYS B 66 1.94 -9.27 1.34
CA LYS B 66 1.93 -7.95 1.94
C LYS B 66 0.57 -7.64 2.57
N VAL B 67 -0.48 -7.73 1.76
CA VAL B 67 -1.83 -7.46 2.23
C VAL B 67 -2.13 -8.26 3.50
N ASP B 68 -1.90 -9.55 3.45
CA ASP B 68 -2.14 -10.43 4.60
C ASP B 68 -1.34 -9.95 5.81
N GLU B 69 -0.03 -9.82 5.65
CA GLU B 69 0.84 -9.38 6.73
C GLU B 69 0.32 -8.08 7.34
N ALA B 70 0.11 -7.08 6.49
CA ALA B 70 -0.39 -5.79 6.94
C ALA B 70 -1.63 -5.95 7.82
N VAL B 71 -2.68 -6.53 7.26
CA VAL B 71 -3.93 -6.74 8.00
C VAL B 71 -3.66 -7.41 9.34
N ALA B 72 -2.73 -8.37 9.35
CA ALA B 72 -2.38 -9.08 10.57
C ALA B 72 -1.82 -8.13 11.62
N VAL B 73 -0.96 -7.21 11.18
CA VAL B 73 -0.35 -6.24 12.09
C VAL B 73 -1.40 -5.32 12.70
N LEU B 74 -2.35 -4.89 11.87
CA LEU B 74 -3.42 -4.00 12.33
C LEU B 74 -4.10 -4.56 13.57
N GLN B 75 -4.15 -5.89 13.66
CA GLN B 75 -4.77 -6.55 14.80
C GLN B 75 -4.19 -6.03 16.12
N ALA B 76 -2.94 -5.59 16.08
CA ALA B 76 -2.28 -5.07 17.27
C ALA B 76 -2.90 -3.74 17.69
N HIS B 77 -3.32 -2.94 16.72
CA HIS B 77 -3.93 -1.65 17.00
C HIS B 77 -5.45 -1.73 16.93
N GLN B 78 -5.98 -1.83 15.71
CA GLN B 78 -7.42 -1.91 15.51
C GLN B 78 -7.74 -2.67 14.22
N ALA B 79 -8.65 -3.63 14.33
CA ALA B 79 -9.05 -4.43 13.17
C ALA B 79 -10.55 -4.33 12.93
N LYS B 80 -11.04 -3.12 12.68
CA LYS B 80 -12.45 -2.89 12.45
C LYS B 80 -13.30 -3.45 13.58
N GLU B 81 -12.72 -3.48 14.78
CA GLU B 81 -13.43 -4.00 15.95
C GLU B 81 -13.93 -2.85 16.83
N ALA B 82 -14.35 -1.76 16.19
CA ALA B 82 -14.85 -0.60 16.92
C ALA B 82 -16.38 -0.53 16.85
N ALA B 83 -17.03 -1.15 17.84
CA ALA B 83 -18.48 -1.16 17.89
C ALA B 83 -19.05 0.25 17.94
N ALA A 1 12.41 -6.03 1.79
CA ALA A 1 11.04 -6.22 2.28
C ALA A 1 11.00 -7.27 3.38
N PHE A 2 10.17 -7.03 4.39
CA PHE A 2 10.03 -7.96 5.50
C PHE A 2 8.55 -8.28 5.77
N SER A 3 8.25 -9.57 5.87
CA SER A 3 6.88 -10.01 6.12
C SER A 3 6.73 -10.54 7.54
N ARG A 4 7.85 -10.78 8.20
CA ARG A 4 7.85 -11.29 9.56
C ARG A 4 6.96 -10.44 10.46
N GLN A 5 7.13 -9.12 10.37
CA GLN A 5 6.34 -8.20 11.17
C GLN A 5 6.71 -6.75 10.88
N LEU A 6 5.71 -5.88 10.82
CA LEU A 6 5.95 -4.47 10.54
C LEU A 6 5.24 -3.59 11.57
N ASN A 7 5.31 -2.28 11.37
CA ASN A 7 4.69 -1.33 12.28
C ASN A 7 3.36 -0.82 11.70
N VAL A 8 2.34 -0.77 12.56
CA VAL A 8 1.03 -0.30 12.14
C VAL A 8 0.94 1.21 12.17
N ASN A 9 1.77 1.82 13.01
CA ASN A 9 1.79 3.28 13.14
C ASN A 9 2.54 3.92 11.99
N ALA A 10 3.12 3.09 11.13
CA ALA A 10 3.87 3.57 9.97
C ALA A 10 3.05 4.56 9.16
N LYS A 11 3.65 5.71 8.86
CA LYS A 11 2.97 6.75 8.07
C LYS A 11 2.34 6.17 6.82
N PRO A 12 1.11 6.61 6.50
CA PRO A 12 0.38 6.15 5.32
C PRO A 12 1.00 6.64 4.02
N PHE A 13 0.57 7.81 3.57
CA PHE A 13 1.09 8.39 2.33
C PHE A 13 0.57 9.82 2.14
N VAL A 14 0.79 10.36 0.95
CA VAL A 14 0.35 11.72 0.64
C VAL A 14 -0.80 11.70 -0.37
N PRO A 15 -2.02 11.50 0.14
CA PRO A 15 -3.22 11.46 -0.70
C PRO A 15 -3.58 12.83 -1.27
N ASN A 16 -4.67 12.87 -2.03
CA ASN A 16 -5.11 14.13 -2.63
C ASN A 16 -6.50 14.52 -2.13
N VAL A 17 -6.77 14.19 -0.87
CA VAL A 17 -8.06 14.50 -0.26
C VAL A 17 -7.97 15.76 0.59
N HIS A 18 -8.34 16.90 0.01
CA HIS A 18 -8.29 18.17 0.71
C HIS A 18 -9.49 18.31 1.65
N ALA A 19 -10.63 17.77 1.22
CA ALA A 19 -11.85 17.82 2.03
C ALA A 19 -11.67 17.08 3.35
N GLY B 1 -8.75 -0.06 -17.94
CA GLY B 1 -9.13 0.32 -19.29
C GLY B 1 -7.93 0.60 -20.18
N GLN B 2 -6.96 1.33 -19.63
CA GLN B 2 -5.76 1.68 -20.38
C GLN B 2 -4.75 2.41 -19.49
N GLU B 3 -3.55 2.63 -20.02
CA GLU B 3 -2.51 3.30 -19.27
C GLU B 3 -2.27 2.63 -17.92
N PRO B 4 -1.65 1.45 -17.95
CA PRO B 4 -1.36 0.68 -16.73
C PRO B 4 -0.28 1.34 -15.88
N LEU B 5 -0.08 0.81 -14.67
CA LEU B 5 0.92 1.34 -13.76
C LEU B 5 2.28 0.67 -13.98
N THR B 6 3.34 1.42 -13.76
CA THR B 6 4.69 0.89 -13.93
C THR B 6 5.73 1.86 -13.38
N ALA B 7 6.98 1.39 -13.29
CA ALA B 7 8.07 2.23 -12.78
C ALA B 7 8.19 3.52 -13.59
N SER B 8 7.90 3.43 -14.88
CA SER B 8 7.99 4.59 -15.75
C SER B 8 7.10 5.73 -15.25
N MET B 9 6.04 5.35 -14.54
CA MET B 9 5.10 6.34 -14.01
C MET B 9 5.79 7.27 -13.02
N LEU B 10 6.41 6.69 -11.99
CA LEU B 10 7.12 7.47 -10.98
C LEU B 10 8.47 7.94 -11.50
N ALA B 11 9.01 7.22 -12.48
CA ALA B 11 10.29 7.58 -13.07
C ALA B 11 10.32 9.04 -13.49
N SER B 12 9.31 9.46 -14.24
CA SER B 12 9.22 10.83 -14.72
C SER B 12 8.36 11.68 -13.78
N ALA B 13 8.50 11.44 -12.49
CA ALA B 13 7.75 12.18 -11.48
C ALA B 13 8.60 12.49 -10.26
N PRO B 14 8.16 13.48 -9.47
CA PRO B 14 8.88 13.90 -8.26
C PRO B 14 8.80 12.86 -7.15
N PRO B 15 9.62 13.04 -6.10
CA PRO B 15 9.66 12.11 -4.96
C PRO B 15 8.40 12.20 -4.11
N GLN B 16 7.55 13.18 -4.41
CA GLN B 16 6.31 13.37 -3.67
C GLN B 16 5.14 12.72 -4.40
N GLU B 17 5.09 12.90 -5.71
CA GLU B 17 4.02 12.33 -6.52
C GLU B 17 4.09 10.82 -6.52
N GLN B 18 5.26 10.28 -6.23
CA GLN B 18 5.46 8.84 -6.19
C GLN B 18 4.45 8.17 -5.26
N LYS B 19 4.64 8.37 -3.96
CA LYS B 19 3.75 7.79 -2.95
C LYS B 19 2.31 8.17 -3.23
N GLN B 20 2.11 9.35 -3.82
CA GLN B 20 0.77 9.82 -4.14
C GLN B 20 0.10 8.93 -5.18
N MET B 21 0.63 8.95 -6.40
CA MET B 21 0.09 8.14 -7.48
C MET B 21 0.09 6.67 -7.11
N LEU B 22 1.25 6.16 -6.70
CA LEU B 22 1.39 4.77 -6.32
C LEU B 22 0.34 4.38 -5.27
N GLY B 23 0.38 5.07 -4.13
CA GLY B 23 -0.56 4.79 -3.07
C GLY B 23 -2.00 4.90 -3.53
N GLU B 24 -2.31 5.98 -4.24
CA GLU B 24 -3.66 6.20 -4.74
C GLU B 24 -4.16 5.00 -5.54
N ARG B 25 -3.33 4.53 -6.46
CA ARG B 25 -3.67 3.38 -7.28
C ARG B 25 -3.67 2.09 -6.47
N LEU B 26 -2.87 2.07 -5.40
CA LEU B 26 -2.77 0.90 -4.54
C LEU B 26 -4.00 0.79 -3.63
N PHE B 27 -4.65 1.93 -3.38
CA PHE B 27 -5.84 1.96 -2.54
C PHE B 27 -6.84 0.89 -2.97
N PRO B 28 -7.28 0.97 -4.23
CA PRO B 28 -8.25 0.01 -4.79
C PRO B 28 -7.64 -1.37 -4.98
N LEU B 29 -6.38 -1.41 -5.41
CA LEU B 29 -5.70 -2.67 -5.63
C LEU B 29 -5.80 -3.58 -4.42
N ILE B 30 -5.64 -3.01 -3.23
CA ILE B 30 -5.73 -3.76 -1.99
C ILE B 30 -7.18 -4.07 -1.64
N GLN B 31 -8.07 -3.14 -1.97
CA GLN B 31 -9.49 -3.33 -1.69
C GLN B 31 -10.02 -4.60 -2.34
N ALA B 32 -9.30 -5.09 -3.33
CA ALA B 32 -9.70 -6.31 -4.03
C ALA B 32 -9.94 -7.45 -3.05
N MET B 33 -9.27 -7.40 -1.90
CA MET B 33 -9.42 -8.43 -0.88
C MET B 33 -9.75 -7.80 0.46
N HIS B 34 -9.08 -6.71 0.79
CA HIS B 34 -9.29 -6.02 2.06
C HIS B 34 -9.77 -4.59 1.82
N PRO B 35 -11.05 -4.45 1.41
CA PRO B 35 -11.65 -3.14 1.14
C PRO B 35 -11.87 -2.33 2.41
N THR B 36 -11.63 -2.96 3.56
CA THR B 36 -11.80 -2.30 4.85
C THR B 36 -10.48 -1.72 5.35
N LEU B 37 -9.46 -2.56 5.41
CA LEU B 37 -8.14 -2.13 5.87
C LEU B 37 -7.27 -1.69 4.70
N ALA B 38 -7.91 -1.38 3.57
CA ALA B 38 -7.20 -0.94 2.38
C ALA B 38 -6.30 0.25 2.69
N GLY B 39 -6.84 1.21 3.43
CA GLY B 39 -6.07 2.40 3.78
C GLY B 39 -4.83 2.06 4.59
N LYS B 40 -5.01 1.29 5.66
CA LYS B 40 -3.90 0.89 6.51
C LYS B 40 -2.88 0.06 5.74
N ILE B 41 -3.38 -0.89 4.95
CA ILE B 41 -2.51 -1.75 4.15
C ILE B 41 -1.65 -0.93 3.20
N THR B 42 -2.30 -0.21 2.30
CA THR B 42 -1.59 0.62 1.33
C THR B 42 -0.64 1.59 2.02
N GLY B 43 -1.04 2.06 3.20
CA GLY B 43 -0.21 3.00 3.95
C GLY B 43 1.13 2.40 4.32
N MET B 44 1.10 1.31 5.08
CA MET B 44 2.33 0.65 5.51
C MET B 44 3.12 0.14 4.31
N LEU B 45 2.43 -0.50 3.36
CA LEU B 45 3.07 -1.04 2.18
C LEU B 45 3.73 0.09 1.37
N LEU B 46 3.18 1.29 1.47
CA LEU B 46 3.72 2.44 0.75
C LEU B 46 4.91 3.03 1.50
N GLU B 47 4.99 2.74 2.79
CA GLU B 47 6.08 3.24 3.62
C GLU B 47 7.37 2.46 3.38
N ILE B 48 7.29 1.15 3.58
CA ILE B 48 8.46 0.28 3.37
C ILE B 48 9.33 0.78 2.23
N ASP B 49 8.76 0.81 1.03
CA ASP B 49 9.48 1.28 -0.14
C ASP B 49 8.64 1.09 -1.41
N ASN B 50 8.25 2.21 -2.02
CA ASN B 50 7.44 2.17 -3.22
C ASN B 50 8.09 1.29 -4.28
N SER B 51 9.39 1.44 -4.47
CA SER B 51 10.13 0.67 -5.46
C SER B 51 9.86 -0.82 -5.28
N GLU B 52 9.89 -1.28 -4.04
CA GLU B 52 9.65 -2.68 -3.73
C GLU B 52 8.25 -3.11 -4.18
N LEU B 53 7.28 -2.22 -4.00
CA LEU B 53 5.91 -2.49 -4.39
C LEU B 53 5.79 -2.64 -5.91
N LEU B 54 6.54 -1.82 -6.63
CA LEU B 54 6.51 -1.86 -8.09
C LEU B 54 7.04 -3.20 -8.61
N HIS B 55 7.70 -3.95 -7.73
CA HIS B 55 8.24 -5.25 -8.10
C HIS B 55 7.48 -6.38 -7.41
N MET B 56 6.75 -6.03 -6.35
CA MET B 56 5.97 -7.01 -5.61
C MET B 56 4.55 -7.12 -6.18
N LEU B 57 4.02 -6.00 -6.65
CA LEU B 57 2.67 -5.97 -7.22
C LEU B 57 2.60 -6.81 -8.48
N GLU B 58 3.75 -7.21 -8.99
CA GLU B 58 3.82 -8.03 -10.21
C GLU B 58 3.89 -9.51 -9.86
N SER B 59 3.27 -9.87 -8.73
CA SER B 59 3.27 -11.26 -8.29
C SER B 59 2.18 -11.50 -7.25
N PRO B 60 1.52 -12.67 -7.33
CA PRO B 60 0.46 -13.04 -6.40
C PRO B 60 0.97 -13.32 -5.00
N GLU B 61 2.01 -14.13 -4.89
CA GLU B 61 2.61 -14.47 -3.61
C GLU B 61 3.12 -13.21 -2.89
N SER B 62 3.36 -12.17 -3.67
CA SER B 62 3.85 -10.91 -3.11
C SER B 62 2.70 -10.03 -2.63
N LEU B 63 1.76 -9.75 -3.53
CA LEU B 63 0.61 -8.93 -3.20
C LEU B 63 -0.14 -9.50 -2.00
N ARG B 64 -0.52 -10.77 -2.10
CA ARG B 64 -1.25 -11.43 -1.03
C ARG B 64 -0.45 -11.39 0.28
N SER B 65 0.84 -11.68 0.18
CA SER B 65 1.71 -11.68 1.35
C SER B 65 1.66 -10.33 2.07
N LYS B 66 1.94 -9.26 1.33
CA LYS B 66 1.92 -7.92 1.89
C LYS B 66 0.57 -7.62 2.54
N VAL B 67 -0.49 -7.70 1.75
CA VAL B 67 -1.84 -7.44 2.24
C VAL B 67 -2.12 -8.24 3.52
N ASP B 68 -1.89 -9.54 3.44
CA ASP B 68 -2.12 -10.42 4.58
C ASP B 68 -1.31 -9.95 5.80
N GLU B 69 0.00 -9.85 5.63
CA GLU B 69 0.87 -9.41 6.71
C GLU B 69 0.37 -8.10 7.32
N ALA B 70 0.18 -7.10 6.47
CA ALA B 70 -0.31 -5.80 6.93
C ALA B 70 -1.54 -5.94 7.81
N VAL B 71 -2.60 -6.52 7.26
CA VAL B 71 -3.83 -6.72 7.99
C VAL B 71 -3.57 -7.40 9.34
N ALA B 72 -2.65 -8.35 9.35
CA ALA B 72 -2.31 -9.06 10.57
C ALA B 72 -1.72 -8.12 11.61
N VAL B 73 -0.86 -7.21 11.17
CA VAL B 73 -0.24 -6.25 12.07
C VAL B 73 -1.28 -5.33 12.70
N LEU B 74 -2.25 -4.89 11.89
CA LEU B 74 -3.30 -4.01 12.38
C LEU B 74 -3.95 -4.58 13.63
N GLN B 75 -3.99 -5.90 13.73
CA GLN B 75 -4.58 -6.56 14.88
C GLN B 75 -3.99 -6.03 16.18
N ALA B 76 -2.73 -5.63 16.12
CA ALA B 76 -2.05 -5.10 17.30
C ALA B 76 -2.69 -3.79 17.77
N HIS B 77 -3.15 -2.98 16.81
CA HIS B 77 -3.78 -1.70 17.13
C HIS B 77 -5.30 -1.84 17.11
N GLN B 78 -5.86 -1.95 15.91
CA GLN B 78 -7.31 -2.08 15.76
C GLN B 78 -7.65 -2.73 14.42
N ALA B 79 -8.72 -3.53 14.42
CA ALA B 79 -9.16 -4.23 13.22
C ALA B 79 -10.66 -4.09 13.03
N LYS B 80 -11.12 -2.86 12.81
CA LYS B 80 -12.54 -2.60 12.60
C LYS B 80 -13.37 -3.19 13.74
N GLU B 81 -12.77 -3.26 14.93
CA GLU B 81 -13.46 -3.82 16.09
C GLU B 81 -14.15 -2.71 16.89
N ALA B 82 -15.31 -2.28 16.42
CA ALA B 82 -16.07 -1.22 17.09
C ALA B 82 -17.44 -1.05 16.45
N ALA B 83 -18.46 -0.86 17.28
CA ALA B 83 -19.82 -0.68 16.79
C ALA B 83 -20.30 -1.89 16.01
N ALA A 1 12.86 -3.64 1.88
CA ALA A 1 11.80 -4.56 2.24
C ALA A 1 12.30 -5.64 3.18
N PHE A 2 11.51 -5.93 4.21
CA PHE A 2 11.88 -6.95 5.19
C PHE A 2 10.94 -8.14 5.11
N SER A 3 11.24 -9.17 5.90
CA SER A 3 10.41 -10.38 5.92
C SER A 3 9.57 -10.45 7.18
N ARG A 4 10.20 -10.16 8.32
CA ARG A 4 9.51 -10.19 9.61
C ARG A 4 8.31 -9.25 9.60
N GLN A 5 7.59 -9.20 10.72
CA GLN A 5 6.42 -8.34 10.83
C GLN A 5 6.78 -6.88 10.55
N LEU A 6 5.78 -6.01 10.62
CA LEU A 6 5.99 -4.58 10.36
C LEU A 6 5.34 -3.74 11.44
N ASN A 7 5.39 -2.43 11.27
CA ASN A 7 4.80 -1.49 12.23
C ASN A 7 3.56 -0.82 11.66
N VAL A 8 2.53 -0.69 12.48
CA VAL A 8 1.29 -0.06 12.05
C VAL A 8 1.33 1.45 12.27
N ASN A 9 2.38 1.91 12.93
CA ASN A 9 2.55 3.34 13.21
C ASN A 9 3.01 4.08 11.96
N ALA A 10 3.43 3.33 10.96
CA ALA A 10 3.89 3.93 9.71
C ALA A 10 2.78 4.73 9.03
N LYS A 11 3.01 6.04 8.90
CA LYS A 11 2.04 6.92 8.27
C LYS A 11 1.59 6.38 6.92
N PRO A 12 0.40 6.80 6.47
CA PRO A 12 -0.16 6.37 5.19
C PRO A 12 0.60 6.94 4.00
N PHE A 13 0.16 8.12 3.54
CA PHE A 13 0.81 8.78 2.41
C PHE A 13 0.24 10.17 2.20
N VAL A 14 0.58 10.79 1.07
CA VAL A 14 0.10 12.12 0.75
C VAL A 14 -0.91 12.10 -0.38
N PRO A 15 -2.18 11.79 -0.05
CA PRO A 15 -3.27 11.73 -1.02
C PRO A 15 -3.63 13.10 -1.58
N ASN A 16 -4.66 13.14 -2.42
CA ASN A 16 -5.11 14.39 -3.02
C ASN A 16 -6.62 14.52 -2.93
N VAL A 17 -7.20 13.95 -1.87
CA VAL A 17 -8.64 14.00 -1.66
C VAL A 17 -8.98 14.64 -0.32
N HIS A 18 -10.26 14.92 -0.11
CA HIS A 18 -10.72 15.52 1.14
C HIS A 18 -10.57 14.54 2.29
N ALA A 19 -10.79 13.27 2.02
CA ALA A 19 -10.69 12.23 3.03
C ALA A 19 -9.77 11.11 2.58
N GLY B 1 -9.58 -2.45 -17.30
CA GLY B 1 -9.06 -1.11 -17.54
C GLY B 1 -7.94 -1.11 -18.56
N GLN B 2 -7.64 0.06 -19.10
CA GLN B 2 -6.58 0.21 -20.09
C GLN B 2 -5.52 1.21 -19.61
N GLU B 3 -5.08 1.05 -18.37
CA GLU B 3 -4.08 1.93 -17.79
C GLU B 3 -3.29 1.22 -16.69
N PRO B 4 -2.42 0.29 -17.09
CA PRO B 4 -1.60 -0.48 -16.15
C PRO B 4 -0.52 0.38 -15.49
N LEU B 5 -0.19 0.04 -14.25
CA LEU B 5 0.83 0.79 -13.51
C LEU B 5 2.22 0.22 -13.79
N THR B 6 3.22 1.12 -13.83
CA THR B 6 4.60 0.71 -14.09
C THR B 6 5.58 1.72 -13.50
N ALA B 7 6.84 1.33 -13.45
CA ALA B 7 7.89 2.20 -12.92
C ALA B 7 8.01 3.47 -13.74
N SER B 8 7.63 3.39 -15.01
CA SER B 8 7.71 4.54 -15.91
C SER B 8 7.01 5.75 -15.30
N MET B 9 5.88 5.51 -14.64
CA MET B 9 5.11 6.58 -14.01
C MET B 9 5.93 7.26 -12.92
N LEU B 10 6.67 6.46 -12.16
CA LEU B 10 7.51 6.99 -11.08
C LEU B 10 8.95 7.18 -11.55
N ALA B 11 9.11 7.44 -12.84
CA ALA B 11 10.44 7.64 -13.41
C ALA B 11 10.71 9.12 -13.66
N SER B 12 9.76 9.79 -14.30
CA SER B 12 9.89 11.21 -14.60
C SER B 12 9.07 12.06 -13.63
N ALA B 13 8.90 11.55 -12.42
CA ALA B 13 8.14 12.25 -11.39
C ALA B 13 8.97 12.45 -10.13
N PRO B 14 8.55 13.41 -9.29
CA PRO B 14 9.25 13.72 -8.04
C PRO B 14 9.10 12.61 -7.00
N PRO B 15 9.90 12.69 -5.92
CA PRO B 15 9.87 11.70 -4.85
C PRO B 15 8.59 11.78 -4.01
N GLN B 16 7.81 12.84 -4.25
CA GLN B 16 6.57 13.04 -3.52
C GLN B 16 5.38 12.48 -4.31
N GLU B 17 5.36 12.75 -5.61
CA GLU B 17 4.28 12.28 -6.47
C GLU B 17 4.24 10.76 -6.49
N GLN B 18 5.37 10.13 -6.21
CA GLN B 18 5.46 8.67 -6.20
C GLN B 18 4.43 8.08 -5.25
N LYS B 19 4.62 8.29 -3.96
CA LYS B 19 3.70 7.77 -2.95
C LYS B 19 2.27 8.19 -3.26
N GLN B 20 2.11 9.39 -3.80
CA GLN B 20 0.79 9.91 -4.14
C GLN B 20 0.12 9.05 -5.21
N MET B 21 0.69 9.06 -6.41
CA MET B 21 0.15 8.29 -7.52
C MET B 21 0.11 6.81 -7.17
N LEU B 22 1.27 6.25 -6.84
CA LEU B 22 1.37 4.83 -6.49
C LEU B 22 0.37 4.48 -5.40
N GLY B 23 0.49 5.13 -4.25
CA GLY B 23 -0.41 4.87 -3.15
C GLY B 23 -1.87 4.99 -3.55
N GLU B 24 -2.21 6.08 -4.23
CA GLU B 24 -3.58 6.32 -4.67
C GLU B 24 -4.10 5.12 -5.48
N ARG B 25 -3.27 4.62 -6.39
CA ARG B 25 -3.65 3.49 -7.23
C ARG B 25 -3.63 2.19 -6.42
N LEU B 26 -2.81 2.16 -5.38
CA LEU B 26 -2.70 0.98 -4.53
C LEU B 26 -3.91 0.87 -3.60
N PHE B 27 -4.53 2.00 -3.30
CA PHE B 27 -5.70 2.01 -2.42
C PHE B 27 -6.72 0.98 -2.87
N PRO B 28 -7.19 1.09 -4.11
CA PRO B 28 -8.18 0.18 -4.69
C PRO B 28 -7.60 -1.22 -4.92
N LEU B 29 -6.36 -1.26 -5.40
CA LEU B 29 -5.69 -2.53 -5.67
C LEU B 29 -5.77 -3.47 -4.47
N ILE B 30 -5.60 -2.89 -3.27
CA ILE B 30 -5.66 -3.67 -2.04
C ILE B 30 -7.09 -4.03 -1.68
N GLN B 31 -8.03 -3.14 -2.01
CA GLN B 31 -9.43 -3.36 -1.72
C GLN B 31 -9.93 -4.65 -2.39
N ALA B 32 -9.19 -5.10 -3.41
CA ALA B 32 -9.56 -6.31 -4.12
C ALA B 32 -9.65 -7.51 -3.18
N MET B 33 -8.83 -7.49 -2.13
CA MET B 33 -8.82 -8.56 -1.15
C MET B 33 -9.16 -8.04 0.24
N HIS B 34 -8.87 -6.76 0.48
CA HIS B 34 -9.14 -6.13 1.77
C HIS B 34 -9.73 -4.74 1.58
N PRO B 35 -11.00 -4.68 1.14
CA PRO B 35 -11.70 -3.42 0.92
C PRO B 35 -12.01 -2.68 2.22
N THR B 36 -11.75 -3.35 3.34
CA THR B 36 -12.00 -2.76 4.65
C THR B 36 -10.74 -2.13 5.23
N LEU B 37 -9.69 -2.93 5.36
CA LEU B 37 -8.42 -2.44 5.89
C LEU B 37 -7.52 -1.94 4.77
N ALA B 38 -8.10 -1.76 3.59
CA ALA B 38 -7.35 -1.28 2.44
C ALA B 38 -6.54 -0.03 2.80
N GLY B 39 -7.09 0.78 3.70
CA GLY B 39 -6.41 1.99 4.11
C GLY B 39 -5.09 1.71 4.80
N LYS B 40 -5.16 1.25 6.05
CA LYS B 40 -3.95 0.95 6.81
C LYS B 40 -2.97 0.11 6.00
N ILE B 41 -3.52 -0.88 5.29
CA ILE B 41 -2.71 -1.76 4.46
C ILE B 41 -1.86 -0.95 3.47
N THR B 42 -2.52 -0.20 2.61
CA THR B 42 -1.83 0.62 1.62
C THR B 42 -0.83 1.57 2.28
N GLY B 43 -1.15 2.00 3.50
CA GLY B 43 -0.27 2.90 4.21
C GLY B 43 1.07 2.28 4.52
N MET B 44 1.05 1.16 5.26
CA MET B 44 2.27 0.47 5.62
C MET B 44 2.98 -0.08 4.39
N LEU B 45 2.20 -0.65 3.48
CA LEU B 45 2.75 -1.22 2.25
C LEU B 45 3.45 -0.14 1.41
N LEU B 46 2.97 1.09 1.53
CA LEU B 46 3.56 2.21 0.79
C LEU B 46 4.77 2.76 1.53
N GLU B 47 4.86 2.46 2.81
CA GLU B 47 5.98 2.93 3.63
C GLU B 47 7.24 2.11 3.35
N ILE B 48 7.14 0.79 3.51
CA ILE B 48 8.27 -0.09 3.28
C ILE B 48 9.16 0.44 2.16
N ASP B 49 8.59 0.56 0.97
CA ASP B 49 9.34 1.06 -0.18
C ASP B 49 8.49 0.99 -1.45
N ASN B 50 8.00 2.14 -1.90
CA ASN B 50 7.18 2.19 -3.10
C ASN B 50 7.86 1.50 -4.26
N SER B 51 9.16 1.73 -4.40
CA SER B 51 9.94 1.13 -5.49
C SER B 51 9.78 -0.38 -5.48
N GLU B 52 9.72 -0.97 -4.29
CA GLU B 52 9.56 -2.41 -4.14
C GLU B 52 8.18 -2.86 -4.59
N LEU B 53 7.19 -2.00 -4.38
CA LEU B 53 5.81 -2.31 -4.76
C LEU B 53 5.64 -2.24 -6.28
N LEU B 54 6.37 -1.34 -6.91
CA LEU B 54 6.30 -1.17 -8.35
C LEU B 54 6.76 -2.44 -9.07
N HIS B 55 7.46 -3.30 -8.34
CA HIS B 55 7.96 -4.55 -8.90
C HIS B 55 7.37 -5.76 -8.18
N MET B 56 6.79 -5.50 -7.00
CA MET B 56 6.18 -6.57 -6.21
C MET B 56 4.72 -6.76 -6.60
N LEU B 57 4.15 -5.75 -7.24
CA LEU B 57 2.75 -5.81 -7.66
C LEU B 57 2.56 -6.82 -8.78
N GLU B 58 3.67 -7.35 -9.29
CA GLU B 58 3.62 -8.32 -10.38
C GLU B 58 3.62 -9.75 -9.82
N SER B 59 3.93 -9.88 -8.53
CA SER B 59 3.96 -11.18 -7.88
C SER B 59 2.66 -11.44 -7.12
N PRO B 60 2.00 -12.57 -7.42
CA PRO B 60 0.75 -12.96 -6.77
C PRO B 60 0.96 -13.36 -5.31
N GLU B 61 1.94 -14.20 -5.07
CA GLU B 61 2.23 -14.66 -3.71
C GLU B 61 2.77 -13.52 -2.85
N SER B 62 3.24 -12.46 -3.52
CA SER B 62 3.78 -11.30 -2.81
C SER B 62 2.65 -10.34 -2.39
N LEU B 63 1.83 -9.96 -3.35
CA LEU B 63 0.72 -9.05 -3.08
C LEU B 63 -0.13 -9.55 -1.91
N ARG B 64 -0.72 -10.73 -2.08
CA ARG B 64 -1.55 -11.32 -1.04
C ARG B 64 -0.78 -11.40 0.29
N SER B 65 0.50 -11.77 0.20
CA SER B 65 1.33 -11.89 1.39
C SER B 65 1.42 -10.56 2.13
N LYS B 66 1.79 -9.51 1.41
CA LYS B 66 1.92 -8.17 1.99
C LYS B 66 0.62 -7.77 2.68
N VAL B 67 -0.47 -7.78 1.93
CA VAL B 67 -1.77 -7.41 2.47
C VAL B 67 -2.09 -8.18 3.74
N ASP B 68 -1.81 -9.48 3.71
CA ASP B 68 -2.06 -10.34 4.87
C ASP B 68 -1.28 -9.85 6.08
N GLU B 69 0.04 -9.76 5.93
CA GLU B 69 0.91 -9.32 7.02
C GLU B 69 0.41 -8.00 7.60
N ALA B 70 0.16 -7.02 6.72
CA ALA B 70 -0.32 -5.72 7.14
C ALA B 70 -1.56 -5.84 8.03
N VAL B 71 -2.61 -6.45 7.49
CA VAL B 71 -3.85 -6.64 8.23
C VAL B 71 -3.58 -7.24 9.60
N ALA B 72 -2.68 -8.22 9.63
CA ALA B 72 -2.33 -8.89 10.88
C ALA B 72 -1.72 -7.92 11.88
N VAL B 73 -0.87 -7.02 11.38
CA VAL B 73 -0.22 -6.03 12.23
C VAL B 73 -1.24 -5.05 12.82
N LEU B 74 -2.24 -4.70 12.02
CA LEU B 74 -3.29 -3.78 12.47
C LEU B 74 -3.86 -4.22 13.80
N GLN B 75 -3.88 -5.51 14.05
CA GLN B 75 -4.40 -6.07 15.29
C GLN B 75 -3.77 -5.38 16.49
N ALA B 76 -2.52 -4.94 16.33
CA ALA B 76 -1.81 -4.26 17.41
C ALA B 76 -2.45 -2.92 17.73
N HIS B 77 -2.92 -2.23 16.69
CA HIS B 77 -3.56 -0.93 16.87
C HIS B 77 -5.08 -1.06 16.88
N GLN B 78 -5.66 -1.28 15.71
CA GLN B 78 -7.11 -1.42 15.59
C GLN B 78 -7.46 -2.34 14.42
N ALA B 79 -8.45 -3.21 14.64
CA ALA B 79 -8.89 -4.14 13.62
C ALA B 79 -10.27 -3.78 13.11
N LYS B 80 -10.33 -2.76 12.26
CA LYS B 80 -11.61 -2.31 11.69
C LYS B 80 -12.60 -2.00 12.79
N GLU B 81 -12.09 -1.58 13.95
CA GLU B 81 -12.95 -1.24 15.08
C GLU B 81 -13.00 0.26 15.30
N ALA B 82 -13.12 1.01 14.21
CA ALA B 82 -13.17 2.46 14.27
C ALA B 82 -14.47 2.99 13.67
N ALA B 83 -14.83 2.46 12.50
CA ALA B 83 -16.05 2.88 11.82
C ALA B 83 -17.04 1.74 11.72
N ALA A 1 12.59 -5.04 1.68
CA ALA A 1 11.38 -5.60 2.29
C ALA A 1 11.74 -6.61 3.37
N PHE A 2 10.95 -6.64 4.44
CA PHE A 2 11.18 -7.56 5.55
C PHE A 2 9.97 -8.47 5.76
N SER A 3 10.22 -9.77 5.76
CA SER A 3 9.15 -10.75 5.95
C SER A 3 8.56 -10.65 7.36
N ARG A 4 9.42 -10.42 8.34
CA ARG A 4 9.00 -10.30 9.73
C ARG A 4 7.86 -9.29 9.86
N GLN A 5 7.23 -9.27 11.03
CA GLN A 5 6.12 -8.35 11.28
C GLN A 5 6.51 -6.92 10.93
N LEU A 6 5.51 -6.07 10.72
CA LEU A 6 5.75 -4.68 10.38
C LEU A 6 5.17 -3.75 11.44
N ASN A 7 5.26 -2.44 11.20
CA ASN A 7 4.75 -1.45 12.14
C ASN A 7 3.41 -0.90 11.65
N VAL A 8 2.47 -0.76 12.58
CA VAL A 8 1.14 -0.22 12.25
C VAL A 8 1.10 1.28 12.42
N ASN A 9 2.03 1.82 13.20
CA ASN A 9 2.09 3.25 13.43
C ASN A 9 2.56 4.00 12.19
N ALA A 10 3.08 3.24 11.22
CA ALA A 10 3.57 3.82 9.98
C ALA A 10 2.48 4.64 9.29
N LYS A 11 2.75 5.92 9.06
CA LYS A 11 1.80 6.80 8.41
C LYS A 11 1.29 6.20 7.10
N PRO A 12 0.15 6.70 6.62
CA PRO A 12 -0.46 6.23 5.38
C PRO A 12 0.34 6.63 4.14
N PHE A 13 0.05 7.79 3.60
CA PHE A 13 0.75 8.29 2.43
C PHE A 13 0.36 9.74 2.12
N VAL A 14 0.75 10.22 0.95
CA VAL A 14 0.45 11.58 0.54
C VAL A 14 -0.57 11.60 -0.59
N PRO A 15 -1.86 11.49 -0.24
CA PRO A 15 -2.96 11.49 -1.21
C PRO A 15 -3.15 12.86 -1.86
N ASN A 16 -4.24 13.00 -2.60
CA ASN A 16 -4.55 14.25 -3.28
C ASN A 16 -5.09 15.28 -2.29
N VAL A 17 -4.25 15.72 -1.37
CA VAL A 17 -4.64 16.72 -0.37
C VAL A 17 -3.43 17.27 0.37
N HIS A 18 -3.41 18.58 0.56
CA HIS A 18 -2.31 19.23 1.26
C HIS A 18 -2.61 19.37 2.74
N ALA A 19 -3.78 19.91 3.06
CA ALA A 19 -4.19 20.10 4.44
C ALA A 19 -4.49 18.76 5.11
N GLY B 1 -9.76 2.65 -8.66
CA GLY B 1 -10.29 1.42 -9.21
C GLY B 1 -9.87 1.20 -10.65
N GLN B 2 -9.54 2.28 -11.34
CA GLN B 2 -9.12 2.19 -12.73
C GLN B 2 -7.92 3.09 -12.99
N GLU B 3 -7.57 3.26 -14.27
CA GLU B 3 -6.44 4.08 -14.65
C GLU B 3 -5.15 3.57 -14.02
N PRO B 4 -4.64 2.45 -14.56
CA PRO B 4 -3.41 1.82 -14.07
C PRO B 4 -2.17 2.65 -14.39
N LEU B 5 -1.05 2.29 -13.79
CA LEU B 5 0.21 3.01 -14.02
C LEU B 5 1.02 2.33 -15.12
N THR B 6 2.23 2.84 -15.35
CA THR B 6 3.10 2.30 -16.38
C THR B 6 4.49 2.01 -15.82
N ALA B 7 4.66 2.24 -14.53
CA ALA B 7 5.95 2.02 -13.87
C ALA B 7 7.02 2.96 -14.40
N SER B 8 6.58 3.98 -15.13
CA SER B 8 7.50 4.96 -15.70
C SER B 8 7.22 6.36 -15.16
N MET B 9 5.95 6.64 -14.89
CA MET B 9 5.54 7.94 -14.38
C MET B 9 6.36 8.31 -13.15
N LEU B 10 6.58 7.33 -12.27
CA LEU B 10 7.35 7.55 -11.05
C LEU B 10 8.79 7.91 -11.38
N ALA B 11 9.29 7.37 -12.49
CA ALA B 11 10.66 7.63 -12.92
C ALA B 11 10.89 9.12 -13.17
N SER B 12 10.00 9.72 -13.95
CA SER B 12 10.10 11.14 -14.28
C SER B 12 9.23 11.98 -13.35
N ALA B 13 9.11 11.53 -12.10
CA ALA B 13 8.29 12.24 -11.11
C ALA B 13 9.07 12.45 -9.82
N PRO B 14 8.61 13.41 -9.00
CA PRO B 14 9.25 13.73 -7.73
C PRO B 14 9.06 12.63 -6.69
N PRO B 15 9.81 12.72 -5.59
CA PRO B 15 9.74 11.74 -4.50
C PRO B 15 8.43 11.83 -3.73
N GLN B 16 7.65 12.87 -4.00
CA GLN B 16 6.37 13.06 -3.33
C GLN B 16 5.23 12.49 -4.17
N GLU B 17 5.27 12.75 -5.47
CA GLU B 17 4.23 12.26 -6.38
C GLU B 17 4.24 10.74 -6.44
N GLN B 18 5.38 10.14 -6.13
CA GLN B 18 5.52 8.69 -6.15
C GLN B 18 4.45 8.03 -5.27
N LYS B 19 4.63 8.14 -3.96
CA LYS B 19 3.68 7.56 -3.02
C LYS B 19 2.25 8.01 -3.33
N GLN B 20 2.12 9.22 -3.87
CA GLN B 20 0.81 9.76 -4.22
C GLN B 20 0.13 8.90 -5.28
N MET B 21 0.71 8.87 -6.47
CA MET B 21 0.16 8.10 -7.58
C MET B 21 0.13 6.61 -7.23
N LEU B 22 1.30 6.05 -6.91
CA LEU B 22 1.41 4.65 -6.56
C LEU B 22 0.40 4.28 -5.47
N GLY B 23 0.49 4.95 -4.33
CA GLY B 23 -0.43 4.68 -3.23
C GLY B 23 -1.88 4.84 -3.64
N GLU B 24 -2.15 5.83 -4.48
CA GLU B 24 -3.51 6.09 -4.93
C GLU B 24 -4.03 4.92 -5.77
N ARG B 25 -3.17 4.38 -6.63
CA ARG B 25 -3.54 3.26 -7.47
C ARG B 25 -3.59 1.96 -6.68
N LEU B 26 -2.69 1.85 -5.70
CA LEU B 26 -2.62 0.65 -4.87
C LEU B 26 -3.77 0.63 -3.86
N PHE B 27 -4.27 1.81 -3.50
CA PHE B 27 -5.36 1.92 -2.55
C PHE B 27 -6.50 0.97 -2.90
N PRO B 28 -7.03 1.12 -4.12
CA PRO B 28 -8.13 0.29 -4.61
C PRO B 28 -7.69 -1.15 -4.87
N LEU B 29 -6.52 -1.31 -5.48
CA LEU B 29 -5.98 -2.63 -5.79
C LEU B 29 -5.99 -3.52 -4.55
N ILE B 30 -5.74 -2.92 -3.40
CA ILE B 30 -5.72 -3.67 -2.15
C ILE B 30 -7.14 -3.99 -1.67
N GLN B 31 -8.07 -3.10 -1.97
CA GLN B 31 -9.47 -3.30 -1.57
C GLN B 31 -10.01 -4.60 -2.16
N ALA B 32 -9.36 -5.10 -3.20
CA ALA B 32 -9.77 -6.33 -3.86
C ALA B 32 -9.89 -7.47 -2.85
N MET B 33 -9.05 -7.43 -1.83
CA MET B 33 -9.05 -8.46 -0.79
C MET B 33 -9.36 -7.86 0.57
N HIS B 34 -8.96 -6.61 0.77
CA HIS B 34 -9.19 -5.92 2.03
C HIS B 34 -9.69 -4.50 1.79
N PRO B 35 -10.97 -4.38 1.41
CA PRO B 35 -11.61 -3.08 1.13
C PRO B 35 -11.81 -2.26 2.40
N THR B 36 -11.55 -2.88 3.55
CA THR B 36 -11.70 -2.20 4.83
C THR B 36 -10.36 -1.71 5.36
N LEU B 37 -9.37 -2.60 5.39
CA LEU B 37 -8.04 -2.27 5.87
C LEU B 37 -7.15 -1.80 4.72
N ALA B 38 -7.77 -1.48 3.59
CA ALA B 38 -7.04 -1.01 2.42
C ALA B 38 -6.15 0.18 2.77
N GLY B 39 -6.76 1.22 3.33
CA GLY B 39 -6.01 2.41 3.70
C GLY B 39 -4.78 2.08 4.52
N LYS B 40 -4.97 1.29 5.58
CA LYS B 40 -3.87 0.90 6.45
C LYS B 40 -2.83 0.08 5.68
N ILE B 41 -3.29 -0.91 4.93
CA ILE B 41 -2.41 -1.77 4.16
C ILE B 41 -1.57 -0.94 3.19
N THR B 42 -2.24 -0.25 2.28
CA THR B 42 -1.56 0.58 1.29
C THR B 42 -0.61 1.58 1.96
N GLY B 43 -1.01 2.06 3.13
CA GLY B 43 -0.19 3.01 3.86
C GLY B 43 1.17 2.43 4.24
N MET B 44 1.16 1.35 5.01
CA MET B 44 2.39 0.71 5.44
C MET B 44 3.14 0.13 4.25
N LEU B 45 2.41 -0.51 3.34
CA LEU B 45 3.02 -1.10 2.15
C LEU B 45 3.68 -0.05 1.28
N LEU B 46 3.18 1.18 1.37
CA LEU B 46 3.72 2.29 0.59
C LEU B 46 4.94 2.90 1.28
N GLU B 47 5.03 2.68 2.59
CA GLU B 47 6.14 3.20 3.37
C GLU B 47 7.40 2.37 3.14
N ILE B 48 7.30 1.07 3.38
CA ILE B 48 8.42 0.17 3.20
C ILE B 48 9.32 0.63 2.05
N ASP B 49 8.76 0.66 0.85
CA ASP B 49 9.51 1.08 -0.32
C ASP B 49 8.66 0.94 -1.58
N ASN B 50 8.25 2.07 -2.15
CA ASN B 50 7.43 2.07 -3.36
C ASN B 50 8.07 1.22 -4.45
N SER B 51 9.39 1.37 -4.61
CA SER B 51 10.12 0.61 -5.62
C SER B 51 9.89 -0.88 -5.46
N GLU B 52 9.85 -1.34 -4.21
CA GLU B 52 9.63 -2.75 -3.92
C GLU B 52 8.24 -3.19 -4.36
N LEU B 53 7.27 -2.29 -4.23
CA LEU B 53 5.89 -2.58 -4.61
C LEU B 53 5.76 -2.68 -6.13
N LEU B 54 6.45 -1.80 -6.83
CA LEU B 54 6.41 -1.78 -8.29
C LEU B 54 6.93 -3.09 -8.87
N HIS B 55 7.63 -3.86 -8.04
CA HIS B 55 8.18 -5.14 -8.46
C HIS B 55 7.55 -6.29 -7.67
N MET B 56 6.85 -5.94 -6.59
CA MET B 56 6.20 -6.94 -5.75
C MET B 56 4.86 -7.35 -6.33
N LEU B 57 4.22 -6.43 -7.04
CA LEU B 57 2.92 -6.69 -7.65
C LEU B 57 3.05 -7.68 -8.81
N GLU B 58 4.29 -8.04 -9.14
CA GLU B 58 4.55 -8.98 -10.22
C GLU B 58 4.44 -10.42 -9.72
N SER B 59 4.09 -10.57 -8.45
CA SER B 59 3.96 -11.90 -7.86
C SER B 59 2.76 -11.96 -6.91
N PRO B 60 1.94 -13.01 -7.05
CA PRO B 60 0.74 -13.20 -6.22
C PRO B 60 1.09 -13.54 -4.78
N GLU B 61 1.99 -14.50 -4.60
CA GLU B 61 2.41 -14.92 -3.27
C GLU B 61 3.01 -13.76 -2.49
N SER B 62 3.46 -12.74 -3.22
CA SER B 62 4.05 -11.56 -2.60
C SER B 62 2.98 -10.54 -2.22
N LEU B 63 2.15 -10.18 -3.19
CA LEU B 63 1.08 -9.21 -2.96
C LEU B 63 0.22 -9.63 -1.76
N ARG B 64 -0.35 -10.83 -1.84
CA ARG B 64 -1.19 -11.34 -0.77
C ARG B 64 -0.42 -11.42 0.54
N SER B 65 0.88 -11.76 0.44
CA SER B 65 1.73 -11.89 1.62
C SER B 65 1.76 -10.57 2.39
N LYS B 66 2.06 -9.49 1.69
CA LYS B 66 2.13 -8.17 2.32
C LYS B 66 0.77 -7.76 2.88
N VAL B 67 -0.26 -7.85 2.05
CA VAL B 67 -1.62 -7.50 2.47
C VAL B 67 -2.00 -8.22 3.75
N ASP B 68 -1.86 -9.54 3.74
CA ASP B 68 -2.18 -10.36 4.90
C ASP B 68 -1.40 -9.91 6.13
N GLU B 69 -0.09 -9.79 5.98
CA GLU B 69 0.78 -9.37 7.07
C GLU B 69 0.32 -8.02 7.64
N ALA B 70 0.16 -7.05 6.76
CA ALA B 70 -0.27 -5.71 7.16
C ALA B 70 -1.54 -5.78 8.01
N VAL B 71 -2.60 -6.33 7.43
CA VAL B 71 -3.87 -6.46 8.13
C VAL B 71 -3.68 -7.12 9.50
N ALA B 72 -2.85 -8.14 9.55
CA ALA B 72 -2.58 -8.86 10.79
C ALA B 72 -1.98 -7.92 11.84
N VAL B 73 -1.05 -7.07 11.41
CA VAL B 73 -0.41 -6.12 12.31
C VAL B 73 -1.42 -5.12 12.87
N LEU B 74 -2.34 -4.69 12.01
CA LEU B 74 -3.36 -3.73 12.42
C LEU B 74 -4.07 -4.19 13.69
N GLN B 75 -4.25 -5.49 13.81
CA GLN B 75 -4.91 -6.06 14.99
C GLN B 75 -4.26 -5.57 16.27
N ALA B 76 -2.95 -5.30 16.21
CA ALA B 76 -2.22 -4.82 17.37
C ALA B 76 -2.75 -3.47 17.85
N HIS B 77 -3.23 -2.67 16.90
CA HIS B 77 -3.77 -1.35 17.22
C HIS B 77 -5.29 -1.36 17.18
N GLN B 78 -5.85 -1.52 15.98
CA GLN B 78 -7.30 -1.56 15.82
C GLN B 78 -7.70 -2.53 14.72
N ALA B 79 -8.56 -3.49 15.08
CA ALA B 79 -9.02 -4.48 14.12
C ALA B 79 -9.60 -3.83 12.86
N LYS B 80 -10.77 -3.22 13.01
CA LYS B 80 -11.43 -2.55 11.90
C LYS B 80 -11.48 -1.05 12.11
N GLU B 81 -11.39 -0.64 13.39
CA GLU B 81 -11.43 0.78 13.73
C GLU B 81 -10.05 1.41 13.58
N ALA B 82 -9.47 1.28 12.40
CA ALA B 82 -8.15 1.84 12.13
C ALA B 82 -8.26 3.15 11.34
N ALA B 83 -8.39 4.26 12.06
CA ALA B 83 -8.50 5.57 11.43
C ALA B 83 -7.73 6.62 12.22
N ALA A 1 13.17 -3.06 2.28
CA ALA A 1 12.06 -3.96 2.55
C ALA A 1 12.49 -5.09 3.48
N PHE A 2 11.51 -5.86 3.97
CA PHE A 2 11.79 -6.96 4.87
C PHE A 2 10.82 -8.11 4.63
N SER A 3 10.93 -9.16 5.45
CA SER A 3 10.06 -10.33 5.32
C SER A 3 9.20 -10.49 6.57
N ARG A 4 9.80 -10.31 7.74
CA ARG A 4 9.09 -10.45 9.00
C ARG A 4 7.95 -9.43 9.08
N GLN A 5 7.28 -9.40 10.24
CA GLN A 5 6.17 -8.47 10.44
C GLN A 5 6.59 -7.03 10.15
N LEU A 6 5.63 -6.13 10.18
CA LEU A 6 5.89 -4.72 9.91
C LEU A 6 5.36 -3.84 11.03
N ASN A 7 5.47 -2.52 10.86
CA ASN A 7 4.99 -1.57 11.85
C ASN A 7 3.68 -0.94 11.41
N VAL A 8 2.73 -0.84 12.34
CA VAL A 8 1.43 -0.25 12.04
C VAL A 8 1.46 1.26 12.24
N ASN A 9 2.46 1.73 12.98
CA ASN A 9 2.59 3.16 13.25
C ASN A 9 3.00 3.91 11.99
N ALA A 10 3.56 3.19 11.02
CA ALA A 10 3.99 3.79 9.76
C ALA A 10 2.86 4.61 9.13
N LYS A 11 3.14 5.89 8.87
CA LYS A 11 2.16 6.78 8.27
C LYS A 11 1.57 6.16 7.01
N PRO A 12 0.40 6.67 6.59
CA PRO A 12 -0.29 6.19 5.39
C PRO A 12 0.44 6.57 4.12
N PHE A 13 0.11 7.75 3.58
CA PHE A 13 0.74 8.22 2.35
C PHE A 13 0.34 9.67 2.07
N VAL A 14 0.64 10.14 0.86
CA VAL A 14 0.31 11.50 0.46
C VAL A 14 -1.01 11.54 -0.28
N PRO A 15 -2.05 12.09 0.38
CA PRO A 15 -3.39 12.21 -0.19
C PRO A 15 -3.44 13.24 -1.32
N ASN A 16 -4.65 13.56 -1.76
CA ASN A 16 -4.85 14.53 -2.84
C ASN A 16 -5.05 15.93 -2.28
N VAL A 17 -4.20 16.30 -1.32
CA VAL A 17 -4.28 17.62 -0.69
C VAL A 17 -2.89 18.14 -0.32
N HIS A 18 -2.76 19.45 -0.26
CA HIS A 18 -1.49 20.08 0.09
C HIS A 18 -1.37 20.26 1.61
N ALA A 19 -2.49 20.54 2.25
CA ALA A 19 -2.52 20.73 3.70
C ALA A 19 -3.09 19.51 4.40
N GLY B 1 -11.15 -1.91 -15.26
CA GLY B 1 -10.68 -0.53 -15.30
C GLY B 1 -9.55 -0.33 -16.29
N GLN B 2 -9.07 0.91 -16.41
CA GLN B 2 -7.99 1.22 -17.32
C GLN B 2 -6.90 2.02 -16.62
N GLU B 3 -5.88 2.41 -17.37
CA GLU B 3 -4.77 3.17 -16.82
C GLU B 3 -4.07 2.39 -15.71
N PRO B 4 -3.32 1.35 -16.11
CA PRO B 4 -2.59 0.49 -15.17
C PRO B 4 -1.41 1.22 -14.52
N LEU B 5 -0.83 0.62 -13.49
CA LEU B 5 0.30 1.20 -12.79
C LEU B 5 1.62 0.63 -13.31
N THR B 6 2.67 1.45 -13.26
CA THR B 6 3.98 1.01 -13.73
C THR B 6 5.07 1.97 -13.25
N ALA B 7 6.32 1.49 -13.25
CA ALA B 7 7.45 2.32 -12.82
C ALA B 7 7.59 3.55 -13.69
N SER B 8 7.08 3.47 -14.92
CA SER B 8 7.16 4.58 -15.86
C SER B 8 6.63 5.87 -15.23
N MET B 9 5.45 5.78 -14.63
CA MET B 9 4.83 6.93 -13.97
C MET B 9 5.75 7.51 -12.91
N LEU B 10 6.47 6.63 -12.22
CA LEU B 10 7.40 7.06 -11.17
C LEU B 10 8.82 7.20 -11.71
N ALA B 11 8.93 7.46 -13.00
CA ALA B 11 10.23 7.62 -13.64
C ALA B 11 10.48 9.07 -14.03
N SER B 12 9.39 9.82 -14.23
CA SER B 12 9.50 11.22 -14.61
C SER B 12 8.70 12.11 -13.65
N ALA B 13 8.62 11.68 -12.40
CA ALA B 13 7.88 12.43 -11.39
C ALA B 13 8.73 12.63 -10.14
N PRO B 14 8.35 13.63 -9.32
CA PRO B 14 9.06 13.96 -8.08
C PRO B 14 8.90 12.88 -7.01
N PRO B 15 9.69 12.98 -5.94
CA PRO B 15 9.64 12.02 -4.83
C PRO B 15 8.36 12.14 -4.02
N GLN B 16 7.56 13.16 -4.31
CA GLN B 16 6.30 13.38 -3.61
C GLN B 16 5.14 12.76 -4.38
N GLU B 17 5.14 12.93 -5.69
CA GLU B 17 4.09 12.40 -6.53
C GLU B 17 4.16 10.87 -6.61
N GLN B 18 5.31 10.33 -6.22
CA GLN B 18 5.53 8.89 -6.24
C GLN B 18 4.52 8.18 -5.33
N LYS B 19 4.70 8.35 -4.02
CA LYS B 19 3.82 7.73 -3.05
C LYS B 19 2.36 8.11 -3.31
N GLN B 20 2.16 9.30 -3.87
CA GLN B 20 0.81 9.77 -4.18
C GLN B 20 0.13 8.88 -5.21
N MET B 21 0.69 8.86 -6.42
CA MET B 21 0.14 8.06 -7.50
C MET B 21 0.15 6.58 -7.12
N LEU B 22 1.32 6.08 -6.72
CA LEU B 22 1.46 4.69 -6.33
C LEU B 22 0.40 4.29 -5.31
N GLY B 23 0.41 4.97 -4.16
CA GLY B 23 -0.55 4.67 -3.12
C GLY B 23 -1.99 4.87 -3.58
N GLU B 24 -2.18 5.82 -4.49
CA GLU B 24 -3.51 6.11 -5.01
C GLU B 24 -4.04 4.95 -5.84
N ARG B 25 -3.17 4.39 -6.68
CA ARG B 25 -3.55 3.27 -7.54
C ARG B 25 -3.60 1.97 -6.74
N LEU B 26 -2.71 1.86 -5.75
CA LEU B 26 -2.65 0.66 -4.91
C LEU B 26 -3.79 0.64 -3.91
N PHE B 27 -4.28 1.83 -3.55
CA PHE B 27 -5.37 1.96 -2.60
C PHE B 27 -6.52 1.02 -2.96
N PRO B 28 -7.06 1.17 -4.17
CA PRO B 28 -8.16 0.34 -4.67
C PRO B 28 -7.74 -1.10 -4.92
N LEU B 29 -6.56 -1.26 -5.52
CA LEU B 29 -6.03 -2.58 -5.83
C LEU B 29 -6.07 -3.49 -4.59
N ILE B 30 -5.82 -2.90 -3.42
CA ILE B 30 -5.83 -3.65 -2.17
C ILE B 30 -7.26 -3.95 -1.73
N GLN B 31 -8.18 -3.03 -2.02
CA GLN B 31 -9.58 -3.21 -1.65
C GLN B 31 -10.14 -4.49 -2.24
N ALA B 32 -9.49 -4.99 -3.29
CA ALA B 32 -9.93 -6.22 -3.94
C ALA B 32 -10.12 -7.34 -2.93
N MET B 33 -9.33 -7.32 -1.87
CA MET B 33 -9.42 -8.34 -0.83
C MET B 33 -9.73 -7.71 0.52
N HIS B 34 -9.18 -6.52 0.76
CA HIS B 34 -9.42 -5.80 2.02
C HIS B 34 -9.88 -4.38 1.76
N PRO B 35 -11.15 -4.23 1.36
CA PRO B 35 -11.74 -2.92 1.06
C PRO B 35 -11.94 -2.07 2.32
N THR B 36 -11.70 -2.69 3.48
CA THR B 36 -11.85 -2.00 4.75
C THR B 36 -10.51 -1.55 5.29
N LEU B 37 -9.55 -2.46 5.33
CA LEU B 37 -8.21 -2.16 5.82
C LEU B 37 -7.30 -1.70 4.69
N ALA B 38 -7.89 -1.40 3.54
CA ALA B 38 -7.14 -0.95 2.38
C ALA B 38 -6.23 0.22 2.73
N GLY B 39 -6.83 1.26 3.30
CA GLY B 39 -6.06 2.44 3.68
C GLY B 39 -4.84 2.09 4.51
N LYS B 40 -5.03 1.29 5.55
CA LYS B 40 -3.95 0.88 6.43
C LYS B 40 -2.92 0.05 5.66
N ILE B 41 -3.41 -0.93 4.90
CA ILE B 41 -2.53 -1.79 4.12
C ILE B 41 -1.66 -0.98 3.17
N THR B 42 -2.30 -0.23 2.27
CA THR B 42 -1.59 0.59 1.30
C THR B 42 -0.66 1.58 2.00
N GLY B 43 -1.09 2.06 3.17
CA GLY B 43 -0.28 3.00 3.92
C GLY B 43 1.06 2.44 4.32
N MET B 44 1.04 1.34 5.08
CA MET B 44 2.27 0.70 5.53
C MET B 44 3.09 0.20 4.35
N LEU B 45 2.42 -0.47 3.41
CA LEU B 45 3.08 -1.00 2.23
C LEU B 45 3.75 0.12 1.42
N LEU B 46 3.18 1.32 1.50
CA LEU B 46 3.71 2.47 0.79
C LEU B 46 4.87 3.09 1.56
N GLU B 47 4.94 2.82 2.85
CA GLU B 47 6.00 3.35 3.69
C GLU B 47 7.29 2.57 3.49
N ILE B 48 7.23 1.26 3.71
CA ILE B 48 8.40 0.40 3.56
C ILE B 48 9.29 0.89 2.43
N ASP B 49 8.77 0.90 1.22
CA ASP B 49 9.53 1.35 0.06
C ASP B 49 8.73 1.15 -1.23
N ASN B 50 8.35 2.25 -1.87
CA ASN B 50 7.58 2.19 -3.11
C ASN B 50 8.27 1.30 -4.13
N SER B 51 9.58 1.49 -4.28
CA SER B 51 10.36 0.71 -5.24
C SER B 51 10.09 -0.79 -5.06
N GLU B 52 10.09 -1.23 -3.81
CA GLU B 52 9.85 -2.63 -3.50
C GLU B 52 8.47 -3.08 -3.98
N LEU B 53 7.49 -2.21 -3.82
CA LEU B 53 6.13 -2.50 -4.24
C LEU B 53 6.05 -2.68 -5.75
N LEU B 54 6.81 -1.86 -6.47
CA LEU B 54 6.83 -1.93 -7.93
C LEU B 54 7.40 -3.27 -8.41
N HIS B 55 8.04 -3.99 -7.49
CA HIS B 55 8.62 -5.29 -7.82
C HIS B 55 7.85 -6.42 -7.14
N MET B 56 7.06 -6.06 -6.12
CA MET B 56 6.28 -7.04 -5.39
C MET B 56 4.88 -7.19 -6.00
N LEU B 57 4.34 -6.08 -6.50
CA LEU B 57 3.02 -6.08 -7.11
C LEU B 57 3.00 -6.95 -8.36
N GLU B 58 4.18 -7.32 -8.83
CA GLU B 58 4.30 -8.15 -10.02
C GLU B 58 4.39 -9.63 -9.65
N SER B 59 3.76 -10.00 -8.55
CA SER B 59 3.78 -11.38 -8.08
C SER B 59 2.56 -11.66 -7.18
N PRO B 60 1.95 -12.84 -7.38
CA PRO B 60 0.78 -13.26 -6.61
C PRO B 60 1.13 -13.57 -5.16
N GLU B 61 2.17 -14.37 -4.96
CA GLU B 61 2.61 -14.75 -3.62
C GLU B 61 3.08 -13.53 -2.85
N SER B 62 3.35 -12.43 -3.57
CA SER B 62 3.82 -11.20 -2.95
C SER B 62 2.64 -10.31 -2.55
N LEU B 63 1.73 -10.10 -3.50
CA LEU B 63 0.55 -9.27 -3.25
C LEU B 63 -0.20 -9.74 -2.01
N ARG B 64 -0.73 -10.96 -2.06
CA ARG B 64 -1.46 -11.51 -0.93
C ARG B 64 -0.63 -11.47 0.35
N SER B 65 0.65 -11.84 0.22
CA SER B 65 1.55 -11.85 1.36
C SER B 65 1.55 -10.50 2.07
N LYS B 66 1.78 -9.44 1.31
CA LYS B 66 1.81 -8.09 1.85
C LYS B 66 0.47 -7.74 2.51
N VAL B 67 -0.60 -7.82 1.73
CA VAL B 67 -1.93 -7.52 2.24
C VAL B 67 -2.22 -8.27 3.53
N ASP B 68 -2.03 -9.59 3.50
CA ASP B 68 -2.26 -10.41 4.68
C ASP B 68 -1.42 -9.92 5.86
N GLU B 69 -0.12 -9.80 5.65
CA GLU B 69 0.79 -9.34 6.69
C GLU B 69 0.30 -8.03 7.31
N ALA B 70 0.05 -7.05 6.45
CA ALA B 70 -0.41 -5.74 6.90
C ALA B 70 -1.64 -5.88 7.81
N VAL B 71 -2.71 -6.46 7.26
CA VAL B 71 -3.94 -6.66 8.02
C VAL B 71 -3.66 -7.34 9.35
N ALA B 72 -2.71 -8.27 9.35
CA ALA B 72 -2.34 -8.99 10.57
C ALA B 72 -1.73 -8.04 11.60
N VAL B 73 -0.87 -7.14 11.13
CA VAL B 73 -0.22 -6.18 12.01
C VAL B 73 -1.22 -5.23 12.64
N LEU B 74 -2.18 -4.78 11.84
CA LEU B 74 -3.21 -3.87 12.32
C LEU B 74 -3.86 -4.39 13.60
N GLN B 75 -3.93 -5.71 13.72
CA GLN B 75 -4.52 -6.35 14.89
C GLN B 75 -3.91 -5.80 16.17
N ALA B 76 -2.65 -5.39 16.09
CA ALA B 76 -1.94 -4.85 17.25
C ALA B 76 -2.52 -3.51 17.67
N HIS B 77 -2.95 -2.73 16.68
CA HIS B 77 -3.52 -1.41 16.94
C HIS B 77 -5.05 -1.47 16.91
N GLN B 78 -5.60 -1.55 15.69
CA GLN B 78 -7.05 -1.62 15.52
C GLN B 78 -7.40 -2.51 14.34
N ALA B 79 -8.16 -3.58 14.61
CA ALA B 79 -8.58 -4.52 13.59
C ALA B 79 -9.99 -4.21 13.11
N LYS B 80 -10.24 -2.95 12.77
CA LYS B 80 -11.55 -2.53 12.29
C LYS B 80 -12.64 -2.96 13.27
N GLU B 81 -12.45 -2.65 14.55
CA GLU B 81 -13.42 -3.00 15.58
C GLU B 81 -13.95 -1.76 16.28
N ALA B 82 -14.94 -1.11 15.68
CA ALA B 82 -15.54 0.09 16.25
C ALA B 82 -17.06 0.05 16.16
N ALA B 83 -17.72 0.16 17.31
CA ALA B 83 -19.17 0.13 17.35
C ALA B 83 -19.74 1.53 17.56
N ALA A 1 11.62 -6.60 2.25
CA ALA A 1 10.60 -5.80 2.93
C ALA A 1 10.42 -6.23 4.37
N PHE A 2 9.78 -7.37 4.58
CA PHE A 2 9.55 -7.89 5.92
C PHE A 2 9.50 -9.43 5.91
N SER A 3 10.17 -10.03 6.87
CA SER A 3 10.21 -11.50 6.97
C SER A 3 9.76 -11.95 8.35
N ARG A 4 8.79 -11.24 8.92
CA ARG A 4 8.27 -11.58 10.25
C ARG A 4 7.02 -10.76 10.56
N GLN A 5 7.22 -9.48 10.86
CA GLN A 5 6.10 -8.60 11.19
C GLN A 5 6.53 -7.14 11.10
N LEU A 6 5.59 -6.27 10.73
CA LEU A 6 5.87 -4.85 10.60
C LEU A 6 5.15 -4.05 11.70
N ASN A 7 5.24 -2.73 11.62
CA ASN A 7 4.61 -1.86 12.60
C ASN A 7 3.45 -1.10 11.98
N VAL A 8 2.33 -1.03 12.69
CA VAL A 8 1.15 -0.33 12.21
C VAL A 8 1.27 1.18 12.47
N ASN A 9 2.27 1.56 13.25
CA ASN A 9 2.49 2.97 13.58
C ASN A 9 2.97 3.74 12.36
N ALA A 10 3.49 3.02 11.37
CA ALA A 10 3.99 3.62 10.14
C ALA A 10 2.92 4.50 9.49
N LYS A 11 3.26 5.76 9.24
CA LYS A 11 2.34 6.69 8.62
C LYS A 11 1.73 6.10 7.35
N PRO A 12 0.56 6.62 6.96
CA PRO A 12 -0.14 6.15 5.76
C PRO A 12 0.58 6.55 4.47
N PHE A 13 0.24 7.72 3.95
CA PHE A 13 0.86 8.22 2.72
C PHE A 13 0.44 9.66 2.45
N VAL A 14 0.78 10.15 1.26
CA VAL A 14 0.44 11.51 0.87
C VAL A 14 -0.64 11.52 -0.22
N PRO A 15 -1.91 11.41 0.21
CA PRO A 15 -3.05 11.41 -0.71
C PRO A 15 -3.28 12.78 -1.35
N ASN A 16 -4.27 12.85 -2.23
CA ASN A 16 -4.59 14.09 -2.92
C ASN A 16 -6.06 14.45 -2.73
N VAL A 17 -6.62 14.06 -1.59
CA VAL A 17 -8.02 14.34 -1.29
C VAL A 17 -8.14 15.47 -0.27
N HIS A 18 -8.06 16.71 -0.75
CA HIS A 18 -8.16 17.87 0.12
C HIS A 18 -9.50 17.88 0.85
N ALA A 19 -10.58 17.66 0.11
CA ALA A 19 -11.91 17.65 0.69
C ALA A 19 -12.10 16.44 1.61
N GLY B 1 -9.72 -4.60 -15.58
CA GLY B 1 -8.90 -3.47 -15.21
C GLY B 1 -8.28 -2.77 -16.41
N GLN B 2 -8.75 -1.55 -16.68
CA GLN B 2 -8.24 -0.78 -17.82
C GLN B 2 -7.15 0.18 -17.37
N GLU B 3 -6.23 0.49 -18.27
CA GLU B 3 -5.13 1.40 -17.97
C GLU B 3 -4.37 0.94 -16.74
N PRO B 4 -3.60 -0.16 -16.90
CA PRO B 4 -2.81 -0.73 -15.81
C PRO B 4 -1.61 0.14 -15.45
N LEU B 5 -1.18 0.04 -14.19
CA LEU B 5 -0.05 0.83 -13.71
C LEU B 5 1.25 0.37 -14.36
N THR B 6 2.28 1.21 -14.27
CA THR B 6 3.58 0.88 -14.84
C THR B 6 4.69 1.72 -14.21
N ALA B 7 5.88 1.15 -14.14
CA ALA B 7 7.03 1.84 -13.56
C ALA B 7 7.20 3.23 -14.17
N SER B 8 6.79 3.37 -15.43
CA SER B 8 6.91 4.65 -16.13
C SER B 8 6.26 5.77 -15.32
N MET B 9 5.13 5.46 -14.70
CA MET B 9 4.41 6.44 -13.90
C MET B 9 5.34 7.10 -12.87
N LEU B 10 6.03 6.27 -12.10
CA LEU B 10 6.95 6.76 -11.08
C LEU B 10 8.38 6.81 -11.60
N ALA B 11 8.51 7.04 -12.91
CA ALA B 11 9.83 7.12 -13.55
C ALA B 11 10.23 8.57 -13.80
N SER B 12 9.33 9.34 -14.39
CA SER B 12 9.60 10.74 -14.69
C SER B 12 8.85 11.65 -13.72
N ALA B 13 8.69 11.19 -12.48
CA ALA B 13 8.00 11.97 -11.46
C ALA B 13 8.88 12.16 -10.23
N PRO B 14 8.54 13.17 -9.41
CA PRO B 14 9.29 13.47 -8.19
C PRO B 14 9.11 12.41 -7.12
N PRO B 15 9.94 12.48 -6.07
CA PRO B 15 9.90 11.52 -4.96
C PRO B 15 8.66 11.71 -4.09
N GLN B 16 7.92 12.79 -4.34
CA GLN B 16 6.70 13.07 -3.58
C GLN B 16 5.47 12.57 -4.32
N GLU B 17 5.45 12.78 -5.64
CA GLU B 17 4.32 12.36 -6.46
C GLU B 17 4.24 10.84 -6.51
N GLN B 18 5.35 10.17 -6.19
CA GLN B 18 5.41 8.72 -6.20
C GLN B 18 4.36 8.12 -5.26
N LYS B 19 4.54 8.36 -3.97
CA LYS B 19 3.62 7.85 -2.96
C LYS B 19 2.18 8.26 -3.28
N GLN B 20 2.04 9.42 -3.92
CA GLN B 20 0.72 9.92 -4.28
C GLN B 20 0.05 9.00 -5.30
N MET B 21 0.61 8.94 -6.50
CA MET B 21 0.07 8.09 -7.56
C MET B 21 0.09 6.63 -7.15
N LEU B 22 1.26 6.14 -6.76
CA LEU B 22 1.43 4.75 -6.34
C LEU B 22 0.42 4.40 -5.25
N GLY B 23 0.45 5.16 -4.16
CA GLY B 23 -0.47 4.91 -3.06
C GLY B 23 -1.92 5.01 -3.47
N GLU B 24 -2.25 6.04 -4.25
CA GLU B 24 -3.61 6.25 -4.71
C GLU B 24 -4.07 5.09 -5.58
N ARG B 25 -3.16 4.57 -6.40
CA ARG B 25 -3.46 3.46 -7.29
C ARG B 25 -3.53 2.14 -6.52
N LEU B 26 -2.69 2.04 -5.48
CA LEU B 26 -2.64 0.83 -4.66
C LEU B 26 -3.84 0.77 -3.71
N PHE B 27 -4.39 1.93 -3.38
CA PHE B 27 -5.54 2.01 -2.49
C PHE B 27 -6.63 1.04 -2.93
N PRO B 28 -7.10 1.20 -4.17
CA PRO B 28 -8.15 0.35 -4.74
C PRO B 28 -7.66 -1.07 -5.00
N LEU B 29 -6.48 -1.19 -5.59
CA LEU B 29 -5.91 -2.49 -5.90
C LEU B 29 -5.91 -3.39 -4.67
N ILE B 30 -5.72 -2.79 -3.51
CA ILE B 30 -5.70 -3.53 -2.25
C ILE B 30 -7.11 -3.91 -1.82
N GLN B 31 -8.08 -3.06 -2.15
CA GLN B 31 -9.47 -3.31 -1.79
C GLN B 31 -9.95 -4.62 -2.40
N ALA B 32 -9.25 -5.09 -3.42
CA ALA B 32 -9.61 -6.34 -4.09
C ALA B 32 -9.79 -7.47 -3.08
N MET B 33 -9.08 -7.37 -1.96
CA MET B 33 -9.15 -8.38 -0.91
C MET B 33 -9.51 -7.76 0.43
N HIS B 34 -8.99 -6.56 0.68
CA HIS B 34 -9.25 -5.86 1.93
C HIS B 34 -9.73 -4.43 1.66
N PRO B 35 -10.99 -4.31 1.23
CA PRO B 35 -11.60 -3.01 0.93
C PRO B 35 -11.83 -2.17 2.19
N THR B 36 -11.61 -2.78 3.34
CA THR B 36 -11.79 -2.08 4.62
C THR B 36 -10.45 -1.63 5.19
N LEU B 37 -9.47 -2.52 5.18
CA LEU B 37 -8.15 -2.21 5.70
C LEU B 37 -7.24 -1.70 4.58
N ALA B 38 -7.83 -1.34 3.46
CA ALA B 38 -7.07 -0.83 2.32
C ALA B 38 -6.19 0.34 2.73
N GLY B 39 -6.79 1.37 3.31
CA GLY B 39 -6.04 2.54 3.73
C GLY B 39 -4.83 2.17 4.57
N LYS B 40 -5.04 1.35 5.59
CA LYS B 40 -3.97 0.92 6.47
C LYS B 40 -2.92 0.13 5.70
N ILE B 41 -3.38 -0.85 4.92
CA ILE B 41 -2.48 -1.69 4.13
C ILE B 41 -1.61 -0.83 3.21
N THR B 42 -2.25 -0.09 2.32
CA THR B 42 -1.54 0.77 1.39
C THR B 42 -0.63 1.75 2.12
N GLY B 43 -1.06 2.18 3.31
CA GLY B 43 -0.28 3.11 4.09
C GLY B 43 1.08 2.56 4.46
N MET B 44 1.08 1.44 5.20
CA MET B 44 2.33 0.81 5.62
C MET B 44 3.13 0.33 4.42
N LEU B 45 2.45 -0.32 3.49
CA LEU B 45 3.10 -0.83 2.28
C LEU B 45 3.77 0.29 1.51
N LEU B 46 3.19 1.49 1.57
CA LEU B 46 3.72 2.64 0.87
C LEU B 46 4.88 3.26 1.65
N GLU B 47 4.95 2.95 2.94
CA GLU B 47 6.01 3.48 3.80
C GLU B 47 7.32 2.73 3.57
N ILE B 48 7.29 1.41 3.77
CA ILE B 48 8.47 0.58 3.58
C ILE B 48 9.32 1.10 2.43
N ASP B 49 8.76 1.10 1.23
CA ASP B 49 9.47 1.58 0.05
C ASP B 49 8.64 1.35 -1.21
N ASN B 50 8.20 2.44 -1.82
CA ASN B 50 7.40 2.37 -3.04
C ASN B 50 8.08 1.50 -4.09
N SER B 51 9.37 1.74 -4.29
CA SER B 51 10.14 0.98 -5.28
C SER B 51 9.96 -0.53 -5.07
N GLU B 52 9.99 -0.96 -3.81
CA GLU B 52 9.82 -2.36 -3.48
C GLU B 52 8.45 -2.87 -3.92
N LEU B 53 7.44 -2.02 -3.77
CA LEU B 53 6.08 -2.38 -4.15
C LEU B 53 5.96 -2.56 -5.65
N LEU B 54 6.62 -1.69 -6.41
CA LEU B 54 6.60 -1.77 -7.87
C LEU B 54 7.22 -3.07 -8.36
N HIS B 55 7.96 -3.72 -7.48
CA HIS B 55 8.61 -5.00 -7.82
C HIS B 55 7.91 -6.16 -7.14
N MET B 56 7.16 -5.86 -6.08
CA MET B 56 6.44 -6.90 -5.34
C MET B 56 5.09 -7.18 -5.99
N LEU B 57 4.40 -6.13 -6.41
CA LEU B 57 3.09 -6.26 -7.05
C LEU B 57 3.21 -7.05 -8.35
N GLU B 58 4.43 -7.21 -8.84
CA GLU B 58 4.68 -7.93 -10.08
C GLU B 58 4.37 -9.42 -9.91
N SER B 59 4.28 -9.86 -8.65
CA SER B 59 4.01 -11.26 -8.36
C SER B 59 2.79 -11.38 -7.44
N PRO B 60 1.99 -12.44 -7.66
CA PRO B 60 0.79 -12.70 -6.86
C PRO B 60 1.12 -13.12 -5.44
N GLU B 61 2.03 -14.07 -5.30
CA GLU B 61 2.43 -14.56 -3.98
C GLU B 61 2.98 -13.42 -3.12
N SER B 62 3.45 -12.37 -3.78
CA SER B 62 4.01 -11.22 -3.07
C SER B 62 2.91 -10.25 -2.67
N LEU B 63 2.05 -9.91 -3.62
CA LEU B 63 0.95 -8.98 -3.37
C LEU B 63 0.13 -9.43 -2.16
N ARG B 64 -0.50 -10.59 -2.27
CA ARG B 64 -1.31 -11.14 -1.18
C ARG B 64 -0.50 -11.21 0.11
N SER B 65 0.74 -11.68 0.00
CA SER B 65 1.61 -11.80 1.16
C SER B 65 1.67 -10.51 1.95
N LYS B 66 1.95 -9.41 1.24
CA LYS B 66 2.03 -8.10 1.87
C LYS B 66 0.70 -7.71 2.50
N VAL B 67 -0.37 -7.75 1.70
CA VAL B 67 -1.69 -7.41 2.19
C VAL B 67 -2.03 -8.17 3.47
N ASP B 68 -1.80 -9.48 3.44
CA ASP B 68 -2.08 -10.33 4.59
C ASP B 68 -1.29 -9.85 5.81
N GLU B 69 0.01 -9.71 5.64
CA GLU B 69 0.88 -9.26 6.73
C GLU B 69 0.37 -7.96 7.34
N ALA B 70 0.17 -6.96 6.49
CA ALA B 70 -0.32 -5.66 6.94
C ALA B 70 -1.58 -5.81 7.78
N VAL B 71 -2.62 -6.37 7.19
CA VAL B 71 -3.88 -6.58 7.90
C VAL B 71 -3.66 -7.26 9.24
N ALA B 72 -2.79 -8.27 9.25
CA ALA B 72 -2.48 -8.99 10.47
C ALA B 72 -1.92 -8.06 11.55
N VAL B 73 -1.06 -7.14 11.12
CA VAL B 73 -0.45 -6.19 12.05
C VAL B 73 -1.49 -5.25 12.65
N LEU B 74 -2.44 -4.83 11.82
CA LEU B 74 -3.50 -3.95 12.28
C LEU B 74 -4.16 -4.48 13.54
N GLN B 75 -4.17 -5.80 13.68
CA GLN B 75 -4.77 -6.43 14.84
C GLN B 75 -4.23 -5.83 16.14
N ALA B 76 -2.99 -5.35 16.09
CA ALA B 76 -2.37 -4.74 17.26
C ALA B 76 -3.01 -3.40 17.59
N HIS B 77 -3.38 -2.66 16.56
CA HIS B 77 -4.00 -1.35 16.75
C HIS B 77 -5.50 -1.50 17.00
N GLN B 78 -6.12 -2.46 16.33
CA GLN B 78 -7.54 -2.71 16.49
C GLN B 78 -8.35 -1.46 16.13
N ALA B 79 -8.15 -0.97 14.91
CA ALA B 79 -8.85 0.22 14.44
C ALA B 79 -10.22 -0.15 13.87
N LYS B 80 -10.21 -0.80 12.71
CA LYS B 80 -11.45 -1.21 12.06
C LYS B 80 -12.02 -2.46 12.72
N GLU B 81 -11.16 -3.25 13.34
CA GLU B 81 -11.58 -4.48 14.01
C GLU B 81 -12.09 -4.18 15.42
N ALA B 82 -13.07 -3.29 15.50
CA ALA B 82 -13.65 -2.92 16.79
C ALA B 82 -15.03 -3.55 16.98
N ALA B 83 -15.06 -4.71 17.63
CA ALA B 83 -16.32 -5.41 17.88
C ALA B 83 -16.98 -4.91 19.16
N ALA A 1 8.61 -5.28 3.49
CA ALA A 1 8.60 -6.74 3.60
C ALA A 1 9.67 -7.22 4.55
N PHE A 2 9.24 -7.84 5.65
CA PHE A 2 10.16 -8.35 6.65
C PHE A 2 9.98 -9.86 6.85
N SER A 3 10.59 -10.39 7.90
CA SER A 3 10.50 -11.81 8.19
C SER A 3 9.68 -12.05 9.46
N ARG A 4 9.61 -11.04 10.32
CA ARG A 4 8.88 -11.13 11.57
C ARG A 4 7.53 -10.43 11.45
N GLN A 5 7.56 -9.11 11.41
CA GLN A 5 6.34 -8.31 11.31
C GLN A 5 6.67 -6.83 11.17
N LEU A 6 5.71 -6.06 10.67
CA LEU A 6 5.89 -4.63 10.49
C LEU A 6 5.12 -3.83 11.54
N ASN A 7 5.34 -2.53 11.57
CA ASN A 7 4.67 -1.66 12.53
C ASN A 7 3.60 -0.83 11.84
N VAL A 8 2.43 -0.71 12.48
CA VAL A 8 1.33 0.07 11.93
C VAL A 8 1.55 1.57 12.14
N ASN A 9 2.64 1.91 12.83
CA ASN A 9 2.96 3.30 13.10
C ASN A 9 3.37 4.02 11.82
N ALA A 10 3.77 3.26 10.82
CA ALA A 10 4.19 3.81 9.54
C ALA A 10 3.08 4.67 8.93
N LYS A 11 3.38 5.93 8.68
CA LYS A 11 2.41 6.85 8.11
C LYS A 11 1.82 6.27 6.82
N PRO A 12 0.65 6.79 6.41
CA PRO A 12 -0.04 6.34 5.20
C PRO A 12 0.69 6.76 3.93
N PHE A 13 0.37 7.94 3.42
CA PHE A 13 1.01 8.46 2.22
C PHE A 13 0.61 9.91 1.97
N VAL A 14 0.93 10.41 0.77
CA VAL A 14 0.60 11.79 0.41
C VAL A 14 -0.49 11.83 -0.65
N PRO A 15 -1.75 11.71 -0.21
CA PRO A 15 -2.91 11.74 -1.11
C PRO A 15 -3.14 13.11 -1.72
N ASN A 16 -4.19 13.22 -2.53
CA ASN A 16 -4.52 14.50 -3.17
C ASN A 16 -5.86 15.02 -2.68
N VAL A 17 -6.21 14.66 -1.45
CA VAL A 17 -7.47 15.10 -0.86
C VAL A 17 -7.26 16.35 0.00
N HIS A 18 -6.05 16.50 0.53
CA HIS A 18 -5.72 17.65 1.38
C HIS A 18 -4.21 17.75 1.57
N ALA A 19 -3.62 18.78 0.95
CA ALA A 19 -2.18 19.00 1.07
C ALA A 19 -1.81 19.56 2.44
N GLY B 1 -9.70 2.16 -18.78
CA GLY B 1 -10.38 3.24 -19.48
C GLY B 1 -9.43 4.29 -20.00
N GLN B 2 -8.58 4.80 -19.11
CA GLN B 2 -7.62 5.82 -19.49
C GLN B 2 -6.65 6.12 -18.34
N GLU B 3 -5.55 6.78 -18.66
CA GLU B 3 -4.55 7.13 -17.65
C GLU B 3 -4.14 5.90 -16.84
N PRO B 4 -3.44 4.96 -17.51
CA PRO B 4 -2.98 3.72 -16.88
C PRO B 4 -1.87 3.97 -15.87
N LEU B 5 -1.55 2.95 -15.07
CA LEU B 5 -0.51 3.06 -14.06
C LEU B 5 0.62 2.06 -14.33
N THR B 6 1.85 2.53 -14.25
CA THR B 6 3.01 1.68 -14.48
C THR B 6 4.26 2.29 -13.86
N ALA B 7 5.34 1.50 -13.81
CA ALA B 7 6.60 1.95 -13.24
C ALA B 7 7.06 3.25 -13.90
N SER B 8 6.66 3.45 -15.15
CA SER B 8 7.04 4.64 -15.90
C SER B 8 6.53 5.89 -15.20
N MET B 9 5.31 5.81 -14.67
CA MET B 9 4.71 6.95 -13.97
C MET B 9 5.62 7.45 -12.85
N LEU B 10 6.29 6.53 -12.18
CA LEU B 10 7.20 6.87 -11.10
C LEU B 10 8.64 6.96 -11.59
N ALA B 11 8.79 7.24 -12.88
CA ALA B 11 10.11 7.35 -13.48
C ALA B 11 10.49 8.82 -13.71
N SER B 12 9.51 9.61 -14.14
CA SER B 12 9.73 11.02 -14.40
C SER B 12 9.06 11.89 -13.35
N ALA B 13 8.91 11.34 -12.15
CA ALA B 13 8.28 12.06 -11.05
C ALA B 13 9.18 12.09 -9.82
N PRO B 14 8.91 13.04 -8.92
CA PRO B 14 9.69 13.19 -7.68
C PRO B 14 9.45 12.05 -6.70
N PRO B 15 10.29 11.97 -5.66
CA PRO B 15 10.20 10.93 -4.63
C PRO B 15 8.97 11.11 -3.74
N GLN B 16 8.29 12.25 -3.91
CA GLN B 16 7.09 12.54 -3.11
C GLN B 16 5.83 12.17 -3.89
N GLU B 17 5.83 12.48 -5.18
CA GLU B 17 4.68 12.19 -6.03
C GLU B 17 4.48 10.69 -6.18
N GLN B 18 5.53 9.92 -5.92
CA GLN B 18 5.46 8.47 -6.01
C GLN B 18 4.38 7.91 -5.10
N LYS B 19 4.56 8.09 -3.80
CA LYS B 19 3.59 7.61 -2.82
C LYS B 19 2.18 8.08 -3.17
N GLN B 20 2.08 9.28 -3.73
CA GLN B 20 0.79 9.84 -4.11
C GLN B 20 0.11 8.97 -5.17
N MET B 21 0.65 9.00 -6.39
CA MET B 21 0.10 8.22 -7.49
C MET B 21 0.08 6.73 -7.15
N LEU B 22 1.24 6.20 -6.80
CA LEU B 22 1.36 4.79 -6.45
C LEU B 22 0.32 4.39 -5.40
N GLY B 23 0.38 5.04 -4.25
CA GLY B 23 -0.56 4.75 -3.17
C GLY B 23 -2.00 4.93 -3.62
N GLU B 24 -2.25 5.97 -4.40
CA GLU B 24 -3.60 6.24 -4.90
C GLU B 24 -4.15 5.05 -5.69
N ARG B 25 -3.34 4.54 -6.60
CA ARG B 25 -3.74 3.41 -7.42
C ARG B 25 -3.72 2.11 -6.62
N LEU B 26 -2.89 2.09 -5.58
CA LEU B 26 -2.76 0.91 -4.73
C LEU B 26 -3.95 0.79 -3.78
N PHE B 27 -4.57 1.93 -3.48
CA PHE B 27 -5.72 1.95 -2.58
C PHE B 27 -6.76 0.93 -3.02
N PRO B 28 -7.24 1.06 -4.27
CA PRO B 28 -8.25 0.15 -4.83
C PRO B 28 -7.69 -1.25 -5.09
N LEU B 29 -6.44 -1.30 -5.54
CA LEU B 29 -5.79 -2.58 -5.82
C LEU B 29 -5.85 -3.50 -4.60
N ILE B 30 -5.68 -2.92 -3.42
CA ILE B 30 -5.71 -3.68 -2.18
C ILE B 30 -7.13 -4.07 -1.81
N GLN B 31 -8.08 -3.19 -2.13
CA GLN B 31 -9.49 -3.44 -1.83
C GLN B 31 -9.97 -4.73 -2.50
N ALA B 32 -9.24 -5.17 -3.52
CA ALA B 32 -9.59 -6.38 -4.24
C ALA B 32 -9.75 -7.56 -3.29
N MET B 33 -9.04 -7.50 -2.17
CA MET B 33 -9.10 -8.57 -1.17
C MET B 33 -9.48 -8.01 0.20
N HIS B 34 -8.95 -6.83 0.53
CA HIS B 34 -9.24 -6.19 1.80
C HIS B 34 -9.78 -4.78 1.59
N PRO B 35 -11.04 -4.68 1.14
CA PRO B 35 -11.71 -3.41 0.89
C PRO B 35 -12.01 -2.65 2.17
N THR B 36 -11.79 -3.30 3.31
CA THR B 36 -12.04 -2.70 4.60
C THR B 36 -10.79 -2.03 5.15
N LEU B 37 -9.73 -2.81 5.30
CA LEU B 37 -8.46 -2.29 5.81
C LEU B 37 -7.55 -1.84 4.67
N ALA B 38 -8.13 -1.69 3.49
CA ALA B 38 -7.38 -1.26 2.32
C ALA B 38 -6.55 -0.01 2.62
N GLY B 39 -7.09 0.85 3.48
CA GLY B 39 -6.39 2.07 3.84
C GLY B 39 -5.08 1.80 4.55
N LYS B 40 -5.16 1.34 5.80
CA LYS B 40 -3.98 1.04 6.59
C LYS B 40 -3.00 0.18 5.79
N ILE B 41 -3.53 -0.80 5.07
CA ILE B 41 -2.71 -1.69 4.27
C ILE B 41 -1.84 -0.90 3.29
N THR B 42 -2.48 -0.13 2.42
CA THR B 42 -1.77 0.68 1.43
C THR B 42 -0.79 1.63 2.11
N GLY B 43 -1.14 2.07 3.32
CA GLY B 43 -0.29 2.98 4.05
C GLY B 43 1.07 2.36 4.40
N MET B 44 1.03 1.25 5.11
CA MET B 44 2.26 0.56 5.50
C MET B 44 2.98 0.01 4.29
N LEU B 45 2.22 -0.57 3.37
CA LEU B 45 2.80 -1.15 2.15
C LEU B 45 3.50 -0.07 1.32
N LEU B 46 3.00 1.15 1.42
CA LEU B 46 3.58 2.27 0.67
C LEU B 46 4.76 2.87 1.42
N GLU B 47 4.83 2.59 2.72
CA GLU B 47 5.92 3.10 3.56
C GLU B 47 7.21 2.30 3.32
N ILE B 48 7.11 0.99 3.50
CA ILE B 48 8.26 0.11 3.31
C ILE B 48 9.18 0.64 2.22
N ASP B 49 8.65 0.73 1.00
CA ASP B 49 9.43 1.23 -0.14
C ASP B 49 8.62 1.13 -1.42
N ASN B 50 8.21 2.28 -1.95
CA ASN B 50 7.43 2.33 -3.18
C ASN B 50 8.12 1.53 -4.29
N SER B 51 9.43 1.73 -4.43
CA SER B 51 10.20 1.03 -5.45
C SER B 51 10.00 -0.48 -5.35
N GLU B 52 9.90 -0.97 -4.12
CA GLU B 52 9.72 -2.39 -3.87
C GLU B 52 8.35 -2.85 -4.36
N LEU B 53 7.37 -1.97 -4.25
CA LEU B 53 6.00 -2.29 -4.67
C LEU B 53 5.91 -2.31 -6.20
N LEU B 54 6.66 -1.43 -6.84
CA LEU B 54 6.66 -1.34 -8.30
C LEU B 54 7.20 -2.62 -8.92
N HIS B 55 7.87 -3.44 -8.11
CA HIS B 55 8.43 -4.70 -8.57
C HIS B 55 7.81 -5.88 -7.84
N MET B 56 7.13 -5.60 -6.73
CA MET B 56 6.48 -6.64 -5.94
C MET B 56 5.05 -6.88 -6.42
N LEU B 57 4.50 -5.90 -7.12
CA LEU B 57 3.14 -6.00 -7.63
C LEU B 57 3.05 -7.04 -8.73
N GLU B 58 4.21 -7.55 -9.16
CA GLU B 58 4.26 -8.56 -10.20
C GLU B 58 4.23 -9.97 -9.61
N SER B 59 4.47 -10.05 -8.30
CA SER B 59 4.47 -11.34 -7.62
C SER B 59 3.15 -11.58 -6.89
N PRO B 60 2.48 -12.67 -7.26
CA PRO B 60 1.18 -13.04 -6.65
C PRO B 60 1.34 -13.49 -5.20
N GLU B 61 2.29 -14.38 -4.96
CA GLU B 61 2.53 -14.90 -3.61
C GLU B 61 3.01 -13.79 -2.68
N SER B 62 3.57 -12.73 -3.28
CA SER B 62 4.08 -11.60 -2.50
C SER B 62 2.95 -10.63 -2.15
N LEU B 63 2.16 -10.26 -3.14
CA LEU B 63 1.04 -9.35 -2.93
C LEU B 63 0.17 -9.81 -1.77
N ARG B 64 -0.33 -11.04 -1.86
CA ARG B 64 -1.17 -11.59 -0.82
C ARG B 64 -0.47 -11.54 0.54
N SER B 65 0.83 -11.79 0.54
CA SER B 65 1.62 -11.77 1.76
C SER B 65 1.65 -10.37 2.37
N LYS B 66 1.87 -9.37 1.53
CA LYS B 66 1.92 -7.98 1.99
C LYS B 66 0.60 -7.58 2.62
N VAL B 67 -0.48 -7.69 1.87
CA VAL B 67 -1.80 -7.34 2.37
C VAL B 67 -2.11 -8.08 3.67
N ASP B 68 -1.92 -9.39 3.67
CA ASP B 68 -2.18 -10.21 4.85
C ASP B 68 -1.39 -9.69 6.04
N GLU B 69 -0.08 -9.56 5.87
CA GLU B 69 0.79 -9.09 6.94
C GLU B 69 0.27 -7.78 7.52
N ALA B 70 0.03 -6.81 6.65
CA ALA B 70 -0.47 -5.51 7.07
C ALA B 70 -1.71 -5.66 7.95
N VAL B 71 -2.76 -6.26 7.39
CA VAL B 71 -4.00 -6.46 8.13
C VAL B 71 -3.74 -7.11 9.48
N ALA B 72 -2.77 -8.03 9.51
CA ALA B 72 -2.42 -8.72 10.75
C ALA B 72 -1.85 -7.75 11.78
N VAL B 73 -1.01 -6.84 11.31
CA VAL B 73 -0.39 -5.85 12.20
C VAL B 73 -1.43 -4.93 12.81
N LEU B 74 -2.40 -4.53 12.00
CA LEU B 74 -3.47 -3.64 12.46
C LEU B 74 -4.11 -4.18 13.73
N GLN B 75 -4.12 -5.50 13.88
CA GLN B 75 -4.70 -6.14 15.05
C GLN B 75 -4.14 -5.53 16.33
N ALA B 76 -2.90 -5.08 16.26
CA ALA B 76 -2.24 -4.48 17.42
C ALA B 76 -2.92 -3.17 17.82
N HIS B 77 -3.36 -2.42 16.82
CA HIS B 77 -4.02 -1.13 17.06
C HIS B 77 -5.53 -1.29 16.98
N GLN B 78 -6.05 -1.41 15.74
CA GLN B 78 -7.48 -1.56 15.53
C GLN B 78 -7.76 -2.17 14.16
N ALA B 79 -8.80 -3.00 14.09
CA ALA B 79 -9.16 -3.64 12.83
C ALA B 79 -10.68 -3.72 12.68
N LYS B 80 -11.31 -2.57 12.41
CA LYS B 80 -12.75 -2.50 12.24
C LYS B 80 -13.46 -3.12 13.43
N GLU B 81 -12.83 -3.06 14.61
CA GLU B 81 -13.41 -3.61 15.83
C GLU B 81 -13.85 -2.50 16.77
N ALA B 82 -14.73 -1.62 16.29
CA ALA B 82 -15.22 -0.52 17.09
C ALA B 82 -16.73 -0.60 17.27
N ALA B 83 -17.17 -0.87 18.50
CA ALA B 83 -18.59 -0.97 18.79
C ALA B 83 -19.18 0.39 19.17
N ALA A 1 12.85 -4.19 1.81
CA ALA A 1 11.60 -4.84 2.17
C ALA A 1 11.85 -6.05 3.06
N PHE A 2 10.89 -6.37 3.91
CA PHE A 2 11.01 -7.51 4.82
C PHE A 2 9.71 -8.30 4.88
N SER A 3 9.82 -9.62 4.79
CA SER A 3 8.65 -10.50 4.82
C SER A 3 8.11 -10.62 6.25
N ARG A 4 9.01 -10.53 7.23
CA ARG A 4 8.62 -10.63 8.63
C ARG A 4 7.55 -9.61 8.97
N GLN A 5 7.05 -9.67 10.21
CA GLN A 5 6.02 -8.75 10.67
C GLN A 5 6.42 -7.31 10.40
N LEU A 6 5.46 -6.40 10.48
CA LEU A 6 5.72 -4.98 10.25
C LEU A 6 5.12 -4.14 11.38
N ASN A 7 5.21 -2.81 11.23
CA ASN A 7 4.69 -1.89 12.23
C ASN A 7 3.43 -1.18 11.70
N VAL A 8 2.43 -1.07 12.56
CA VAL A 8 1.18 -0.41 12.19
C VAL A 8 1.25 1.09 12.42
N ASN A 9 2.24 1.51 13.20
CA ASN A 9 2.43 2.93 13.50
C ASN A 9 2.90 3.69 12.27
N ALA A 10 3.39 2.95 11.28
CA ALA A 10 3.88 3.56 10.05
C ALA A 10 2.79 4.41 9.39
N LYS A 11 3.10 5.68 9.17
CA LYS A 11 2.14 6.60 8.54
C LYS A 11 1.60 6.02 7.26
N PRO A 12 0.43 6.53 6.81
CA PRO A 12 -0.23 6.08 5.59
C PRO A 12 0.54 6.48 4.34
N PHE A 13 0.22 7.67 3.81
CA PHE A 13 0.88 8.17 2.61
C PHE A 13 0.48 9.62 2.35
N VAL A 14 0.83 10.11 1.17
CA VAL A 14 0.51 11.48 0.78
C VAL A 14 -0.56 11.51 -0.32
N PRO A 15 -1.83 11.39 0.09
CA PRO A 15 -2.95 11.41 -0.84
C PRO A 15 -3.18 12.78 -1.48
N ASN A 16 -4.20 12.88 -2.31
CA ASN A 16 -4.52 14.14 -2.98
C ASN A 16 -5.98 14.52 -2.76
N VAL A 17 -6.50 14.20 -1.58
CA VAL A 17 -7.89 14.50 -1.24
C VAL A 17 -7.99 15.07 0.17
N HIS A 18 -9.07 15.81 0.41
CA HIS A 18 -9.29 16.42 1.72
C HIS A 18 -10.04 15.45 2.65
N ALA A 19 -11.16 14.93 2.19
CA ALA A 19 -11.95 14.00 2.98
C ALA A 19 -11.34 12.61 2.96
N GLY B 1 -6.85 2.82 -22.51
CA GLY B 1 -5.67 3.20 -21.74
C GLY B 1 -4.84 2.01 -21.32
N GLN B 2 -5.47 1.03 -20.69
CA GLN B 2 -4.77 -0.17 -20.24
C GLN B 2 -3.41 0.18 -19.68
N GLU B 3 -3.34 1.27 -18.91
CA GLU B 3 -2.09 1.71 -18.32
C GLU B 3 -2.21 1.83 -16.81
N PRO B 4 -2.36 0.68 -16.13
CA PRO B 4 -2.49 0.63 -14.67
C PRO B 4 -1.20 1.00 -13.95
N LEU B 5 -1.18 0.81 -12.64
CA LEU B 5 0.00 1.12 -11.84
C LEU B 5 1.25 0.45 -12.41
N THR B 6 2.31 1.24 -12.60
CA THR B 6 3.56 0.72 -13.14
C THR B 6 4.74 1.57 -12.68
N ALA B 7 5.94 1.02 -12.83
CA ALA B 7 7.16 1.72 -12.43
C ALA B 7 7.38 2.95 -13.30
N SER B 8 6.88 2.91 -14.53
CA SER B 8 7.03 4.02 -15.45
C SER B 8 6.34 5.27 -14.92
N MET B 9 5.20 5.07 -14.26
CA MET B 9 4.43 6.18 -13.70
C MET B 9 5.33 7.06 -12.83
N LEU B 10 6.24 6.44 -12.09
CA LEU B 10 7.14 7.16 -11.21
C LEU B 10 8.52 7.30 -11.85
N ALA B 11 8.54 7.48 -13.17
CA ALA B 11 9.79 7.63 -13.90
C ALA B 11 10.21 9.11 -13.96
N SER B 12 9.45 9.90 -14.72
CA SER B 12 9.75 11.32 -14.87
C SER B 12 8.96 12.14 -13.87
N ALA B 13 8.86 11.65 -12.64
CA ALA B 13 8.13 12.36 -11.59
C ALA B 13 8.98 12.53 -10.34
N PRO B 14 8.60 13.49 -9.49
CA PRO B 14 9.33 13.78 -8.25
C PRO B 14 9.18 12.66 -7.22
N PRO B 15 9.99 12.73 -6.15
CA PRO B 15 9.97 11.72 -5.07
C PRO B 15 8.71 11.82 -4.24
N GLN B 16 7.91 12.85 -4.48
CA GLN B 16 6.67 13.04 -3.74
C GLN B 16 5.48 12.39 -4.47
N GLU B 17 5.33 12.72 -5.75
CA GLU B 17 4.24 12.17 -6.55
C GLU B 17 4.33 10.65 -6.60
N GLN B 18 5.52 10.12 -6.39
CA GLN B 18 5.74 8.68 -6.42
C GLN B 18 4.75 7.97 -5.49
N LYS B 19 4.83 8.27 -4.21
CA LYS B 19 3.94 7.67 -3.22
C LYS B 19 2.50 8.07 -3.47
N GLN B 20 2.31 9.21 -4.11
CA GLN B 20 0.98 9.72 -4.41
C GLN B 20 0.28 8.84 -5.45
N MET B 21 0.84 8.80 -6.65
CA MET B 21 0.28 8.00 -7.73
C MET B 21 0.27 6.52 -7.36
N LEU B 22 1.37 6.05 -6.81
CA LEU B 22 1.50 4.64 -6.40
C LEU B 22 0.48 4.31 -5.32
N GLY B 23 0.53 5.04 -4.21
CA GLY B 23 -0.39 4.80 -3.12
C GLY B 23 -1.84 4.96 -3.54
N GLU B 24 -2.11 5.95 -4.38
CA GLU B 24 -3.46 6.21 -4.85
C GLU B 24 -3.97 5.05 -5.71
N ARG B 25 -3.08 4.51 -6.54
CA ARG B 25 -3.44 3.40 -7.41
C ARG B 25 -3.51 2.09 -6.63
N LEU B 26 -2.63 1.95 -5.63
CA LEU B 26 -2.59 0.75 -4.81
C LEU B 26 -3.75 0.73 -3.81
N PHE B 27 -4.24 1.92 -3.47
CA PHE B 27 -5.35 2.04 -2.52
C PHE B 27 -6.49 1.10 -2.90
N PRO B 28 -7.01 1.27 -4.12
CA PRO B 28 -8.12 0.46 -4.63
C PRO B 28 -7.69 -0.98 -4.91
N LEU B 29 -6.52 -1.15 -5.50
CA LEU B 29 -5.99 -2.48 -5.81
C LEU B 29 -6.04 -3.38 -4.59
N ILE B 30 -5.78 -2.80 -3.42
CA ILE B 30 -5.80 -3.55 -2.17
C ILE B 30 -7.22 -3.86 -1.72
N GLN B 31 -8.13 -2.93 -2.00
CA GLN B 31 -9.53 -3.09 -1.63
C GLN B 31 -10.11 -4.36 -2.24
N ALA B 32 -9.48 -4.84 -3.31
CA ALA B 32 -9.92 -6.05 -3.99
C ALA B 32 -10.09 -7.21 -3.00
N MET B 33 -9.26 -7.21 -1.96
CA MET B 33 -9.32 -8.26 -0.95
C MET B 33 -9.65 -7.67 0.42
N HIS B 34 -9.10 -6.50 0.71
CA HIS B 34 -9.34 -5.83 1.99
C HIS B 34 -9.82 -4.40 1.78
N PRO B 35 -11.10 -4.27 1.36
CA PRO B 35 -11.70 -2.95 1.10
C PRO B 35 -11.93 -2.16 2.40
N THR B 36 -11.71 -2.82 3.53
CA THR B 36 -11.89 -2.18 4.82
C THR B 36 -10.56 -1.73 5.41
N LEU B 37 -9.54 -2.58 5.28
CA LEU B 37 -8.22 -2.26 5.80
C LEU B 37 -7.30 -1.79 4.68
N ALA B 38 -7.89 -1.45 3.54
CA ALA B 38 -7.12 -0.97 2.39
C ALA B 38 -6.23 0.20 2.77
N GLY B 39 -6.84 1.23 3.36
CA GLY B 39 -6.09 2.41 3.76
C GLY B 39 -4.86 2.06 4.58
N LYS B 40 -5.04 1.24 5.60
CA LYS B 40 -3.94 0.83 6.47
C LYS B 40 -2.91 0.02 5.68
N ILE B 41 -3.39 -0.97 4.94
CA ILE B 41 -2.52 -1.82 4.14
C ILE B 41 -1.66 -0.98 3.19
N THR B 42 -2.32 -0.24 2.30
CA THR B 42 -1.62 0.60 1.34
C THR B 42 -0.69 1.59 2.04
N GLY B 43 -1.10 2.04 3.22
CA GLY B 43 -0.29 2.98 3.97
C GLY B 43 1.07 2.42 4.33
N MET B 44 1.08 1.32 5.07
CA MET B 44 2.33 0.69 5.48
C MET B 44 3.09 0.16 4.28
N LEU B 45 2.38 -0.50 3.37
CA LEU B 45 2.98 -1.05 2.16
C LEU B 45 3.64 0.04 1.34
N LEU B 46 3.11 1.25 1.42
CA LEU B 46 3.64 2.38 0.67
C LEU B 46 4.81 3.01 1.43
N GLU B 47 4.90 2.73 2.71
CA GLU B 47 5.97 3.27 3.55
C GLU B 47 7.29 2.53 3.29
N ILE B 48 7.25 1.21 3.47
CA ILE B 48 8.44 0.39 3.25
C ILE B 48 9.30 0.94 2.12
N ASP B 49 8.72 1.01 0.93
CA ASP B 49 9.44 1.52 -0.24
C ASP B 49 8.59 1.37 -1.50
N ASN B 50 8.03 2.48 -1.95
CA ASN B 50 7.19 2.47 -3.15
C ASN B 50 7.91 1.79 -4.31
N SER B 51 9.19 2.10 -4.47
CA SER B 51 10.00 1.51 -5.54
C SER B 51 9.93 -0.01 -5.49
N GLU B 52 9.96 -0.56 -4.29
CA GLU B 52 9.91 -2.01 -4.11
C GLU B 52 8.56 -2.56 -4.56
N LEU B 53 7.51 -1.78 -4.37
CA LEU B 53 6.17 -2.20 -4.74
C LEU B 53 6.00 -2.17 -6.26
N LEU B 54 6.66 -1.22 -6.91
CA LEU B 54 6.59 -1.08 -8.36
C LEU B 54 7.13 -2.34 -9.05
N HIS B 55 7.89 -3.14 -8.30
CA HIS B 55 8.45 -4.36 -8.83
C HIS B 55 7.94 -5.58 -8.08
N MET B 56 7.34 -5.34 -6.92
CA MET B 56 6.81 -6.42 -6.09
C MET B 56 5.37 -6.75 -6.51
N LEU B 57 4.73 -5.81 -7.19
CA LEU B 57 3.35 -6.00 -7.64
C LEU B 57 3.28 -7.06 -8.74
N GLU B 58 4.44 -7.51 -9.20
CA GLU B 58 4.51 -8.52 -10.24
C GLU B 58 4.45 -9.92 -9.65
N SER B 59 4.66 -10.01 -8.35
CA SER B 59 4.64 -11.29 -7.65
C SER B 59 3.30 -11.49 -6.94
N PRO B 60 2.60 -12.57 -7.30
CA PRO B 60 1.30 -12.91 -6.71
C PRO B 60 1.43 -13.36 -5.25
N GLU B 61 2.37 -14.25 -4.99
CA GLU B 61 2.59 -14.76 -3.64
C GLU B 61 3.05 -13.64 -2.71
N SER B 62 3.56 -12.56 -3.30
CA SER B 62 4.04 -11.42 -2.52
C SER B 62 2.90 -10.46 -2.19
N LEU B 63 2.13 -10.10 -3.22
CA LEU B 63 1.00 -9.19 -3.05
C LEU B 63 0.10 -9.65 -1.91
N ARG B 64 -0.49 -10.84 -2.08
CA ARG B 64 -1.38 -11.39 -1.06
C ARG B 64 -0.67 -11.51 0.28
N SER B 65 0.63 -11.85 0.23
CA SER B 65 1.42 -12.00 1.45
C SER B 65 1.48 -10.69 2.22
N LYS B 66 1.79 -9.61 1.50
CA LYS B 66 1.90 -8.29 2.12
C LYS B 66 0.56 -7.86 2.71
N VAL B 67 -0.48 -7.88 1.89
CA VAL B 67 -1.82 -7.50 2.32
C VAL B 67 -2.21 -8.23 3.60
N ASP B 68 -2.08 -9.57 3.59
CA ASP B 68 -2.41 -10.38 4.75
C ASP B 68 -1.61 -9.94 5.97
N GLU B 69 -0.30 -9.84 5.81
CA GLU B 69 0.58 -9.43 6.90
C GLU B 69 0.14 -8.09 7.48
N ALA B 70 -0.03 -7.10 6.60
CA ALA B 70 -0.45 -5.77 7.02
C ALA B 70 -1.71 -5.83 7.87
N VAL B 71 -2.78 -6.37 7.30
CA VAL B 71 -4.05 -6.49 8.01
C VAL B 71 -3.85 -7.14 9.38
N ALA B 72 -3.03 -8.18 9.42
CA ALA B 72 -2.76 -8.90 10.65
C ALA B 72 -2.13 -7.97 11.68
N VAL B 73 -1.20 -7.14 11.24
CA VAL B 73 -0.51 -6.21 12.13
C VAL B 73 -1.49 -5.19 12.71
N LEU B 74 -2.44 -4.75 11.89
CA LEU B 74 -3.43 -3.78 12.33
C LEU B 74 -4.08 -4.22 13.64
N GLN B 75 -4.20 -5.53 13.84
CA GLN B 75 -4.80 -6.08 15.05
C GLN B 75 -4.12 -5.51 16.29
N ALA B 76 -2.80 -5.33 16.21
CA ALA B 76 -2.04 -4.79 17.33
C ALA B 76 -2.56 -3.42 17.76
N HIS B 77 -3.10 -2.68 16.79
CA HIS B 77 -3.65 -1.36 17.08
C HIS B 77 -5.17 -1.39 17.15
N GLN B 78 -5.81 -1.53 15.99
CA GLN B 78 -7.26 -1.59 15.93
C GLN B 78 -7.72 -2.31 14.66
N ALA B 79 -8.77 -3.12 14.80
CA ALA B 79 -9.30 -3.88 13.68
C ALA B 79 -10.60 -3.25 13.17
N LYS B 80 -10.50 -2.01 12.68
CA LYS B 80 -11.67 -1.30 12.17
C LYS B 80 -12.79 -1.28 13.19
N GLU B 81 -12.43 -1.27 14.47
CA GLU B 81 -13.41 -1.26 15.55
C GLU B 81 -14.40 -2.41 15.39
N ALA B 82 -13.88 -3.62 15.27
CA ALA B 82 -14.71 -4.80 15.12
C ALA B 82 -14.51 -5.78 16.27
N ALA B 83 -13.25 -6.10 16.56
CA ALA B 83 -12.91 -7.02 17.63
C ALA B 83 -12.15 -6.31 18.75
N ALA A 1 12.34 -5.75 1.59
CA ALA A 1 11.06 -5.92 2.27
C ALA A 1 11.13 -7.06 3.29
N PHE A 2 10.36 -6.95 4.36
CA PHE A 2 10.34 -7.96 5.40
C PHE A 2 8.93 -8.51 5.60
N SER A 3 8.76 -9.79 5.33
CA SER A 3 7.46 -10.45 5.47
C SER A 3 7.06 -10.56 6.95
N ARG A 4 8.07 -10.58 7.82
CA ARG A 4 7.83 -10.68 9.25
C ARG A 4 6.93 -9.55 9.74
N GLN A 5 6.67 -9.54 11.04
CA GLN A 5 5.83 -8.51 11.64
C GLN A 5 6.30 -7.11 11.24
N LEU A 6 5.36 -6.22 10.98
CA LEU A 6 5.68 -4.85 10.58
C LEU A 6 5.06 -3.85 11.55
N ASN A 7 5.48 -2.59 11.43
CA ASN A 7 4.96 -1.54 12.29
C ASN A 7 3.73 -0.88 11.67
N VAL A 8 2.72 -0.62 12.49
CA VAL A 8 1.49 -0.01 12.03
C VAL A 8 1.53 1.51 12.21
N ASN A 9 2.50 1.97 12.99
CA ASN A 9 2.65 3.40 13.25
C ASN A 9 3.13 4.13 12.00
N ALA A 10 3.55 3.37 11.00
CA ALA A 10 4.03 3.94 9.73
C ALA A 10 2.94 4.77 9.07
N LYS A 11 3.22 6.05 8.88
CA LYS A 11 2.26 6.95 8.24
C LYS A 11 1.78 6.39 6.91
N PRO A 12 0.59 6.82 6.48
CA PRO A 12 -0.02 6.37 5.22
C PRO A 12 0.73 6.90 4.00
N PHE A 13 0.33 8.08 3.53
CA PHE A 13 0.95 8.69 2.36
C PHE A 13 0.44 10.11 2.16
N VAL A 14 0.76 10.69 1.01
CA VAL A 14 0.33 12.04 0.68
C VAL A 14 -0.72 12.03 -0.43
N PRO A 15 -1.97 11.79 -0.05
CA PRO A 15 -3.09 11.75 -1.00
C PRO A 15 -3.42 13.13 -1.57
N ASN A 16 -4.54 13.22 -2.30
CA ASN A 16 -4.96 14.47 -2.89
C ASN A 16 -6.31 14.92 -2.33
N VAL A 17 -6.59 14.51 -1.10
CA VAL A 17 -7.85 14.87 -0.45
C VAL A 17 -7.71 16.15 0.37
N HIS A 18 -6.72 16.15 1.27
CA HIS A 18 -6.47 17.31 2.11
C HIS A 18 -5.06 17.85 1.91
N ALA A 19 -4.65 17.97 0.65
CA ALA A 19 -3.33 18.47 0.32
C ALA A 19 -3.33 19.98 0.18
N GLY B 1 -8.77 -5.39 -14.48
CA GLY B 1 -8.72 -4.14 -15.19
C GLY B 1 -7.66 -4.14 -16.29
N GLN B 2 -7.47 -2.98 -16.92
CA GLN B 2 -6.48 -2.85 -17.99
C GLN B 2 -5.54 -1.69 -17.73
N GLU B 3 -4.43 -1.66 -18.46
CA GLU B 3 -3.44 -0.59 -18.30
C GLU B 3 -3.04 -0.44 -16.83
N PRO B 4 -2.32 -1.46 -16.32
CA PRO B 4 -1.86 -1.46 -14.93
C PRO B 4 -0.76 -0.44 -14.68
N LEU B 5 -0.39 -0.26 -13.41
CA LEU B 5 0.65 0.68 -13.05
C LEU B 5 2.02 0.18 -13.47
N THR B 6 2.89 1.11 -13.88
CA THR B 6 4.24 0.76 -14.31
C THR B 6 5.26 1.77 -13.81
N ALA B 7 6.54 1.43 -13.92
CA ALA B 7 7.60 2.32 -13.49
C ALA B 7 7.54 3.65 -14.21
N SER B 8 6.96 3.65 -15.41
CA SER B 8 6.83 4.86 -16.20
C SER B 8 6.21 5.99 -15.38
N MET B 9 5.16 5.66 -14.64
CA MET B 9 4.47 6.65 -13.81
C MET B 9 5.43 7.29 -12.81
N LEU B 10 6.16 6.45 -12.09
CA LEU B 10 7.12 6.93 -11.10
C LEU B 10 8.53 7.01 -11.69
N ALA B 11 8.60 7.27 -12.99
CA ALA B 11 9.88 7.37 -13.68
C ALA B 11 10.27 8.83 -13.90
N SER B 12 9.34 9.60 -14.45
CA SER B 12 9.59 11.01 -14.72
C SER B 12 8.86 11.90 -13.72
N ALA B 13 8.68 11.38 -12.51
CA ALA B 13 7.99 12.12 -11.45
C ALA B 13 8.90 12.31 -10.24
N PRO B 14 8.55 13.29 -9.39
CA PRO B 14 9.32 13.60 -8.18
C PRO B 14 9.20 12.51 -7.13
N PRO B 15 10.06 12.58 -6.10
CA PRO B 15 10.07 11.59 -5.00
C PRO B 15 8.84 11.73 -4.10
N GLN B 16 8.07 12.78 -4.33
CA GLN B 16 6.87 13.02 -3.53
C GLN B 16 5.63 12.44 -4.24
N GLU B 17 5.45 12.80 -5.50
CA GLU B 17 4.32 12.32 -6.28
C GLU B 17 4.29 10.79 -6.32
N GLN B 18 5.46 10.18 -6.11
CA GLN B 18 5.56 8.73 -6.12
C GLN B 18 4.54 8.10 -5.18
N LYS B 19 4.67 8.39 -3.90
CA LYS B 19 3.76 7.85 -2.89
C LYS B 19 2.32 8.24 -3.20
N GLN B 20 2.14 9.45 -3.75
CA GLN B 20 0.81 9.93 -4.09
C GLN B 20 0.17 9.05 -5.17
N MET B 21 0.74 9.08 -6.37
CA MET B 21 0.21 8.29 -7.47
C MET B 21 0.19 6.81 -7.11
N LEU B 22 1.36 6.27 -6.79
CA LEU B 22 1.47 4.85 -6.43
C LEU B 22 0.47 4.48 -5.34
N GLY B 23 0.58 5.15 -4.19
CA GLY B 23 -0.32 4.88 -3.09
C GLY B 23 -1.78 4.99 -3.50
N GLU B 24 -2.12 6.05 -4.24
CA GLU B 24 -3.49 6.25 -4.69
C GLU B 24 -3.98 5.07 -5.51
N ARG B 25 -3.13 4.58 -6.40
CA ARG B 25 -3.48 3.44 -7.25
C ARG B 25 -3.48 2.15 -6.44
N LEU B 26 -2.66 2.11 -5.39
CA LEU B 26 -2.56 0.93 -4.55
C LEU B 26 -3.76 0.82 -3.62
N PHE B 27 -4.37 1.96 -3.31
CA PHE B 27 -5.54 1.98 -2.43
C PHE B 27 -6.58 0.96 -2.88
N PRO B 28 -7.04 1.09 -4.14
CA PRO B 28 -8.04 0.19 -4.72
C PRO B 28 -7.49 -1.21 -4.96
N LEU B 29 -6.22 -1.28 -5.40
CA LEU B 29 -5.58 -2.56 -5.67
C LEU B 29 -5.68 -3.48 -4.46
N ILE B 30 -5.51 -2.91 -3.27
CA ILE B 30 -5.58 -3.68 -2.04
C ILE B 30 -7.02 -4.03 -1.69
N GLN B 31 -7.94 -3.14 -2.04
CA GLN B 31 -9.36 -3.36 -1.77
C GLN B 31 -9.86 -4.62 -2.44
N ALA B 32 -9.11 -5.08 -3.44
CA ALA B 32 -9.49 -6.30 -4.17
C ALA B 32 -9.54 -7.50 -3.24
N MET B 33 -8.73 -7.47 -2.19
CA MET B 33 -8.69 -8.56 -1.22
C MET B 33 -9.05 -8.07 0.18
N HIS B 34 -8.82 -6.77 0.42
CA HIS B 34 -9.12 -6.17 1.71
C HIS B 34 -9.68 -4.76 1.54
N PRO B 35 -10.93 -4.67 1.09
CA PRO B 35 -11.62 -3.39 0.88
C PRO B 35 -11.93 -2.67 2.19
N THR B 36 -11.68 -3.36 3.31
CA THR B 36 -11.93 -2.78 4.62
C THR B 36 -10.68 -2.13 5.19
N LEU B 37 -9.63 -2.91 5.36
CA LEU B 37 -8.37 -2.40 5.88
C LEU B 37 -7.46 -1.92 4.76
N ALA B 38 -8.03 -1.78 3.57
CA ALA B 38 -7.27 -1.32 2.41
C ALA B 38 -6.46 -0.07 2.74
N GLY B 39 -7.00 0.77 3.63
CA GLY B 39 -6.32 1.98 4.02
C GLY B 39 -5.00 1.71 4.71
N LYS B 40 -5.07 1.27 5.97
CA LYS B 40 -3.88 0.97 6.75
C LYS B 40 -2.90 0.12 5.95
N ILE B 41 -3.43 -0.85 5.22
CA ILE B 41 -2.61 -1.74 4.40
C ILE B 41 -1.75 -0.94 3.42
N THR B 42 -2.41 -0.18 2.55
CA THR B 42 -1.71 0.64 1.56
C THR B 42 -0.72 1.59 2.24
N GLY B 43 -1.06 2.02 3.45
CA GLY B 43 -0.19 2.93 4.17
C GLY B 43 1.16 2.32 4.50
N MET B 44 1.13 1.22 5.25
CA MET B 44 2.36 0.54 5.62
C MET B 44 3.07 -0.03 4.39
N LEU B 45 2.31 -0.63 3.49
CA LEU B 45 2.87 -1.20 2.27
C LEU B 45 3.56 -0.14 1.43
N LEU B 46 3.07 1.10 1.54
CA LEU B 46 3.65 2.21 0.79
C LEU B 46 4.86 2.79 1.52
N GLU B 47 4.95 2.50 2.81
CA GLU B 47 6.05 3.00 3.62
C GLU B 47 7.33 2.20 3.36
N ILE B 48 7.22 0.88 3.53
CA ILE B 48 8.37 0.00 3.30
C ILE B 48 9.27 0.53 2.20
N ASP B 49 8.71 0.66 0.99
CA ASP B 49 9.46 1.15 -0.14
C ASP B 49 8.62 1.09 -1.42
N ASN B 50 8.14 2.24 -1.87
CA ASN B 50 7.32 2.31 -3.07
C ASN B 50 8.00 1.60 -4.25
N SER B 51 9.30 1.86 -4.40
CA SER B 51 10.07 1.25 -5.48
C SER B 51 9.93 -0.27 -5.46
N GLU B 52 9.90 -0.83 -4.25
CA GLU B 52 9.77 -2.28 -4.10
C GLU B 52 8.39 -2.75 -4.57
N LEU B 53 7.38 -1.91 -4.37
CA LEU B 53 6.02 -2.24 -4.76
C LEU B 53 5.87 -2.19 -6.28
N LEU B 54 6.58 -1.27 -6.91
CA LEU B 54 6.52 -1.12 -8.36
C LEU B 54 7.01 -2.38 -9.06
N HIS B 55 7.72 -3.23 -8.31
CA HIS B 55 8.25 -4.47 -8.86
C HIS B 55 7.66 -5.67 -8.13
N MET B 56 7.05 -5.42 -6.97
CA MET B 56 6.45 -6.48 -6.17
C MET B 56 5.00 -6.70 -6.56
N LEU B 57 4.42 -5.72 -7.24
CA LEU B 57 3.02 -5.80 -7.68
C LEU B 57 2.87 -6.84 -8.79
N GLU B 58 3.99 -7.35 -9.27
CA GLU B 58 3.98 -8.35 -10.34
C GLU B 58 3.91 -9.76 -9.77
N SER B 59 4.19 -9.88 -8.47
CA SER B 59 4.16 -11.17 -7.80
C SER B 59 2.84 -11.38 -7.07
N PRO B 60 2.13 -12.45 -7.42
CA PRO B 60 0.84 -12.79 -6.81
C PRO B 60 0.99 -13.25 -5.36
N GLU B 61 2.01 -14.06 -5.10
CA GLU B 61 2.26 -14.56 -3.76
C GLU B 61 2.77 -13.46 -2.85
N SER B 62 3.27 -12.38 -3.45
CA SER B 62 3.81 -11.26 -2.69
C SER B 62 2.70 -10.29 -2.31
N LEU B 63 1.90 -9.88 -3.29
CA LEU B 63 0.79 -8.97 -3.04
C LEU B 63 -0.09 -9.45 -1.90
N ARG B 64 -0.70 -10.61 -2.08
CA ARG B 64 -1.58 -11.19 -1.06
C ARG B 64 -0.83 -11.33 0.26
N SER B 65 0.45 -11.69 0.19
CA SER B 65 1.26 -11.86 1.38
C SER B 65 1.35 -10.57 2.17
N LYS B 66 1.73 -9.49 1.49
CA LYS B 66 1.85 -8.19 2.12
C LYS B 66 0.54 -7.76 2.77
N VAL B 67 -0.53 -7.75 1.98
CA VAL B 67 -1.85 -7.38 2.48
C VAL B 67 -2.21 -8.17 3.73
N ASP B 68 -1.96 -9.47 3.68
CA ASP B 68 -2.26 -10.34 4.82
C ASP B 68 -1.50 -9.89 6.06
N GLU B 69 -0.18 -9.82 5.96
CA GLU B 69 0.67 -9.41 7.07
C GLU B 69 0.19 -8.08 7.65
N ALA B 70 0.01 -7.10 6.78
CA ALA B 70 -0.44 -5.78 7.20
C ALA B 70 -1.70 -5.87 8.05
N VAL B 71 -2.76 -6.43 7.47
CA VAL B 71 -4.02 -6.59 8.18
C VAL B 71 -3.81 -7.24 9.54
N ALA B 72 -2.97 -8.26 9.57
CA ALA B 72 -2.68 -8.98 10.81
C ALA B 72 -2.09 -8.04 11.86
N VAL B 73 -1.20 -7.15 11.42
CA VAL B 73 -0.56 -6.20 12.32
C VAL B 73 -1.58 -5.22 12.90
N LEU B 74 -2.52 -4.78 12.06
CA LEU B 74 -3.55 -3.84 12.49
C LEU B 74 -4.25 -4.35 13.75
N GLN B 75 -4.32 -5.67 13.89
CA GLN B 75 -4.96 -6.29 15.05
C GLN B 75 -4.42 -5.69 16.35
N ALA B 76 -3.16 -5.27 16.33
CA ALA B 76 -2.53 -4.68 17.50
C ALA B 76 -3.12 -3.31 17.82
N HIS B 77 -3.34 -2.51 16.78
CA HIS B 77 -3.90 -1.18 16.95
C HIS B 77 -5.42 -1.21 16.88
N GLN B 78 -5.96 -1.38 15.68
CA GLN B 78 -7.40 -1.43 15.48
C GLN B 78 -7.77 -2.53 14.50
N ALA B 79 -8.78 -3.33 14.86
CA ALA B 79 -9.23 -4.43 14.02
C ALA B 79 -10.55 -4.06 13.32
N LYS B 80 -10.44 -3.23 12.29
CA LYS B 80 -11.63 -2.80 11.54
C LYS B 80 -12.61 -2.05 12.44
N GLU B 81 -12.07 -1.34 13.42
CA GLU B 81 -12.90 -0.58 14.35
C GLU B 81 -13.67 0.51 13.62
N ALA B 82 -13.10 1.00 12.53
CA ALA B 82 -13.73 2.05 11.74
C ALA B 82 -14.43 1.46 10.52
N ALA B 83 -15.75 1.47 10.53
CA ALA B 83 -16.54 0.95 9.42
C ALA B 83 -17.98 1.43 9.49
N ALA A 1 12.35 -6.04 1.60
CA ALA A 1 11.00 -6.19 2.15
C ALA A 1 10.96 -7.28 3.21
N PHE A 2 10.27 -6.98 4.31
CA PHE A 2 10.16 -7.93 5.42
C PHE A 2 8.71 -8.38 5.60
N SER A 3 8.46 -9.67 5.41
CA SER A 3 7.12 -10.21 5.55
C SER A 3 6.91 -10.77 6.95
N ARG A 4 8.00 -10.93 7.69
CA ARG A 4 7.93 -11.46 9.05
C ARG A 4 6.91 -10.69 9.88
N GLN A 5 7.14 -9.39 10.04
CA GLN A 5 6.25 -8.54 10.82
C GLN A 5 6.57 -7.06 10.61
N LEU A 6 5.55 -6.22 10.61
CA LEU A 6 5.73 -4.79 10.42
C LEU A 6 5.07 -4.00 11.56
N ASN A 7 5.09 -2.68 11.44
CA ASN A 7 4.49 -1.81 12.45
C ASN A 7 3.22 -1.15 11.92
N VAL A 8 2.20 -1.08 12.76
CA VAL A 8 0.94 -0.46 12.37
C VAL A 8 0.98 1.05 12.58
N ASN A 9 1.94 1.51 13.37
CA ASN A 9 2.09 2.93 13.66
C ASN A 9 2.56 3.68 12.42
N ALA A 10 3.13 2.95 11.47
CA ALA A 10 3.63 3.54 10.24
C ALA A 10 2.57 4.42 9.58
N LYS A 11 2.91 5.68 9.34
CA LYS A 11 1.99 6.63 8.72
C LYS A 11 1.41 6.05 7.43
N PRO A 12 0.28 6.61 6.99
CA PRO A 12 -0.39 6.17 5.76
C PRO A 12 0.40 6.52 4.51
N PHE A 13 0.14 7.71 3.96
CA PHE A 13 0.82 8.16 2.76
C PHE A 13 0.50 9.63 2.47
N VAL A 14 0.87 10.08 1.27
CA VAL A 14 0.62 11.45 0.87
C VAL A 14 -0.45 11.52 -0.21
N PRO A 15 -1.72 11.51 0.21
CA PRO A 15 -2.88 11.57 -0.70
C PRO A 15 -3.01 12.94 -1.37
N ASN A 16 -4.00 13.06 -2.24
CA ASN A 16 -4.24 14.31 -2.95
C ASN A 16 -5.33 15.12 -2.26
N VAL A 17 -5.00 15.70 -1.11
CA VAL A 17 -5.96 16.50 -0.35
C VAL A 17 -5.24 17.60 0.44
N HIS A 18 -5.79 18.81 0.39
CA HIS A 18 -5.22 19.94 1.10
C HIS A 18 -4.99 19.59 2.57
N ALA A 19 -5.96 18.93 3.18
CA ALA A 19 -5.87 18.55 4.58
C ALA A 19 -5.70 17.03 4.72
N GLY B 1 -8.74 1.87 -17.26
CA GLY B 1 -8.72 2.01 -18.71
C GLY B 1 -7.45 1.46 -19.33
N GLN B 2 -7.28 0.13 -19.26
CA GLN B 2 -6.10 -0.51 -19.82
C GLN B 2 -4.85 0.33 -19.55
N GLU B 3 -4.75 0.87 -18.35
CA GLU B 3 -3.60 1.69 -17.97
C GLU B 3 -3.13 1.36 -16.57
N PRO B 4 -2.49 0.19 -16.42
CA PRO B 4 -1.98 -0.28 -15.12
C PRO B 4 -0.78 0.55 -14.64
N LEU B 5 -0.57 0.55 -13.33
CA LEU B 5 0.54 1.29 -12.74
C LEU B 5 1.85 0.53 -12.90
N THR B 6 2.92 1.26 -13.23
CA THR B 6 4.23 0.64 -13.41
C THR B 6 5.34 1.59 -12.93
N ALA B 7 6.59 1.12 -13.04
CA ALA B 7 7.73 1.92 -12.63
C ALA B 7 7.87 3.16 -13.49
N SER B 8 7.40 3.07 -14.74
CA SER B 8 7.48 4.19 -15.66
C SER B 8 6.62 5.35 -15.19
N MET B 9 5.57 5.04 -14.45
CA MET B 9 4.67 6.05 -13.93
C MET B 9 5.40 7.03 -13.01
N LEU B 10 6.17 6.48 -12.07
CA LEU B 10 6.93 7.29 -11.13
C LEU B 10 8.28 7.67 -11.72
N ALA B 11 8.74 6.90 -12.69
CA ALA B 11 10.02 7.15 -13.33
C ALA B 11 10.12 8.60 -13.80
N SER B 12 9.12 9.05 -14.54
CA SER B 12 9.09 10.41 -15.05
C SER B 12 8.33 11.34 -14.11
N ALA B 13 8.57 11.16 -12.81
CA ALA B 13 7.90 11.98 -11.79
C ALA B 13 8.81 12.23 -10.60
N PRO B 14 8.49 13.26 -9.81
CA PRO B 14 9.27 13.62 -8.63
C PRO B 14 9.13 12.59 -7.50
N PRO B 15 9.98 12.71 -6.48
CA PRO B 15 9.97 11.81 -5.32
C PRO B 15 8.73 12.00 -4.45
N GLN B 16 7.96 13.03 -4.75
CA GLN B 16 6.74 13.32 -3.99
C GLN B 16 5.52 12.71 -4.66
N GLU B 17 5.39 12.91 -5.97
CA GLU B 17 4.27 12.38 -6.72
C GLU B 17 4.26 10.85 -6.67
N GLN B 18 5.43 10.27 -6.43
CA GLN B 18 5.55 8.80 -6.36
C GLN B 18 4.55 8.22 -5.36
N LYS B 19 4.80 8.42 -4.08
CA LYS B 19 3.92 7.93 -3.04
C LYS B 19 2.48 8.33 -3.30
N GLN B 20 2.29 9.50 -3.90
CA GLN B 20 0.95 10.00 -4.22
C GLN B 20 0.27 9.09 -5.23
N MET B 21 0.72 9.14 -6.48
CA MET B 21 0.14 8.31 -7.54
C MET B 21 0.13 6.84 -7.14
N LEU B 22 1.30 6.31 -6.79
CA LEU B 22 1.43 4.92 -6.39
C LEU B 22 0.41 4.56 -5.31
N GLY B 23 0.50 5.26 -4.18
CA GLY B 23 -0.42 5.01 -3.08
C GLY B 23 -1.87 5.09 -3.50
N GLU B 24 -2.20 6.13 -4.27
CA GLU B 24 -3.56 6.33 -4.75
C GLU B 24 -4.05 5.12 -5.53
N ARG B 25 -3.22 4.64 -6.46
CA ARG B 25 -3.56 3.50 -7.27
C ARG B 25 -3.53 2.21 -6.45
N LEU B 26 -2.73 2.22 -5.39
CA LEU B 26 -2.61 1.05 -4.51
C LEU B 26 -3.82 0.92 -3.61
N PHE B 27 -4.46 2.06 -3.33
CA PHE B 27 -5.64 2.08 -2.46
C PHE B 27 -6.65 1.02 -2.90
N PRO B 28 -7.09 1.13 -4.17
CA PRO B 28 -8.07 0.20 -4.75
C PRO B 28 -7.48 -1.19 -4.96
N LEU B 29 -6.22 -1.24 -5.37
CA LEU B 29 -5.54 -2.51 -5.62
C LEU B 29 -5.67 -3.44 -4.41
N ILE B 30 -5.50 -2.87 -3.22
CA ILE B 30 -5.60 -3.64 -1.99
C ILE B 30 -7.05 -3.96 -1.65
N GLN B 31 -7.94 -3.03 -1.99
CA GLN B 31 -9.37 -3.21 -1.72
C GLN B 31 -9.89 -4.48 -2.39
N ALA B 32 -9.16 -4.96 -3.40
CA ALA B 32 -9.55 -6.16 -4.11
C ALA B 32 -9.75 -7.33 -3.16
N MET B 33 -9.07 -7.28 -2.02
CA MET B 33 -9.17 -8.34 -1.02
C MET B 33 -9.55 -7.76 0.35
N HIS B 34 -8.93 -6.63 0.69
CA HIS B 34 -9.19 -5.98 1.97
C HIS B 34 -9.68 -4.55 1.76
N PRO B 35 -10.94 -4.42 1.34
CA PRO B 35 -11.55 -3.10 1.09
C PRO B 35 -11.80 -2.33 2.38
N THR B 36 -11.58 -2.98 3.51
CA THR B 36 -11.77 -2.36 4.82
C THR B 36 -10.47 -1.79 5.35
N LEU B 37 -9.44 -2.63 5.42
CA LEU B 37 -8.13 -2.20 5.90
C LEU B 37 -7.26 -1.68 4.77
N ALA B 38 -7.88 -1.46 3.62
CA ALA B 38 -7.15 -0.96 2.45
C ALA B 38 -6.35 0.28 2.80
N GLY B 39 -6.87 1.08 3.71
CA GLY B 39 -6.18 2.30 4.13
C GLY B 39 -4.88 2.01 4.83
N LYS B 40 -4.96 1.28 5.94
CA LYS B 40 -3.77 0.94 6.71
C LYS B 40 -2.80 0.10 5.89
N ILE B 41 -3.35 -0.83 5.10
CA ILE B 41 -2.54 -1.70 4.26
C ILE B 41 -1.69 -0.88 3.29
N THR B 42 -2.36 -0.13 2.41
CA THR B 42 -1.66 0.69 1.44
C THR B 42 -0.71 1.67 2.12
N GLY B 43 -1.10 2.15 3.29
CA GLY B 43 -0.27 3.08 4.02
C GLY B 43 1.09 2.52 4.36
N MET B 44 1.11 1.41 5.10
CA MET B 44 2.35 0.77 5.50
C MET B 44 3.09 0.22 4.27
N LEU B 45 2.35 -0.45 3.40
CA LEU B 45 2.93 -1.02 2.19
C LEU B 45 3.59 0.05 1.35
N LEU B 46 3.08 1.27 1.43
CA LEU B 46 3.63 2.39 0.68
C LEU B 46 4.82 3.00 1.40
N GLU B 47 4.93 2.74 2.69
CA GLU B 47 6.03 3.26 3.50
C GLU B 47 7.31 2.47 3.26
N ILE B 48 7.22 1.16 3.44
CA ILE B 48 8.38 0.29 3.24
C ILE B 48 9.27 0.80 2.12
N ASP B 49 8.71 0.88 0.92
CA ASP B 49 9.46 1.36 -0.24
C ASP B 49 8.62 1.22 -1.51
N ASN B 50 8.14 2.35 -2.02
CA ASN B 50 7.32 2.34 -3.23
C ASN B 50 8.03 1.62 -4.36
N SER B 51 9.34 1.84 -4.47
CA SER B 51 10.14 1.21 -5.52
C SER B 51 9.98 -0.32 -5.47
N GLU B 52 9.93 -0.86 -4.26
CA GLU B 52 9.78 -2.31 -4.08
C GLU B 52 8.40 -2.77 -4.54
N LEU B 53 7.41 -1.92 -4.35
CA LEU B 53 6.04 -2.24 -4.74
C LEU B 53 5.89 -2.23 -6.26
N LEU B 54 6.60 -1.31 -6.91
CA LEU B 54 6.55 -1.20 -8.37
C LEU B 54 7.08 -2.46 -9.03
N HIS B 55 7.79 -3.27 -8.26
CA HIS B 55 8.34 -4.52 -8.77
C HIS B 55 7.77 -5.72 -8.03
N MET B 56 7.09 -5.45 -6.92
CA MET B 56 6.50 -6.52 -6.12
C MET B 56 5.09 -6.84 -6.60
N LEU B 57 4.46 -5.88 -7.27
CA LEU B 57 3.11 -6.07 -7.80
C LEU B 57 3.10 -7.06 -8.95
N GLU B 58 4.29 -7.49 -9.37
CA GLU B 58 4.43 -8.44 -10.46
C GLU B 58 4.40 -9.88 -9.93
N SER B 59 4.09 -10.02 -8.66
CA SER B 59 4.03 -11.34 -8.04
C SER B 59 2.77 -11.49 -7.19
N PRO B 60 2.03 -12.58 -7.42
CA PRO B 60 0.78 -12.86 -6.70
C PRO B 60 1.03 -13.24 -5.24
N GLU B 61 1.97 -14.15 -5.02
CA GLU B 61 2.32 -14.59 -3.68
C GLU B 61 2.90 -13.44 -2.86
N SER B 62 3.35 -12.41 -3.55
CA SER B 62 3.94 -11.24 -2.88
C SER B 62 2.86 -10.26 -2.46
N LEU B 63 2.02 -9.85 -3.41
CA LEU B 63 0.95 -8.91 -3.15
C LEU B 63 0.09 -9.38 -1.97
N ARG B 64 -0.48 -10.59 -2.10
CA ARG B 64 -1.31 -11.14 -1.04
C ARG B 64 -0.54 -11.25 0.27
N SER B 65 0.72 -11.66 0.17
CA SER B 65 1.57 -11.80 1.35
C SER B 65 1.61 -10.50 2.16
N LYS B 66 1.95 -9.41 1.48
CA LYS B 66 2.03 -8.11 2.12
C LYS B 66 0.69 -7.71 2.72
N VAL B 67 -0.35 -7.73 1.89
CA VAL B 67 -1.69 -7.38 2.35
C VAL B 67 -2.07 -8.16 3.61
N ASP B 68 -1.92 -9.47 3.55
CA ASP B 68 -2.25 -10.33 4.68
C ASP B 68 -1.45 -9.91 5.93
N GLU B 69 -0.14 -9.78 5.76
CA GLU B 69 0.73 -9.39 6.87
C GLU B 69 0.27 -8.07 7.49
N ALA B 70 0.09 -7.07 6.64
CA ALA B 70 -0.36 -5.76 7.10
C ALA B 70 -1.62 -5.87 7.96
N VAL B 71 -2.68 -6.40 7.36
CA VAL B 71 -3.94 -6.57 8.08
C VAL B 71 -3.73 -7.27 9.42
N ALA B 72 -2.90 -8.30 9.43
CA ALA B 72 -2.61 -9.05 10.64
C ALA B 72 -2.02 -8.13 11.72
N VAL B 73 -1.12 -7.25 11.31
CA VAL B 73 -0.47 -6.33 12.24
C VAL B 73 -1.49 -5.37 12.84
N LEU B 74 -2.42 -4.90 12.01
CA LEU B 74 -3.45 -3.98 12.47
C LEU B 74 -4.15 -4.52 13.72
N GLN B 75 -4.32 -5.83 13.77
CA GLN B 75 -4.98 -6.46 14.91
C GLN B 75 -4.31 -6.06 16.22
N ALA B 76 -2.99 -5.88 16.17
CA ALA B 76 -2.23 -5.48 17.35
C ALA B 76 -2.77 -4.19 17.94
N HIS B 77 -3.42 -3.39 17.11
CA HIS B 77 -3.98 -2.12 17.55
C HIS B 77 -5.51 -2.16 17.54
N GLN B 78 -6.08 -2.31 16.35
CA GLN B 78 -7.53 -2.37 16.21
C GLN B 78 -7.92 -3.20 14.98
N ALA B 79 -8.99 -3.97 15.12
CA ALA B 79 -9.48 -4.80 14.03
C ALA B 79 -10.13 -3.96 12.94
N LYS B 80 -11.30 -3.42 13.24
CA LYS B 80 -12.04 -2.59 12.29
C LYS B 80 -12.63 -1.36 12.98
N GLU B 81 -12.00 -0.95 14.07
CA GLU B 81 -12.47 0.21 14.83
C GLU B 81 -13.91 0.01 15.30
N ALA B 82 -14.20 -1.19 15.80
CA ALA B 82 -15.53 -1.51 16.29
C ALA B 82 -15.55 -1.61 17.82
N ALA B 83 -16.14 -0.60 18.45
CA ALA B 83 -16.22 -0.57 19.91
C ALA B 83 -17.64 -0.86 20.38
#